data_7Q9B
#
_entry.id   7Q9B
#
_cell.length_a   99.972
_cell.length_b   53.645
_cell.length_c   203.507
_cell.angle_alpha   90.000
_cell.angle_beta   94.333
_cell.angle_gamma   90.000
#
_symmetry.space_group_name_H-M   'P 1 21 1'
#
loop_
_entity.id
_entity.type
_entity.pdbx_description
1 polymer 'MHC class I antigen'
2 polymer Beta-2-microglobulin
3 polymer GLU-ALA-ALA-GLY-ILE-GLY-ILE-LEU-THR-VAL
4 polymer 'Human T Cell Receptor Mel8, Alpha Chain'
5 polymer 'Human T Cell Receptor Mel8, Beta Chain'
6 non-polymer 1,2-ETHANEDIOL
7 water water
#
loop_
_entity_poly.entity_id
_entity_poly.type
_entity_poly.pdbx_seq_one_letter_code
_entity_poly.pdbx_strand_id
1 'polypeptide(L)'
;GSHSMRYFFTSVSRPGRGEPRFIAVGYVDDTQFVRFDSDAASQRMEPRAPWIEQEGPEYWDGETRKVKAHSQTHRVDLGT
LRGYYNQSEAGSHTVQRMYGCDVGSDWRFLRGYHQYAYDGKDYIALKEDLRSWTAADMAAQTTKHKWEAAHVAEQLRAYL
EGTCVEWLRRYLENGKETLQRTDAPKTHMTHHAVSDHEATLRCWALSFYPAEITLTWQRDGEDQTQDTELVETRPAGDGT
FQKWAAVVVPSGQEQRYTCHVQHEGLPKPLTLRWE
;
AAA,FFF
2 'polypeptide(L)'
;MIQRTPKIQVYSRHPAENGKSNFLNCYVSGFHPSDIEVDLLKNGERIEKVEHSDLSFSKDWSFYLLYYTEFTPTEKDEYA
CRVNHVTLSQPKIVKWDRDM
;
BBB,GGG
3 'polypeptide(L)' EAAGIGILTV CCC,HHH
4 'polypeptide(L)'
;QKEVEQNSGPLSVPEGAIASLNCTYSDRGSQSFFWYRQYSGKSPELIMSIYSNGDKEDGRFTAQLNKASQYVSLLIRDSQ
PSDSATYLCAVQKLVFGTGTRLLVSPNIQNPDPAVYQLRDSKSSDKSVCLFTDFDSQTNVSQSKDSDVYITDKCVLDMRS
MDFKSNSAVAWSNKSDFACANAFNNSIIPEDTF
;
DDD,III
5 'polypeptide(L)'
;NAGVTQTPKFQVLKTGQSMTLQCAQDMNHEYMSWYRQDPGMGLRLIHYSVGAGITDQGEVPNGYNVSRSTTEDFPLRLLS
AAPSQTSVYFCASSYSFTEATYEQYFGPGTRLTVTEDLKNVFPPEVAVFEPSEAEISHTQKATLVCLATGFYPDHVELSW
WVNGKEVHSGVCTDPQPLKEQPALNDSRYALSSRLRVSATFWQDPRNHFRCQVQFYGLSENDEWTQDRAKPVTQIVSAEA
WGRAD
;
EEE,JJJ
#
# COMPACT_ATOMS: atom_id res chain seq x y z
N GLY A 1 -3.39 -43.43 -19.62
CA GLY A 1 -2.22 -43.17 -18.71
C GLY A 1 -2.10 -41.70 -18.32
N SER A 2 -1.36 -41.43 -17.21
CA SER A 2 -1.11 -40.10 -16.59
C SER A 2 0.00 -39.37 -17.36
N HIS A 3 0.30 -38.14 -16.94
CA HIS A 3 1.34 -37.28 -17.57
C HIS A 3 1.81 -36.20 -16.58
N SER A 4 3.03 -35.67 -16.78
CA SER A 4 3.62 -34.53 -16.05
C SER A 4 4.37 -33.62 -17.04
N MET A 5 4.42 -32.32 -16.74
CA MET A 5 5.40 -31.38 -17.31
C MET A 5 6.25 -30.87 -16.17
N ARG A 6 7.59 -30.81 -16.35
CA ARG A 6 8.58 -30.41 -15.32
C ARG A 6 9.73 -29.65 -15.97
N TYR A 7 10.17 -28.57 -15.34
CA TYR A 7 11.37 -27.80 -15.74
C TYR A 7 12.43 -27.98 -14.64
N PHE A 8 13.64 -28.43 -15.03
CA PHE A 8 14.84 -28.59 -14.15
C PHE A 8 15.87 -27.53 -14.53
N PHE A 9 16.35 -26.79 -13.53
CA PHE A 9 17.36 -25.71 -13.69
C PHE A 9 18.54 -25.98 -12.77
N THR A 10 19.78 -25.78 -13.26
CA THR A 10 21.02 -26.10 -12.52
C THR A 10 22.05 -24.98 -12.71
N SER A 11 22.47 -24.37 -11.60
CA SER A 11 23.49 -23.28 -11.53
C SER A 11 24.66 -23.75 -10.64
N VAL A 12 25.84 -23.92 -11.24
CA VAL A 12 27.10 -24.31 -10.54
C VAL A 12 28.09 -23.16 -10.72
N SER A 13 28.64 -22.67 -9.59
CA SER A 13 29.56 -21.50 -9.50
C SER A 13 30.95 -21.96 -9.83
N ARG A 14 31.65 -21.20 -10.66
CA ARG A 14 33.06 -21.42 -11.01
C ARG A 14 33.85 -20.29 -10.40
N PRO A 15 34.50 -20.52 -9.22
CA PRO A 15 35.31 -19.51 -8.55
C PRO A 15 36.21 -18.72 -9.49
N GLY A 16 36.30 -17.40 -9.27
CA GLY A 16 37.16 -16.46 -10.01
C GLY A 16 36.47 -15.86 -11.22
N ARG A 17 35.25 -16.33 -11.53
CA ARG A 17 34.45 -15.90 -12.70
C ARG A 17 33.01 -15.68 -12.25
N GLY A 18 32.59 -14.40 -12.11
CA GLY A 18 31.25 -13.97 -11.64
C GLY A 18 30.10 -14.41 -12.56
N GLU A 19 30.36 -15.41 -13.42
CA GLU A 19 29.34 -16.03 -14.31
C GLU A 19 29.35 -17.53 -14.11
N PRO A 20 28.33 -18.09 -13.39
CA PRO A 20 28.20 -19.53 -13.24
C PRO A 20 27.74 -20.22 -14.52
N ARG A 21 27.83 -21.54 -14.51
CA ARG A 21 27.29 -22.43 -15.56
C ARG A 21 25.84 -22.67 -15.25
N PHE A 22 24.97 -22.41 -16.22
CA PHE A 22 23.51 -22.58 -16.11
C PHE A 22 23.06 -23.59 -17.14
N ILE A 23 22.26 -24.58 -16.72
CA ILE A 23 21.68 -25.64 -17.61
C ILE A 23 20.23 -25.91 -17.18
N ALA A 24 19.28 -25.45 -17.99
CA ALA A 24 17.83 -25.67 -17.83
C ALA A 24 17.33 -26.65 -18.93
N VAL A 25 16.44 -27.59 -18.55
CA VAL A 25 15.85 -28.62 -19.46
C VAL A 25 14.41 -28.91 -19.08
N GLY A 26 13.55 -28.98 -20.10
CA GLY A 26 12.10 -29.21 -19.97
C GLY A 26 11.74 -30.62 -20.40
N TYR A 27 11.15 -31.38 -19.47
CA TYR A 27 10.57 -32.72 -19.71
C TYR A 27 9.04 -32.60 -19.77
N VAL A 28 8.41 -33.30 -20.72
CA VAL A 28 7.01 -33.76 -20.64
C VAL A 28 7.06 -35.26 -20.47
N ASP A 29 6.62 -35.76 -19.32
CA ASP A 29 6.87 -37.15 -18.88
C ASP A 29 8.37 -37.46 -18.98
N ASP A 30 8.77 -38.61 -19.53
CA ASP A 30 10.19 -39.04 -19.66
C ASP A 30 10.76 -38.56 -21.00
N THR A 31 10.22 -37.47 -21.59
CA THR A 31 10.64 -36.93 -22.91
C THR A 31 11.14 -35.50 -22.74
N GLN A 32 12.41 -35.26 -23.03
CA GLN A 32 13.02 -33.91 -23.06
C GLN A 32 12.40 -33.18 -24.24
N PHE A 33 12.25 -31.85 -24.17
CA PHE A 33 11.69 -31.04 -25.30
C PHE A 33 12.41 -29.69 -25.46
N VAL A 34 12.90 -29.08 -24.38
CA VAL A 34 13.72 -27.83 -24.49
C VAL A 34 14.92 -27.90 -23.57
N ARG A 35 15.89 -27.02 -23.83
CA ARG A 35 17.16 -26.96 -23.10
C ARG A 35 17.75 -25.55 -23.27
N PHE A 36 18.50 -25.09 -22.28
CA PHE A 36 19.30 -23.84 -22.36
C PHE A 36 20.65 -24.14 -21.73
N ASP A 37 21.73 -23.63 -22.29
CA ASP A 37 23.09 -23.85 -21.76
C ASP A 37 23.88 -22.55 -21.82
N SER A 38 24.36 -22.08 -20.66
CA SER A 38 25.03 -20.77 -20.54
C SER A 38 26.25 -20.77 -21.46
N ASP A 39 26.79 -21.96 -21.74
CA ASP A 39 28.04 -22.15 -22.54
C ASP A 39 27.71 -22.13 -24.05
N ALA A 40 26.61 -22.75 -24.48
CA ALA A 40 26.25 -22.95 -25.91
C ALA A 40 26.25 -21.59 -26.65
N ALA A 41 26.57 -21.61 -27.96
CA ALA A 41 26.83 -20.43 -28.84
C ALA A 41 25.59 -19.52 -28.93
N SER A 42 24.39 -20.11 -28.97
CA SER A 42 23.08 -19.46 -29.34
C SER A 42 22.59 -18.52 -28.25
N GLN A 43 22.56 -18.95 -26.99
CA GLN A 43 21.98 -18.16 -25.87
C GLN A 43 20.48 -17.96 -26.14
N ARG A 44 19.83 -19.00 -26.67
CA ARG A 44 18.36 -19.09 -26.90
C ARG A 44 17.90 -20.46 -26.41
N MET A 45 16.65 -20.56 -26.00
CA MET A 45 16.05 -21.87 -25.68
C MET A 45 16.05 -22.66 -26.98
N GLU A 46 16.54 -23.90 -26.92
CA GLU A 46 16.68 -24.79 -28.09
C GLU A 46 15.65 -25.91 -27.95
N PRO A 47 14.96 -26.30 -29.04
CA PRO A 47 14.04 -27.43 -29.01
C PRO A 47 14.79 -28.76 -29.07
N ARG A 48 14.14 -29.84 -28.61
CA ARG A 48 14.72 -31.21 -28.60
C ARG A 48 13.74 -32.23 -29.17
N ALA A 49 12.47 -32.15 -28.78
CA ALA A 49 11.36 -32.91 -29.39
C ALA A 49 10.97 -32.26 -30.72
N PRO A 50 10.29 -33.00 -31.64
CA PRO A 50 9.79 -32.42 -32.88
C PRO A 50 8.66 -31.40 -32.62
N TRP A 51 7.60 -31.85 -31.96
CA TRP A 51 6.31 -31.13 -31.79
C TRP A 51 6.51 -29.70 -31.21
N ILE A 52 7.49 -29.47 -30.38
CA ILE A 52 7.71 -28.11 -29.80
C ILE A 52 8.39 -27.21 -30.85
N GLU A 53 8.73 -27.70 -32.05
CA GLU A 53 9.39 -26.87 -33.10
C GLU A 53 8.33 -26.03 -33.81
N GLN A 54 7.05 -26.39 -33.67
CA GLN A 54 5.93 -25.71 -34.39
C GLN A 54 5.44 -24.51 -33.56
N GLU A 55 6.19 -24.09 -32.53
CA GLU A 55 5.93 -22.81 -31.84
C GLU A 55 6.68 -21.73 -32.61
N GLY A 56 6.21 -20.49 -32.55
CA GLY A 56 6.70 -19.36 -33.36
C GLY A 56 7.55 -18.39 -32.56
N PRO A 57 8.15 -17.37 -33.22
CA PRO A 57 9.01 -16.41 -32.55
C PRO A 57 8.51 -15.96 -31.16
N GLU A 58 7.21 -15.71 -31.01
CA GLU A 58 6.60 -15.33 -29.71
C GLU A 58 7.12 -16.29 -28.64
N TYR A 59 7.01 -17.59 -28.87
CA TYR A 59 7.24 -18.65 -27.86
C TYR A 59 8.69 -18.63 -27.42
N TRP A 60 9.60 -18.55 -28.39
CA TRP A 60 11.06 -18.74 -28.16
C TRP A 60 11.62 -17.49 -27.50
N ASP A 61 11.33 -16.31 -28.05
CA ASP A 61 11.79 -15.02 -27.48
C ASP A 61 11.41 -15.01 -25.99
N GLY A 62 10.18 -15.42 -25.67
CA GLY A 62 9.64 -15.46 -24.30
C GLY A 62 10.32 -16.49 -23.44
N GLU A 63 10.43 -17.72 -23.92
CA GLU A 63 11.06 -18.83 -23.17
C GLU A 63 12.56 -18.55 -22.96
N THR A 64 13.18 -17.83 -23.89
CA THR A 64 14.61 -17.40 -23.83
C THR A 64 14.79 -16.37 -22.71
N ARG A 65 13.97 -15.32 -22.72
CA ARG A 65 13.94 -14.26 -21.66
C ARG A 65 13.74 -14.88 -20.28
N LYS A 66 12.69 -15.69 -20.12
CA LYS A 66 12.31 -16.32 -18.82
C LYS A 66 13.51 -17.09 -18.26
N VAL A 67 14.11 -17.93 -19.08
CA VAL A 67 15.17 -18.89 -18.66
C VAL A 67 16.51 -18.14 -18.48
N LYS A 68 16.85 -17.17 -19.35
CA LYS A 68 17.98 -16.22 -19.09
C LYS A 68 17.83 -15.65 -17.66
N ALA A 69 16.62 -15.20 -17.31
CA ALA A 69 16.29 -14.61 -16.00
C ALA A 69 16.49 -15.63 -14.87
N HIS A 70 15.91 -16.83 -15.01
CA HIS A 70 16.13 -17.99 -14.11
C HIS A 70 17.63 -18.12 -13.79
N SER A 71 18.48 -17.93 -14.80
CA SER A 71 19.97 -18.02 -14.67
C SER A 71 20.44 -16.84 -13.82
N GLN A 72 20.12 -15.60 -14.23
CA GLN A 72 20.48 -14.35 -13.50
C GLN A 72 19.93 -14.40 -12.06
N THR A 73 18.76 -15.02 -11.86
CA THR A 73 18.15 -15.23 -10.53
C THR A 73 19.06 -16.11 -9.68
N HIS A 74 19.60 -17.17 -10.29
CA HIS A 74 20.55 -18.12 -9.64
C HIS A 74 21.92 -17.45 -9.40
N ARG A 75 22.45 -16.73 -10.40
CA ARG A 75 23.68 -15.91 -10.30
C ARG A 75 23.69 -15.24 -8.92
N VAL A 76 22.64 -14.46 -8.63
CA VAL A 76 22.46 -13.70 -7.36
C VAL A 76 22.44 -14.67 -6.19
N ASP A 77 21.56 -15.67 -6.26
CA ASP A 77 21.27 -16.65 -5.16
C ASP A 77 22.56 -17.22 -4.59
N LEU A 78 23.51 -17.53 -5.45
CA LEU A 78 24.83 -18.02 -5.05
C LEU A 78 25.49 -16.90 -4.22
N GLY A 79 25.57 -15.68 -4.76
CA GLY A 79 26.04 -14.47 -4.03
C GLY A 79 25.51 -14.47 -2.61
N THR A 80 24.18 -14.49 -2.48
CA THR A 80 23.41 -14.50 -1.20
C THR A 80 23.79 -15.72 -0.34
N LEU A 81 23.62 -16.92 -0.85
CA LEU A 81 23.66 -18.16 -0.04
C LEU A 81 25.05 -18.39 0.57
N ARG A 82 26.08 -17.72 0.07
CA ARG A 82 27.43 -17.70 0.68
C ARG A 82 27.40 -16.93 2.01
N GLY A 83 26.87 -15.71 1.98
CA GLY A 83 26.58 -14.94 3.19
C GLY A 83 25.78 -15.77 4.16
N TYR A 84 24.61 -16.25 3.73
CA TYR A 84 23.60 -16.95 4.57
C TYR A 84 24.21 -18.19 5.22
N TYR A 85 25.19 -18.87 4.58
CA TYR A 85 25.79 -20.14 5.08
C TYR A 85 27.23 -19.91 5.60
N ASN A 86 27.86 -18.83 5.17
CA ASN A 86 29.21 -18.39 5.63
C ASN A 86 30.25 -19.32 5.02
N GLN A 87 30.21 -19.47 3.69
CA GLN A 87 31.13 -20.36 2.93
C GLN A 87 32.03 -19.53 2.00
N SER A 88 33.16 -20.12 1.59
CA SER A 88 34.24 -19.54 0.75
C SER A 88 33.72 -19.24 -0.67
N GLU A 89 34.14 -18.11 -1.24
CA GLU A 89 33.99 -17.76 -2.67
C GLU A 89 34.97 -18.59 -3.50
N ALA A 90 35.95 -19.23 -2.83
CA ALA A 90 36.91 -20.18 -3.41
C ALA A 90 36.20 -21.47 -3.82
N GLY A 91 35.14 -21.85 -3.09
CA GLY A 91 34.37 -23.08 -3.34
C GLY A 91 33.38 -22.91 -4.49
N SER A 92 33.17 -23.96 -5.27
CA SER A 92 32.08 -24.08 -6.27
C SER A 92 30.85 -24.67 -5.58
N HIS A 93 29.75 -23.93 -5.54
CA HIS A 93 28.47 -24.37 -4.91
C HIS A 93 27.42 -24.58 -6.00
N THR A 94 26.38 -25.35 -5.69
CA THR A 94 25.29 -25.73 -6.61
C THR A 94 23.95 -25.26 -6.07
N VAL A 95 23.17 -24.56 -6.90
CA VAL A 95 21.70 -24.37 -6.68
C VAL A 95 20.97 -25.18 -7.76
N GLN A 96 19.90 -25.87 -7.36
CA GLN A 96 19.00 -26.63 -8.27
C GLN A 96 17.56 -26.18 -8.02
N ARG A 97 16.83 -25.83 -9.08
CA ARG A 97 15.40 -25.49 -9.02
C ARG A 97 14.64 -26.44 -9.92
N MET A 98 13.54 -27.00 -9.42
CA MET A 98 12.66 -27.93 -10.16
C MET A 98 11.20 -27.60 -9.84
N TYR A 99 10.39 -27.29 -10.86
CA TYR A 99 8.92 -27.12 -10.75
C TYR A 99 8.21 -27.83 -11.90
N GLY A 100 6.92 -28.12 -11.69
CA GLY A 100 6.04 -28.78 -12.68
C GLY A 100 4.69 -29.19 -12.08
N CYS A 101 3.85 -29.84 -12.88
CA CYS A 101 2.48 -30.29 -12.53
C CYS A 101 2.27 -31.73 -12.98
N ASP A 102 1.37 -32.46 -12.32
CA ASP A 102 0.90 -33.82 -12.72
C ASP A 102 -0.58 -33.76 -13.13
N VAL A 103 -1.02 -34.70 -13.96
CA VAL A 103 -2.44 -34.86 -14.39
C VAL A 103 -2.75 -36.35 -14.49
N GLY A 104 -4.00 -36.75 -14.22
CA GLY A 104 -4.48 -38.15 -14.34
C GLY A 104 -4.78 -38.54 -15.79
N SER A 105 -5.34 -39.74 -15.99
CA SER A 105 -5.87 -40.19 -17.31
C SER A 105 -6.72 -39.07 -17.92
N ASP A 106 -7.51 -38.39 -17.07
CA ASP A 106 -8.50 -37.37 -17.48
C ASP A 106 -7.79 -36.07 -17.94
N TRP A 107 -6.48 -35.95 -17.75
CA TRP A 107 -5.70 -34.72 -18.06
C TRP A 107 -6.03 -33.59 -17.06
N ARG A 108 -6.76 -33.91 -15.97
CA ARG A 108 -7.17 -32.92 -14.93
C ARG A 108 -6.09 -32.87 -13.84
N PHE A 109 -5.69 -31.67 -13.44
CA PHE A 109 -4.65 -31.38 -12.42
C PHE A 109 -4.78 -32.35 -11.25
N LEU A 110 -3.64 -32.87 -10.80
CA LEU A 110 -3.50 -33.82 -9.69
C LEU A 110 -2.60 -33.20 -8.58
N ARG A 111 -1.44 -32.63 -8.96
CA ARG A 111 -0.36 -32.18 -8.03
C ARG A 111 0.58 -31.17 -8.73
N GLY A 112 1.00 -30.12 -8.00
CA GLY A 112 2.06 -29.18 -8.42
C GLY A 112 3.22 -29.19 -7.43
N TYR A 113 4.41 -28.76 -7.86
CA TYR A 113 5.62 -28.74 -7.01
C TYR A 113 6.61 -27.67 -7.48
N HIS A 114 7.29 -27.06 -6.51
CA HIS A 114 8.39 -26.11 -6.71
C HIS A 114 9.38 -26.26 -5.56
N GLN A 115 10.58 -26.79 -5.87
CA GLN A 115 11.61 -27.18 -4.89
C GLN A 115 12.96 -26.58 -5.26
N TYR A 116 13.83 -26.45 -4.26
CA TYR A 116 15.09 -25.70 -4.28
C TYR A 116 16.05 -26.39 -3.33
N ALA A 117 17.25 -26.73 -3.79
CA ALA A 117 18.32 -27.29 -2.95
C ALA A 117 19.61 -26.51 -3.19
N TYR A 118 20.33 -26.20 -2.11
CA TYR A 118 21.71 -25.64 -2.13
C TYR A 118 22.64 -26.78 -1.86
N ASP A 119 23.61 -26.99 -2.74
CA ASP A 119 24.64 -28.06 -2.65
C ASP A 119 23.96 -29.44 -2.46
N GLY A 120 22.80 -29.67 -3.10
CA GLY A 120 22.11 -30.98 -3.21
C GLY A 120 21.49 -31.48 -1.90
N LYS A 121 21.25 -30.60 -0.93
CA LYS A 121 20.32 -30.85 0.21
C LYS A 121 19.13 -29.90 0.05
N ASP A 122 17.93 -30.36 0.40
CA ASP A 122 16.70 -29.53 0.46
C ASP A 122 17.02 -28.21 1.16
N TYR A 123 16.56 -27.08 0.58
CA TYR A 123 16.67 -25.71 1.15
C TYR A 123 15.26 -25.24 1.56
N ILE A 124 14.43 -24.86 0.58
CA ILE A 124 12.99 -24.51 0.75
C ILE A 124 12.17 -25.21 -0.34
N ALA A 125 11.18 -26.01 0.06
CA ALA A 125 10.20 -26.67 -0.83
C ALA A 125 8.78 -26.19 -0.51
N LEU A 126 7.97 -26.04 -1.54
CA LEU A 126 6.52 -25.66 -1.47
C LEU A 126 5.70 -26.89 -1.07
N LYS A 127 4.92 -26.80 0.03
CA LYS A 127 4.05 -27.91 0.53
C LYS A 127 3.00 -28.25 -0.54
N GLU A 128 2.24 -29.34 -0.38
CA GLU A 128 1.32 -29.85 -1.44
C GLU A 128 0.20 -28.83 -1.73
N ASP A 129 -0.42 -28.28 -0.68
CA ASP A 129 -1.55 -27.30 -0.78
C ASP A 129 -1.17 -26.06 -1.63
N LEU A 130 0.14 -25.79 -1.78
CA LEU A 130 0.74 -24.68 -2.57
C LEU A 130 0.55 -23.33 -1.88
N ARG A 131 0.10 -23.30 -0.61
CA ARG A 131 -0.11 -22.06 0.17
C ARG A 131 1.01 -21.91 1.21
N SER A 132 1.61 -23.04 1.64
CA SER A 132 2.62 -23.10 2.73
C SER A 132 4.01 -23.22 2.15
N TRP A 133 5.04 -23.24 3.02
CA TRP A 133 6.47 -23.42 2.67
C TRP A 133 7.12 -24.32 3.71
N THR A 134 7.99 -25.23 3.29
CA THR A 134 8.87 -26.03 4.19
C THR A 134 10.29 -25.49 4.06
N ALA A 135 10.81 -24.88 5.12
CA ALA A 135 12.20 -24.44 5.25
C ALA A 135 12.87 -25.34 6.28
N ALA A 136 14.15 -25.69 6.11
CA ALA A 136 14.91 -26.49 7.10
C ALA A 136 15.81 -25.54 7.91
N ASP A 137 16.77 -24.94 7.23
CA ASP A 137 17.81 -24.05 7.79
C ASP A 137 17.18 -22.67 7.97
N MET A 138 17.67 -21.88 8.93
CA MET A 138 17.21 -20.47 9.16
C MET A 138 17.54 -19.61 7.94
N ALA A 139 18.47 -20.03 7.09
CA ALA A 139 18.75 -19.39 5.79
C ALA A 139 17.51 -19.45 4.92
N ALA A 140 16.84 -20.62 4.91
CA ALA A 140 15.56 -20.90 4.21
C ALA A 140 14.46 -20.03 4.83
N GLN A 141 14.41 -19.95 6.16
CA GLN A 141 13.47 -19.09 6.91
C GLN A 141 13.50 -17.66 6.37
N THR A 142 14.69 -17.09 6.14
CA THR A 142 14.89 -15.71 5.64
C THR A 142 14.34 -15.59 4.22
N THR A 143 14.46 -16.65 3.43
CA THR A 143 13.80 -16.77 2.11
C THR A 143 12.29 -16.77 2.36
N LYS A 144 11.79 -17.78 3.07
CA LYS A 144 10.35 -17.91 3.42
C LYS A 144 9.76 -16.51 3.67
N HIS A 145 10.28 -15.78 4.67
CA HIS A 145 9.76 -14.44 5.07
C HIS A 145 9.75 -13.47 3.87
N LYS A 146 10.76 -13.51 3.00
CA LYS A 146 10.90 -12.59 1.82
C LYS A 146 9.95 -13.02 0.69
N TRP A 147 9.63 -14.32 0.64
CA TRP A 147 8.86 -14.98 -0.45
C TRP A 147 7.36 -14.87 -0.12
N GLU A 148 7.03 -14.86 1.17
CA GLU A 148 5.66 -14.61 1.66
C GLU A 148 5.30 -13.15 1.37
N ALA A 149 6.28 -12.24 1.39
CA ALA A 149 6.09 -10.79 1.23
C ALA A 149 6.06 -10.40 -0.26
N ALA A 150 6.32 -11.33 -1.15
CA ALA A 150 6.16 -11.16 -2.61
C ALA A 150 5.12 -12.15 -3.11
N HIS A 151 4.22 -12.58 -2.21
CA HIS A 151 3.21 -13.66 -2.42
C HIS A 151 3.73 -14.63 -3.47
N VAL A 152 4.74 -15.43 -3.15
CA VAL A 152 5.35 -16.35 -4.16
C VAL A 152 4.41 -17.57 -4.26
N ALA A 153 4.01 -18.16 -3.13
CA ALA A 153 3.13 -19.34 -3.04
C ALA A 153 1.91 -19.12 -3.92
N GLU A 154 1.25 -17.99 -3.73
CA GLU A 154 0.04 -17.58 -4.49
C GLU A 154 0.46 -17.49 -5.97
N GLN A 155 1.51 -16.72 -6.25
CA GLN A 155 2.07 -16.44 -7.61
C GLN A 155 2.33 -17.76 -8.37
N LEU A 156 2.78 -18.81 -7.69
CA LEU A 156 3.16 -20.09 -8.33
C LEU A 156 1.92 -20.93 -8.49
N ARG A 157 1.16 -21.11 -7.43
CA ARG A 157 -0.12 -21.85 -7.48
C ARG A 157 -0.91 -21.44 -8.74
N ALA A 158 -0.77 -20.19 -9.19
CA ALA A 158 -1.37 -19.71 -10.46
C ALA A 158 -0.72 -20.48 -11.62
N TYR A 159 0.58 -20.33 -11.83
CA TYR A 159 1.33 -21.06 -12.88
C TYR A 159 1.01 -22.57 -12.80
N LEU A 160 1.32 -23.21 -11.67
CA LEU A 160 1.28 -24.69 -11.48
C LEU A 160 -0.13 -25.26 -11.75
N GLU A 161 -1.18 -24.74 -11.09
CA GLU A 161 -2.59 -25.24 -11.19
C GLU A 161 -3.24 -24.70 -12.48
N GLY A 162 -2.62 -23.72 -13.14
CA GLY A 162 -3.16 -23.01 -14.31
C GLY A 162 -2.30 -23.22 -15.54
N THR A 163 -1.33 -22.32 -15.78
CA THR A 163 -0.46 -22.29 -17.00
C THR A 163 0.16 -23.68 -17.25
N CYS A 164 0.91 -24.21 -16.27
CA CYS A 164 1.56 -25.55 -16.31
C CYS A 164 0.62 -26.55 -16.99
N VAL A 165 -0.64 -26.63 -16.54
CA VAL A 165 -1.64 -27.65 -16.97
C VAL A 165 -2.15 -27.28 -18.37
N GLU A 166 -2.34 -25.99 -18.64
CA GLU A 166 -2.90 -25.50 -19.93
C GLU A 166 -1.92 -25.84 -21.07
N TRP A 167 -0.60 -25.84 -20.81
CA TRP A 167 0.47 -26.09 -21.83
C TRP A 167 0.84 -27.57 -21.87
N LEU A 168 0.79 -28.27 -20.74
CA LEU A 168 0.99 -29.74 -20.71
C LEU A 168 -0.03 -30.35 -21.66
N ARG A 169 -1.28 -29.91 -21.55
CA ARG A 169 -2.36 -30.38 -22.45
C ARG A 169 -1.97 -30.02 -23.88
N ARG A 170 -1.58 -28.78 -24.12
CA ARG A 170 -1.23 -28.31 -25.48
C ARG A 170 -0.16 -29.22 -26.07
N TYR A 171 0.87 -29.50 -25.28
CA TYR A 171 2.01 -30.35 -25.67
C TYR A 171 1.43 -31.75 -25.93
N LEU A 172 0.83 -32.37 -24.93
CA LEU A 172 0.27 -33.74 -25.06
C LEU A 172 -0.46 -33.88 -26.40
N GLU A 173 -1.31 -32.92 -26.77
CA GLU A 173 -2.06 -32.97 -28.04
C GLU A 173 -1.11 -32.67 -29.18
N ASN A 174 -0.66 -31.43 -29.32
CA ASN A 174 0.25 -31.03 -30.43
C ASN A 174 1.32 -32.11 -30.68
N GLY A 175 1.67 -32.94 -29.70
CA GLY A 175 2.75 -33.92 -29.82
C GLY A 175 2.27 -35.35 -29.62
N LYS A 176 1.00 -35.64 -29.96
CA LYS A 176 0.34 -36.93 -29.66
C LYS A 176 1.25 -38.11 -30.10
N GLU A 177 1.82 -38.05 -31.32
CA GLU A 177 2.61 -39.16 -31.95
C GLU A 177 3.79 -39.52 -31.01
N THR A 178 4.54 -38.53 -30.56
CA THR A 178 5.64 -38.68 -29.55
C THR A 178 5.06 -39.16 -28.19
N LEU A 179 4.27 -38.32 -27.52
CA LEU A 179 4.07 -38.33 -26.05
C LEU A 179 3.02 -39.37 -25.62
N GLN A 180 1.95 -39.57 -26.41
CA GLN A 180 0.82 -40.45 -26.03
C GLN A 180 0.98 -41.87 -26.58
N ARG A 181 2.17 -42.25 -27.02
CA ARG A 181 2.48 -43.65 -27.39
C ARG A 181 3.13 -44.30 -26.18
N THR A 182 2.89 -45.58 -25.99
CA THR A 182 3.36 -46.38 -24.83
C THR A 182 3.99 -47.67 -25.35
N ASP A 183 5.31 -47.65 -25.59
CA ASP A 183 6.16 -48.78 -26.11
C ASP A 183 6.33 -49.83 -25.01
N ALA A 184 5.95 -51.07 -25.30
CA ALA A 184 5.95 -52.19 -24.33
C ALA A 184 7.34 -52.80 -24.26
N PRO A 185 7.75 -53.33 -23.09
CA PRO A 185 9.05 -53.94 -22.92
C PRO A 185 9.18 -55.26 -23.70
N LYS A 186 10.20 -55.37 -24.57
CA LYS A 186 10.63 -56.66 -25.14
C LYS A 186 11.45 -57.38 -24.07
N THR A 187 11.02 -58.56 -23.63
CA THR A 187 11.58 -59.27 -22.44
C THR A 187 12.18 -60.63 -22.84
N HIS A 188 13.15 -61.13 -22.04
CA HIS A 188 13.74 -62.50 -22.13
C HIS A 188 14.61 -62.77 -20.89
N MET A 189 15.09 -64.01 -20.74
CA MET A 189 16.01 -64.44 -19.64
C MET A 189 17.35 -64.88 -20.23
N THR A 190 18.43 -64.71 -19.49
CA THR A 190 19.74 -65.33 -19.74
C THR A 190 20.08 -66.22 -18.53
N HIS A 191 20.76 -67.34 -18.76
CA HIS A 191 21.20 -68.30 -17.73
C HIS A 191 22.70 -68.52 -17.92
N HIS A 192 23.52 -67.74 -17.22
CA HIS A 192 24.96 -68.03 -17.00
C HIS A 192 25.14 -68.58 -15.57
N ALA A 193 25.51 -69.86 -15.47
CA ALA A 193 25.90 -70.52 -14.19
C ALA A 193 27.26 -69.98 -13.76
N VAL A 194 27.38 -69.55 -12.49
CA VAL A 194 28.65 -68.99 -11.91
C VAL A 194 29.57 -70.15 -11.48
N SER A 195 29.01 -71.34 -11.20
CA SER A 195 29.73 -72.63 -10.95
C SER A 195 28.80 -73.80 -11.29
N ASP A 196 29.07 -75.00 -10.78
CA ASP A 196 28.16 -76.17 -10.87
C ASP A 196 27.33 -76.25 -9.58
N HIS A 197 27.53 -75.31 -8.66
CA HIS A 197 26.75 -75.12 -7.40
C HIS A 197 25.57 -74.17 -7.66
N GLU A 198 25.81 -73.01 -8.31
CA GLU A 198 24.78 -71.93 -8.49
C GLU A 198 24.52 -71.67 -9.99
N ALA A 199 23.39 -71.01 -10.27
CA ALA A 199 23.02 -70.45 -11.59
C ALA A 199 22.44 -69.03 -11.39
N THR A 200 22.83 -68.08 -12.27
CA THR A 200 22.34 -66.66 -12.29
C THR A 200 21.36 -66.47 -13.45
N LEU A 201 20.07 -66.24 -13.13
CA LEU A 201 18.97 -65.94 -14.09
C LEU A 201 18.79 -64.43 -14.15
N ARG A 202 18.76 -63.85 -15.35
CA ARG A 202 18.67 -62.40 -15.56
C ARG A 202 17.44 -62.10 -16.41
N CYS A 203 16.46 -61.40 -15.83
CA CYS A 203 15.19 -60.97 -16.47
C CYS A 203 15.42 -59.61 -17.14
N TRP A 204 15.28 -59.57 -18.45
CA TRP A 204 15.61 -58.43 -19.34
C TRP A 204 14.33 -57.69 -19.70
N ALA A 205 14.45 -56.41 -20.04
CA ALA A 205 13.35 -55.55 -20.52
C ALA A 205 13.95 -54.43 -21.36
N LEU A 206 13.58 -54.31 -22.62
CA LEU A 206 14.27 -53.37 -23.56
C LEU A 206 13.27 -52.57 -24.38
N SER A 207 13.74 -51.44 -24.90
CA SER A 207 13.08 -50.61 -25.94
C SER A 207 11.67 -50.21 -25.48
N PHE A 208 11.49 -49.89 -24.19
CA PHE A 208 10.18 -49.50 -23.60
C PHE A 208 10.19 -48.00 -23.26
N TYR A 209 8.98 -47.43 -23.22
CA TYR A 209 8.63 -46.07 -22.73
C TYR A 209 7.16 -46.11 -22.32
N PRO A 210 6.74 -45.49 -21.21
CA PRO A 210 7.61 -44.62 -20.42
C PRO A 210 8.52 -45.43 -19.48
N ALA A 211 9.45 -44.75 -18.80
CA ALA A 211 10.58 -45.35 -18.06
C ALA A 211 10.08 -46.05 -16.79
N GLU A 212 8.93 -45.66 -16.25
CA GLU A 212 8.31 -46.37 -15.11
C GLU A 212 8.24 -47.85 -15.46
N ILE A 213 8.63 -48.76 -14.55
CA ILE A 213 8.47 -50.24 -14.77
C ILE A 213 8.74 -50.98 -13.47
N THR A 214 8.32 -52.25 -13.38
CA THR A 214 8.52 -53.10 -12.17
C THR A 214 8.82 -54.55 -12.57
N LEU A 215 10.05 -55.00 -12.31
CA LEU A 215 10.49 -56.40 -12.49
C LEU A 215 10.66 -57.03 -11.10
N THR A 216 10.10 -58.22 -10.86
CA THR A 216 10.03 -58.87 -9.53
C THR A 216 10.22 -60.38 -9.65
N TRP A 217 10.99 -60.99 -8.75
CA TRP A 217 11.33 -62.45 -8.73
C TRP A 217 10.52 -63.18 -7.69
N GLN A 218 10.05 -64.38 -8.02
CA GLN A 218 9.13 -65.17 -7.16
C GLN A 218 9.63 -66.61 -7.07
N ARG A 219 10.10 -67.00 -5.88
CA ARG A 219 10.54 -68.38 -5.52
C ARG A 219 9.32 -69.14 -4.99
N ASP A 220 8.85 -70.18 -5.71
CA ASP A 220 7.58 -70.90 -5.44
C ASP A 220 6.41 -69.90 -5.37
N GLY A 221 6.49 -68.80 -6.14
CA GLY A 221 5.43 -67.76 -6.24
C GLY A 221 5.37 -66.85 -5.01
N GLU A 222 6.53 -66.38 -4.53
CA GLU A 222 6.63 -65.37 -3.44
C GLU A 222 7.76 -64.39 -3.78
N ASP A 223 7.49 -63.08 -3.64
CA ASP A 223 8.46 -61.98 -3.95
C ASP A 223 9.76 -62.22 -3.18
N GLN A 224 10.87 -62.46 -3.89
CA GLN A 224 12.24 -62.66 -3.32
C GLN A 224 13.05 -61.39 -3.55
N THR A 225 13.70 -60.84 -2.51
CA THR A 225 14.73 -59.79 -2.66
C THR A 225 16.06 -60.25 -2.06
N GLN A 226 16.10 -61.46 -1.47
CA GLN A 226 17.22 -61.98 -0.63
C GLN A 226 18.53 -62.08 -1.46
N ASP A 227 18.47 -62.60 -2.68
CA ASP A 227 19.66 -62.79 -3.57
C ASP A 227 19.42 -62.08 -4.91
N THR A 228 18.77 -60.90 -4.87
CA THR A 228 18.22 -60.19 -6.06
C THR A 228 19.01 -58.92 -6.35
N GLU A 229 19.73 -58.92 -7.48
CA GLU A 229 20.30 -57.72 -8.16
C GLU A 229 19.22 -57.12 -9.06
N LEU A 230 19.22 -55.79 -9.21
CA LEU A 230 18.16 -55.02 -9.94
C LEU A 230 18.74 -53.65 -10.33
N VAL A 231 19.06 -53.46 -11.61
CA VAL A 231 19.83 -52.25 -12.06
C VAL A 231 18.90 -51.04 -12.11
N GLU A 232 19.49 -49.86 -11.92
CA GLU A 232 18.86 -48.54 -12.19
C GLU A 232 18.34 -48.57 -13.63
N THR A 233 17.07 -48.22 -13.84
CA THR A 233 16.46 -48.12 -15.20
C THR A 233 17.23 -47.08 -15.99
N ARG A 234 17.66 -47.42 -17.21
CA ARG A 234 18.66 -46.64 -17.98
C ARG A 234 18.09 -46.29 -19.34
N PRO A 235 18.53 -45.16 -19.95
CA PRO A 235 18.16 -44.81 -21.32
C PRO A 235 18.88 -45.66 -22.37
N ALA A 236 18.62 -45.42 -23.64
CA ALA A 236 19.32 -46.03 -24.77
C ALA A 236 19.85 -44.95 -25.72
N GLY A 237 19.19 -43.78 -25.75
CA GLY A 237 19.53 -42.65 -26.63
C GLY A 237 18.64 -42.61 -27.86
N ASP A 238 17.73 -43.60 -28.02
CA ASP A 238 16.63 -43.57 -29.03
C ASP A 238 15.31 -43.15 -28.35
N GLY A 239 15.32 -42.84 -27.05
CA GLY A 239 14.13 -42.41 -26.31
C GLY A 239 13.37 -43.58 -25.72
N THR A 240 13.85 -44.80 -25.87
CA THR A 240 13.38 -45.97 -25.09
C THR A 240 14.29 -46.16 -23.88
N PHE A 241 13.93 -47.09 -23.01
CA PHE A 241 14.56 -47.31 -21.68
C PHE A 241 14.75 -48.84 -21.49
N GLN A 242 15.74 -49.23 -20.66
CA GLN A 242 16.16 -50.64 -20.42
C GLN A 242 16.30 -50.90 -18.91
N LYS A 243 16.01 -52.11 -18.49
CA LYS A 243 16.21 -52.57 -17.11
C LYS A 243 16.29 -54.09 -17.11
N TRP A 244 17.10 -54.66 -16.25
CA TRP A 244 17.17 -56.11 -15.98
C TRP A 244 17.19 -56.33 -14.47
N ALA A 245 16.87 -57.52 -14.04
CA ALA A 245 16.99 -57.95 -12.64
C ALA A 245 17.27 -59.44 -12.63
N ALA A 246 18.17 -59.88 -11.76
CA ALA A 246 18.72 -61.26 -11.71
C ALA A 246 18.61 -61.82 -10.29
N VAL A 247 18.50 -63.15 -10.19
CA VAL A 247 18.58 -63.94 -8.92
C VAL A 247 19.63 -65.02 -9.09
N VAL A 248 20.33 -65.36 -8.02
CA VAL A 248 21.20 -66.56 -7.97
C VAL A 248 20.36 -67.70 -7.40
N VAL A 249 20.41 -68.86 -8.04
CA VAL A 249 19.50 -70.01 -7.78
C VAL A 249 20.31 -71.27 -7.63
N PRO A 250 20.02 -72.13 -6.61
CA PRO A 250 20.54 -73.50 -6.58
C PRO A 250 20.18 -74.26 -7.87
N SER A 251 21.17 -74.60 -8.71
CA SER A 251 20.98 -75.27 -10.03
C SER A 251 20.15 -76.56 -9.84
N GLY A 252 19.06 -76.70 -10.60
CA GLY A 252 18.03 -77.76 -10.42
C GLY A 252 16.74 -77.20 -9.82
N GLN A 253 16.65 -75.87 -9.70
CA GLN A 253 15.47 -75.14 -9.16
C GLN A 253 15.17 -73.91 -10.05
N GLU A 254 15.64 -73.91 -11.32
CA GLU A 254 15.43 -72.80 -12.31
C GLU A 254 13.92 -72.51 -12.51
N GLN A 255 13.09 -73.59 -12.47
CA GLN A 255 11.64 -73.56 -12.78
C GLN A 255 10.82 -73.07 -11.57
N ARG A 256 11.43 -72.99 -10.39
CA ARG A 256 10.78 -72.50 -9.14
C ARG A 256 10.88 -70.98 -9.09
N TYR A 257 11.83 -70.41 -9.83
CA TYR A 257 12.04 -68.95 -9.96
C TYR A 257 11.35 -68.47 -11.23
N THR A 258 10.42 -67.51 -11.07
CA THR A 258 9.69 -66.82 -12.16
C THR A 258 9.85 -65.31 -11.99
N CYS A 259 9.91 -64.59 -13.12
CA CYS A 259 10.06 -63.10 -13.18
C CYS A 259 8.74 -62.48 -13.58
N HIS A 260 8.34 -61.40 -12.89
CA HIS A 260 7.05 -60.69 -13.07
C HIS A 260 7.29 -59.25 -13.54
N VAL A 261 6.84 -58.94 -14.76
CA VAL A 261 6.98 -57.63 -15.45
C VAL A 261 5.65 -56.89 -15.39
N GLN A 262 5.71 -55.57 -15.22
CA GLN A 262 4.55 -54.65 -15.14
C GLN A 262 4.92 -53.36 -15.87
N HIS A 263 4.05 -52.87 -16.74
CA HIS A 263 4.25 -51.62 -17.51
C HIS A 263 2.90 -51.09 -18.02
N GLU A 264 2.82 -49.78 -18.30
CA GLU A 264 1.60 -49.13 -18.87
C GLU A 264 1.27 -49.76 -20.22
N GLY A 265 2.28 -50.01 -21.06
CA GLY A 265 2.12 -50.62 -22.40
C GLY A 265 1.59 -52.04 -22.35
N LEU A 266 1.70 -52.72 -21.18
CA LEU A 266 1.34 -54.16 -21.00
C LEU A 266 -0.11 -54.30 -20.61
N PRO A 267 -0.95 -54.95 -21.45
CA PRO A 267 -2.32 -55.24 -21.07
C PRO A 267 -2.38 -56.00 -19.74
N LYS A 268 -1.54 -57.03 -19.58
CA LYS A 268 -1.51 -57.92 -18.37
C LYS A 268 -0.07 -57.99 -17.85
N PRO A 269 0.19 -58.35 -16.56
CA PRO A 269 1.56 -58.56 -16.09
C PRO A 269 2.14 -59.82 -16.75
N LEU A 270 3.38 -59.76 -17.25
CA LEU A 270 4.10 -60.89 -17.89
C LEU A 270 4.73 -61.78 -16.80
N THR A 271 4.77 -63.09 -17.06
CA THR A 271 5.48 -64.11 -16.24
C THR A 271 6.54 -64.78 -17.13
N LEU A 272 7.78 -64.91 -16.62
CA LEU A 272 8.91 -65.58 -17.35
C LEU A 272 9.48 -66.71 -16.47
N ARG A 273 9.73 -67.88 -17.09
CA ARG A 273 10.56 -69.00 -16.55
C ARG A 273 11.66 -69.31 -17.57
N TRP A 274 12.58 -70.22 -17.22
CA TRP A 274 13.69 -70.68 -18.10
C TRP A 274 13.13 -71.70 -19.13
N GLU A 275 13.72 -71.69 -20.33
CA GLU A 275 13.27 -72.45 -21.53
C GLU A 275 14.37 -73.45 -21.92
N MET B 1 29.39 -29.52 2.55
CA MET B 1 28.71 -29.97 1.27
C MET B 1 28.64 -31.51 1.22
N ILE B 2 27.44 -32.09 1.08
CA ILE B 2 27.22 -33.53 0.76
C ILE B 2 27.87 -33.87 -0.63
N GLN B 3 28.62 -34.94 -0.67
CA GLN B 3 29.19 -35.51 -1.91
C GLN B 3 28.64 -36.93 -2.11
N ARG B 4 27.89 -37.16 -3.19
CA ARG B 4 27.51 -38.52 -3.61
C ARG B 4 28.47 -38.90 -4.71
N THR B 5 28.83 -40.20 -4.80
CA THR B 5 29.79 -40.76 -5.81
C THR B 5 28.98 -41.33 -6.98
N PRO B 6 29.45 -41.19 -8.25
CA PRO B 6 28.70 -41.69 -9.39
C PRO B 6 28.61 -43.22 -9.45
N LYS B 7 27.46 -43.70 -9.92
CA LYS B 7 27.20 -45.10 -10.34
C LYS B 7 27.35 -45.16 -11.87
N ILE B 8 27.93 -46.26 -12.40
CA ILE B 8 28.21 -46.41 -13.86
C ILE B 8 27.59 -47.71 -14.37
N GLN B 9 26.79 -47.62 -15.44
CA GLN B 9 26.32 -48.76 -16.25
C GLN B 9 26.90 -48.58 -17.66
N VAL B 10 27.48 -49.63 -18.24
CA VAL B 10 27.97 -49.58 -19.64
C VAL B 10 27.32 -50.69 -20.43
N TYR B 11 26.66 -50.30 -21.51
CA TYR B 11 25.71 -51.13 -22.25
C TYR B 11 25.59 -50.64 -23.68
N SER B 12 25.01 -51.50 -24.52
CA SER B 12 24.71 -51.25 -25.95
C SER B 12 23.23 -50.91 -26.11
N ARG B 13 22.94 -49.95 -26.99
CA ARG B 13 21.57 -49.50 -27.32
C ARG B 13 20.76 -50.73 -27.74
N HIS B 14 21.16 -51.36 -28.83
CA HIS B 14 20.56 -52.59 -29.39
C HIS B 14 21.41 -53.77 -28.93
N PRO B 15 20.78 -54.90 -28.55
CA PRO B 15 21.50 -56.14 -28.32
C PRO B 15 22.64 -56.31 -29.32
N ALA B 16 23.84 -56.55 -28.82
CA ALA B 16 25.10 -56.53 -29.58
C ALA B 16 25.11 -57.69 -30.56
N GLU B 17 25.35 -57.40 -31.83
CA GLU B 17 25.62 -58.38 -32.91
C GLU B 17 26.97 -58.03 -33.52
N ASN B 18 27.95 -58.94 -33.42
CA ASN B 18 29.36 -58.65 -33.81
C ASN B 18 29.38 -58.27 -35.28
N GLY B 19 30.03 -57.16 -35.62
CA GLY B 19 30.16 -56.65 -36.99
C GLY B 19 29.01 -55.76 -37.41
N LYS B 20 27.90 -55.74 -36.64
CA LYS B 20 26.70 -54.86 -36.86
C LYS B 20 26.85 -53.61 -36.00
N SER B 21 27.07 -52.45 -36.65
CA SER B 21 27.27 -51.12 -36.01
C SER B 21 26.12 -50.88 -35.03
N ASN B 22 26.38 -50.09 -34.00
CA ASN B 22 25.54 -50.04 -32.79
C ASN B 22 25.89 -48.74 -32.08
N PHE B 23 25.47 -48.62 -30.81
CA PHE B 23 25.71 -47.48 -29.93
C PHE B 23 26.14 -47.98 -28.55
N LEU B 24 27.36 -47.58 -28.14
CA LEU B 24 27.95 -47.84 -26.82
C LEU B 24 27.53 -46.71 -25.89
N ASN B 25 26.99 -47.06 -24.73
CA ASN B 25 26.38 -46.11 -23.79
C ASN B 25 27.06 -46.21 -22.44
N CYS B 26 27.46 -45.07 -21.89
CA CYS B 26 27.92 -44.89 -20.49
C CYS B 26 26.96 -43.96 -19.74
N TYR B 27 26.24 -44.52 -18.79
CA TYR B 27 25.20 -43.82 -18.01
C TYR B 27 25.68 -43.67 -16.57
N VAL B 28 26.18 -42.47 -16.25
CA VAL B 28 26.54 -42.02 -14.87
C VAL B 28 25.33 -41.32 -14.25
N SER B 29 25.12 -41.52 -12.93
CA SER B 29 23.88 -41.22 -12.19
C SER B 29 24.11 -41.33 -10.68
N GLY B 30 23.41 -40.52 -9.90
CA GLY B 30 23.41 -40.62 -8.42
C GLY B 30 24.57 -39.88 -7.81
N PHE B 31 25.14 -38.89 -8.53
CA PHE B 31 26.38 -38.16 -8.17
C PHE B 31 26.12 -36.67 -7.89
N HIS B 32 26.95 -36.10 -6.98
CA HIS B 32 27.00 -34.67 -6.63
C HIS B 32 28.43 -34.32 -6.16
N PRO B 33 29.07 -33.24 -6.66
CA PRO B 33 28.48 -32.22 -7.55
C PRO B 33 28.43 -32.57 -9.05
N SER B 34 28.08 -31.60 -9.93
CA SER B 34 27.75 -31.79 -11.38
C SER B 34 29.01 -32.00 -12.25
N ASP B 35 30.11 -31.29 -11.96
CA ASP B 35 31.40 -31.44 -12.70
C ASP B 35 31.79 -32.91 -12.65
N ILE B 36 31.83 -33.56 -13.82
CA ILE B 36 32.27 -34.98 -14.00
C ILE B 36 33.03 -35.07 -15.34
N GLU B 37 34.02 -35.94 -15.41
CA GLU B 37 34.70 -36.36 -16.69
C GLU B 37 34.28 -37.79 -17.00
N VAL B 38 33.87 -38.05 -18.25
CA VAL B 38 33.58 -39.41 -18.76
C VAL B 38 34.29 -39.58 -20.10
N ASP B 39 34.91 -40.74 -20.29
CA ASP B 39 35.55 -41.16 -21.56
C ASP B 39 35.12 -42.61 -21.85
N LEU B 40 34.86 -42.91 -23.12
CA LEU B 40 34.60 -44.28 -23.62
C LEU B 40 35.88 -44.82 -24.24
N LEU B 41 36.17 -46.10 -24.00
CA LEU B 41 37.50 -46.69 -24.28
C LEU B 41 37.42 -47.79 -25.35
N LYS B 42 38.36 -47.77 -26.30
CA LYS B 42 38.62 -48.85 -27.27
C LYS B 42 39.97 -49.48 -26.92
N ASN B 43 39.93 -50.48 -26.05
CA ASN B 43 41.13 -51.22 -25.53
C ASN B 43 41.98 -50.28 -24.70
N GLY B 44 41.35 -49.29 -24.03
CA GLY B 44 42.01 -48.28 -23.18
C GLY B 44 42.32 -46.98 -23.92
N GLU B 45 42.16 -46.93 -25.25
CA GLU B 45 42.33 -45.68 -26.06
C GLU B 45 41.01 -44.88 -26.01
N ARG B 46 41.11 -43.58 -25.78
CA ARG B 46 39.98 -42.65 -25.62
C ARG B 46 39.30 -42.45 -26.98
N ILE B 47 38.01 -42.79 -27.09
CA ILE B 47 37.25 -42.76 -28.38
C ILE B 47 36.93 -41.31 -28.75
N GLU B 48 37.44 -40.87 -29.93
CA GLU B 48 37.63 -39.45 -30.34
C GLU B 48 36.32 -38.63 -30.20
N LYS B 49 35.30 -38.94 -31.03
CA LYS B 49 33.98 -38.25 -31.03
C LYS B 49 33.06 -38.95 -30.02
N VAL B 50 32.52 -38.20 -29.03
CA VAL B 50 31.47 -38.69 -28.07
C VAL B 50 30.51 -37.55 -27.75
N GLU B 51 29.23 -37.77 -28.04
CA GLU B 51 28.10 -36.90 -27.62
C GLU B 51 27.64 -37.37 -26.24
N HIS B 52 27.15 -36.44 -25.43
CA HIS B 52 26.54 -36.72 -24.09
C HIS B 52 25.20 -36.02 -24.02
N SER B 53 24.34 -36.50 -23.11
CA SER B 53 23.00 -35.92 -22.85
C SER B 53 23.16 -34.48 -22.36
N ASP B 54 22.08 -33.84 -21.92
CA ASP B 54 22.10 -32.56 -21.16
C ASP B 54 22.01 -32.91 -19.70
N LEU B 55 22.57 -32.06 -18.82
CA LEU B 55 22.58 -32.32 -17.36
C LEU B 55 21.14 -32.16 -16.83
N SER B 56 20.59 -33.24 -16.26
CA SER B 56 19.36 -33.22 -15.45
C SER B 56 19.66 -33.91 -14.12
N PHE B 57 18.67 -34.01 -13.23
CA PHE B 57 18.83 -34.62 -11.88
C PHE B 57 17.57 -35.35 -11.43
N SER B 58 17.76 -36.38 -10.61
CA SER B 58 16.69 -37.25 -10.08
C SER B 58 15.95 -36.54 -8.94
N LYS B 59 15.04 -37.25 -8.28
CA LYS B 59 14.16 -36.69 -7.22
C LYS B 59 14.97 -36.43 -5.93
N ASP B 60 16.11 -37.10 -5.73
CA ASP B 60 16.99 -36.90 -4.53
C ASP B 60 18.11 -35.88 -4.83
N TRP B 61 18.02 -35.18 -5.97
CA TRP B 61 18.86 -34.03 -6.40
C TRP B 61 20.13 -34.51 -7.11
N SER B 62 20.47 -35.79 -6.97
CA SER B 62 21.63 -36.43 -7.63
C SER B 62 21.56 -36.21 -9.15
N PHE B 63 22.67 -35.88 -9.80
CA PHE B 63 22.74 -35.63 -11.27
C PHE B 63 22.79 -36.94 -12.06
N TYR B 64 22.65 -36.84 -13.39
CA TYR B 64 22.76 -37.98 -14.34
C TYR B 64 23.04 -37.48 -15.76
N LEU B 65 23.97 -38.17 -16.45
CA LEU B 65 24.33 -37.94 -17.88
C LEU B 65 24.38 -39.27 -18.59
N LEU B 66 23.96 -39.33 -19.87
CA LEU B 66 24.26 -40.43 -20.79
C LEU B 66 25.30 -39.97 -21.82
N TYR B 67 26.51 -40.53 -21.75
CA TYR B 67 27.59 -40.46 -22.78
C TYR B 67 27.42 -41.62 -23.75
N TYR B 68 27.61 -41.39 -25.05
CA TYR B 68 27.47 -42.42 -26.10
C TYR B 68 28.20 -42.03 -27.40
N THR B 69 28.76 -43.03 -28.09
CA THR B 69 29.19 -42.93 -29.50
C THR B 69 28.76 -44.19 -30.23
N GLU B 70 28.78 -44.13 -31.54
CA GLU B 70 28.44 -45.28 -32.41
C GLU B 70 29.72 -46.12 -32.57
N PHE B 71 29.64 -47.41 -32.30
CA PHE B 71 30.73 -48.42 -32.46
C PHE B 71 30.21 -49.64 -33.21
N THR B 72 31.10 -50.58 -33.48
CA THR B 72 30.83 -51.87 -34.13
C THR B 72 31.47 -52.96 -33.30
N PRO B 73 30.74 -53.56 -32.33
CA PRO B 73 31.32 -54.50 -31.39
C PRO B 73 31.99 -55.63 -32.15
N THR B 74 33.02 -56.23 -31.56
CA THR B 74 33.95 -57.17 -32.22
C THR B 74 34.42 -58.19 -31.19
N GLU B 75 34.20 -59.48 -31.47
CA GLU B 75 34.48 -60.59 -30.52
C GLU B 75 35.62 -60.21 -29.57
N LYS B 76 36.78 -59.81 -30.12
CA LYS B 76 38.07 -59.70 -29.40
C LYS B 76 38.28 -58.27 -28.89
N ASP B 77 37.90 -57.23 -29.67
CA ASP B 77 37.90 -55.80 -29.21
C ASP B 77 37.17 -55.70 -27.86
N GLU B 78 37.73 -54.97 -26.89
CA GLU B 78 37.12 -54.74 -25.55
C GLU B 78 36.91 -53.25 -25.35
N TYR B 79 35.78 -52.90 -24.74
CA TYR B 79 35.27 -51.53 -24.59
C TYR B 79 35.01 -51.27 -23.11
N ALA B 80 35.14 -50.02 -22.67
CA ALA B 80 34.88 -49.63 -21.28
C ALA B 80 34.65 -48.14 -21.17
N CYS B 81 34.24 -47.73 -19.98
CA CYS B 81 33.99 -46.32 -19.61
C CYS B 81 34.94 -45.93 -18.46
N ARG B 82 35.57 -44.75 -18.56
CA ARG B 82 36.56 -44.20 -17.58
C ARG B 82 35.98 -42.91 -16.99
N VAL B 83 35.37 -43.02 -15.81
CA VAL B 83 34.72 -41.88 -15.10
C VAL B 83 35.76 -41.28 -14.15
N ASN B 84 35.84 -39.95 -14.15
CA ASN B 84 36.58 -39.18 -13.12
C ASN B 84 35.64 -38.11 -12.53
N HIS B 85 35.35 -38.24 -11.23
CA HIS B 85 34.57 -37.29 -10.39
C HIS B 85 35.43 -36.84 -9.23
N VAL B 86 35.09 -35.75 -8.58
CA VAL B 86 35.85 -35.25 -7.39
C VAL B 86 35.57 -36.16 -6.18
N THR B 87 34.91 -37.31 -6.34
CA THR B 87 34.72 -38.32 -5.24
C THR B 87 35.78 -39.44 -5.30
N LEU B 88 36.38 -39.65 -6.47
CA LEU B 88 37.26 -40.79 -6.80
C LEU B 88 38.72 -40.34 -6.84
N SER B 89 39.60 -41.12 -6.25
CA SER B 89 41.06 -40.84 -6.11
C SER B 89 41.79 -41.15 -7.43
N GLN B 90 41.37 -42.25 -8.05
CA GLN B 90 41.85 -42.76 -9.35
C GLN B 90 40.62 -42.91 -10.24
N PRO B 91 40.67 -42.53 -11.54
CA PRO B 91 39.55 -42.78 -12.44
C PRO B 91 39.00 -44.18 -12.21
N LYS B 92 37.67 -44.30 -12.26
CA LYS B 92 36.93 -45.58 -12.28
C LYS B 92 36.78 -46.01 -13.74
N ILE B 93 37.21 -47.24 -14.03
CA ILE B 93 37.05 -47.91 -15.33
C ILE B 93 36.03 -49.02 -15.13
N VAL B 94 34.93 -48.96 -15.85
CA VAL B 94 33.89 -50.01 -15.85
C VAL B 94 33.85 -50.55 -17.26
N LYS B 95 34.11 -51.85 -17.40
CA LYS B 95 34.31 -52.53 -18.70
C LYS B 95 32.94 -52.98 -19.19
N TRP B 96 32.64 -52.76 -20.48
CA TRP B 96 31.37 -53.19 -21.14
C TRP B 96 31.26 -54.72 -21.08
N ASP B 97 30.07 -55.23 -20.76
CA ASP B 97 29.71 -56.66 -20.85
C ASP B 97 28.39 -56.76 -21.64
N ARG B 98 28.34 -57.53 -22.73
CA ARG B 98 27.03 -57.95 -23.31
C ARG B 98 26.44 -58.98 -22.34
N ASP B 99 25.22 -58.77 -21.87
CA ASP B 99 24.56 -59.61 -20.82
C ASP B 99 24.62 -58.86 -19.47
N MET B 100 25.06 -57.59 -19.55
CA MET B 100 25.14 -56.58 -18.45
C MET B 100 24.69 -55.22 -19.03
N GLU C 1 6.02 -24.79 -21.27
CA GLU C 1 5.98 -23.35 -20.97
C GLU C 1 6.66 -23.10 -19.63
N ALA C 2 7.63 -22.21 -19.59
CA ALA C 2 8.38 -21.88 -18.35
C ALA C 2 7.53 -20.96 -17.47
N ALA C 3 7.81 -20.97 -16.17
CA ALA C 3 7.25 -20.02 -15.16
C ALA C 3 7.70 -18.59 -15.50
N GLY C 4 6.77 -17.64 -15.48
CA GLY C 4 7.01 -16.21 -15.74
C GLY C 4 6.61 -15.38 -14.55
N ILE C 5 6.39 -16.06 -13.40
CA ILE C 5 6.08 -15.50 -12.05
C ILE C 5 6.38 -16.57 -11.02
N GLY C 6 6.81 -16.19 -9.84
CA GLY C 6 7.20 -17.15 -8.78
C GLY C 6 8.72 -17.18 -8.62
N ILE C 7 9.43 -16.76 -9.65
CA ILE C 7 10.92 -16.89 -9.67
C ILE C 7 11.56 -15.55 -9.26
N LEU C 8 12.00 -15.47 -8.01
CA LEU C 8 12.93 -14.38 -7.58
C LEU C 8 13.97 -14.93 -6.62
N THR C 9 15.00 -14.10 -6.43
CA THR C 9 16.16 -14.24 -5.51
C THR C 9 15.75 -14.89 -4.16
N VAL C 10 16.69 -15.18 -3.25
CA VAL C 10 16.42 -15.99 -2.01
C VAL C 10 16.75 -15.17 -0.72
N GLN D 1 1.51 -2.07 -33.97
CA GLN D 1 2.02 -3.32 -33.29
C GLN D 1 0.88 -4.00 -32.49
N LYS D 2 0.63 -5.30 -32.76
CA LYS D 2 -0.49 -6.12 -32.17
C LYS D 2 -0.20 -6.50 -30.70
N GLU D 3 1.08 -6.56 -30.29
CA GLU D 3 1.55 -7.30 -29.08
C GLU D 3 0.53 -7.14 -27.97
N VAL D 4 0.12 -5.90 -27.72
CA VAL D 4 -0.88 -5.50 -26.67
C VAL D 4 -1.74 -4.35 -27.24
N GLU D 5 -3.05 -4.60 -27.36
CA GLU D 5 -4.08 -3.71 -27.95
C GLU D 5 -4.88 -3.09 -26.82
N GLN D 6 -5.06 -1.78 -26.87
CA GLN D 6 -5.81 -0.98 -25.90
C GLN D 6 -6.90 -0.18 -26.62
N ASN D 7 -7.92 0.23 -25.86
CA ASN D 7 -9.05 1.11 -26.28
C ASN D 7 -8.61 2.19 -27.30
N SER D 8 -7.55 2.96 -26.98
CA SER D 8 -7.02 4.04 -27.86
C SER D 8 -8.08 5.14 -27.90
N GLY D 9 -8.03 6.07 -26.95
CA GLY D 9 -9.12 7.01 -26.66
C GLY D 9 -9.26 8.12 -27.70
N PRO D 10 -9.56 9.38 -27.30
CA PRO D 10 -9.91 9.70 -25.90
C PRO D 10 -11.24 9.04 -25.47
N LEU D 11 -11.28 8.48 -24.26
CA LEU D 11 -12.52 8.08 -23.53
C LEU D 11 -12.87 9.25 -22.62
N SER D 12 -14.16 9.51 -22.41
CA SER D 12 -14.67 10.57 -21.53
C SER D 12 -15.80 10.01 -20.65
N VAL D 13 -15.64 10.03 -19.31
CA VAL D 13 -16.71 9.66 -18.33
C VAL D 13 -17.17 10.90 -17.55
N PRO D 14 -18.38 10.87 -16.95
CA PRO D 14 -18.78 11.88 -16.00
C PRO D 14 -18.27 11.50 -14.59
N GLU D 15 -17.94 12.53 -13.81
CA GLU D 15 -17.59 12.43 -12.37
C GLU D 15 -18.50 11.38 -11.72
N GLY D 16 -17.96 10.58 -10.79
CA GLY D 16 -18.73 9.71 -9.88
C GLY D 16 -19.28 8.45 -10.56
N ALA D 17 -19.10 8.33 -11.87
CA ALA D 17 -19.39 7.11 -12.66
C ALA D 17 -18.14 6.22 -12.70
N ILE D 18 -18.33 4.93 -13.03
CA ILE D 18 -17.26 3.89 -13.20
C ILE D 18 -16.58 4.09 -14.57
N ALA D 19 -15.27 4.19 -14.59
CA ALA D 19 -14.45 4.07 -15.83
C ALA D 19 -14.14 2.56 -16.05
N SER D 20 -14.32 2.05 -17.29
CA SER D 20 -13.82 0.72 -17.71
C SER D 20 -12.81 0.88 -18.84
N LEU D 21 -11.57 0.42 -18.60
CA LEU D 21 -10.43 0.41 -19.57
C LEU D 21 -10.14 -1.03 -19.93
N ASN D 22 -9.87 -1.27 -21.20
CA ASN D 22 -9.85 -2.62 -21.80
C ASN D 22 -8.53 -2.81 -22.53
N CYS D 23 -8.04 -4.02 -22.48
CA CYS D 23 -6.73 -4.45 -23.01
C CYS D 23 -6.85 -5.91 -23.44
N THR D 24 -6.34 -6.24 -24.62
CA THR D 24 -6.08 -7.64 -25.05
C THR D 24 -4.65 -7.71 -25.52
N TYR D 25 -3.99 -8.84 -25.26
CA TYR D 25 -2.57 -9.16 -25.56
C TYR D 25 -2.55 -10.30 -26.57
N SER D 26 -1.51 -10.35 -27.42
CA SER D 26 -1.40 -11.35 -28.51
C SER D 26 -0.72 -12.61 -27.97
N ASP D 27 0.41 -12.45 -27.30
CA ASP D 27 1.22 -13.57 -26.80
C ASP D 27 0.41 -14.28 -25.72
N ARG D 28 -0.19 -15.43 -26.06
CA ARG D 28 -0.88 -16.33 -25.09
C ARG D 28 0.20 -16.86 -24.15
N GLY D 29 -0.13 -17.27 -22.93
CA GLY D 29 0.89 -17.77 -21.98
C GLY D 29 1.84 -16.67 -21.46
N SER D 30 1.54 -15.38 -21.70
CA SER D 30 1.79 -14.28 -20.73
C SER D 30 1.13 -14.71 -19.44
N GLN D 31 1.66 -14.35 -18.26
CA GLN D 31 1.03 -14.74 -16.95
C GLN D 31 1.08 -13.57 -15.95
N SER D 32 1.73 -12.44 -16.28
CA SER D 32 1.73 -11.19 -15.46
C SER D 32 1.08 -10.08 -16.27
N PHE D 33 0.21 -9.29 -15.63
CA PHE D 33 -0.49 -8.14 -16.25
C PHE D 33 -0.48 -6.93 -15.33
N PHE D 34 -0.09 -5.79 -15.89
CA PHE D 34 0.17 -4.54 -15.15
C PHE D 34 -0.57 -3.39 -15.80
N TRP D 35 -1.16 -2.55 -14.96
CA TRP D 35 -1.83 -1.29 -15.33
C TRP D 35 -1.00 -0.12 -14.79
N TYR D 36 -0.63 0.82 -15.65
CA TYR D 36 0.21 1.99 -15.29
C TYR D 36 -0.62 3.25 -15.52
N ARG D 37 -0.42 4.30 -14.72
CA ARG D 37 -1.17 5.59 -14.82
C ARG D 37 -0.20 6.73 -15.09
N GLN D 38 -0.25 7.30 -16.28
CA GLN D 38 0.60 8.45 -16.66
C GLN D 38 -0.24 9.70 -16.80
N TYR D 39 0.06 10.75 -16.00
CA TYR D 39 -0.50 12.11 -16.17
C TYR D 39 0.26 12.82 -17.27
N SER D 40 -0.38 13.74 -17.96
CA SER D 40 0.22 14.46 -19.10
C SER D 40 1.49 15.17 -18.62
N GLY D 41 2.62 14.94 -19.30
CA GLY D 41 3.93 15.56 -19.01
C GLY D 41 4.77 14.77 -18.01
N LYS D 42 4.18 13.83 -17.28
CA LYS D 42 4.85 13.00 -16.23
C LYS D 42 5.18 11.62 -16.80
N SER D 43 5.41 10.65 -15.92
CA SER D 43 5.99 9.33 -16.23
C SER D 43 5.05 8.26 -15.73
N PRO D 44 5.01 7.06 -16.38
CA PRO D 44 4.19 5.94 -15.92
C PRO D 44 4.34 5.64 -14.43
N GLU D 45 3.30 5.10 -13.81
CA GLU D 45 3.29 4.75 -12.37
C GLU D 45 2.50 3.46 -12.21
N LEU D 46 3.11 2.38 -11.74
CA LEU D 46 2.36 1.13 -11.43
C LEU D 46 1.19 1.52 -10.54
N ILE D 47 -0.01 1.06 -10.85
CA ILE D 47 -1.22 1.24 -10.01
C ILE D 47 -1.74 -0.14 -9.59
N MET D 48 -1.74 -1.10 -10.52
CA MET D 48 -2.36 -2.43 -10.31
C MET D 48 -1.57 -3.47 -11.11
N SER D 49 -1.55 -4.70 -10.60
CA SER D 49 -0.87 -5.87 -11.25
C SER D 49 -1.61 -7.14 -10.88
N ILE D 50 -1.95 -7.94 -11.88
CA ILE D 50 -2.69 -9.22 -11.67
C ILE D 50 -1.96 -10.30 -12.44
N TYR D 51 -1.91 -11.48 -11.86
CA TYR D 51 -1.13 -12.62 -12.36
C TYR D 51 -2.04 -13.87 -12.46
N SER D 52 -3.32 -13.70 -12.15
CA SER D 52 -4.24 -14.81 -11.80
C SER D 52 -5.68 -14.43 -12.17
N ASN D 53 -6.46 -15.36 -12.69
CA ASN D 53 -7.84 -15.08 -13.18
C ASN D 53 -8.64 -14.37 -12.09
N GLY D 54 -9.30 -13.28 -12.45
CA GLY D 54 -10.42 -12.72 -11.66
C GLY D 54 -10.30 -11.24 -11.38
N ASP D 55 -10.88 -10.82 -10.27
CA ASP D 55 -10.91 -9.41 -9.82
C ASP D 55 -9.90 -9.26 -8.69
N LYS D 56 -9.03 -8.28 -8.77
CA LYS D 56 -8.19 -7.82 -7.65
C LYS D 56 -8.64 -6.39 -7.29
N GLU D 57 -8.99 -6.21 -6.01
CA GLU D 57 -9.55 -4.97 -5.44
C GLU D 57 -8.41 -4.20 -4.74
N ASP D 58 -8.28 -2.89 -5.00
CA ASP D 58 -7.37 -1.97 -4.26
C ASP D 58 -8.05 -0.61 -4.15
N GLY D 59 -8.81 -0.40 -3.08
CA GLY D 59 -9.63 0.81 -2.87
C GLY D 59 -10.62 1.02 -4.00
N ARG D 60 -10.43 2.07 -4.81
CA ARG D 60 -11.38 2.48 -5.90
C ARG D 60 -11.05 1.70 -7.18
N PHE D 61 -9.82 1.20 -7.29
CA PHE D 61 -9.30 0.45 -8.46
C PHE D 61 -9.61 -1.05 -8.28
N THR D 62 -10.22 -1.67 -9.30
CA THR D 62 -10.30 -3.15 -9.47
C THR D 62 -9.68 -3.50 -10.83
N ALA D 63 -8.94 -4.60 -10.88
CA ALA D 63 -8.24 -5.10 -12.08
C ALA D 63 -8.70 -6.51 -12.38
N GLN D 64 -8.81 -6.84 -13.65
CA GLN D 64 -9.59 -8.01 -14.12
C GLN D 64 -8.81 -8.72 -15.22
N LEU D 65 -8.78 -10.04 -15.14
CA LEU D 65 -7.99 -10.87 -16.06
C LEU D 65 -8.83 -12.05 -16.49
N ASN D 66 -8.86 -12.33 -17.80
CA ASN D 66 -9.47 -13.56 -18.39
C ASN D 66 -8.47 -14.17 -19.37
N LYS D 67 -7.67 -15.13 -18.89
CA LYS D 67 -6.58 -15.75 -19.70
C LYS D 67 -7.20 -16.53 -20.84
N ALA D 68 -8.46 -16.97 -20.69
CA ALA D 68 -9.31 -17.52 -21.78
C ALA D 68 -9.28 -16.55 -22.98
N SER D 69 -9.86 -15.37 -22.80
CA SER D 69 -10.16 -14.38 -23.87
C SER D 69 -8.97 -13.47 -24.14
N GLN D 70 -7.85 -13.67 -23.43
CA GLN D 70 -6.65 -12.81 -23.58
C GLN D 70 -7.08 -11.35 -23.44
N TYR D 71 -7.58 -11.02 -22.25
CA TYR D 71 -8.21 -9.75 -21.87
C TYR D 71 -7.78 -9.35 -20.46
N VAL D 72 -7.41 -8.07 -20.29
CA VAL D 72 -7.16 -7.39 -18.98
C VAL D 72 -8.03 -6.15 -18.95
N SER D 73 -8.55 -5.81 -17.77
CA SER D 73 -9.38 -4.60 -17.55
C SER D 73 -9.10 -3.95 -16.22
N LEU D 74 -9.65 -2.75 -16.06
CA LEU D 74 -9.51 -1.83 -14.92
C LEU D 74 -10.82 -1.07 -14.72
N LEU D 75 -11.46 -1.26 -13.57
CA LEU D 75 -12.58 -0.40 -13.06
C LEU D 75 -11.98 0.71 -12.19
N ILE D 76 -12.43 1.95 -12.39
CA ILE D 76 -12.16 3.10 -11.49
C ILE D 76 -13.49 3.57 -10.90
N ARG D 77 -14.01 2.86 -9.88
CA ARG D 77 -15.32 3.22 -9.28
C ARG D 77 -15.23 4.61 -8.67
N ASP D 78 -16.24 5.43 -8.90
CA ASP D 78 -16.38 6.78 -8.33
C ASP D 78 -15.31 7.72 -8.91
N SER D 79 -15.11 7.73 -10.24
CA SER D 79 -14.12 8.61 -10.92
C SER D 79 -14.14 10.04 -10.35
N GLN D 80 -12.98 10.57 -9.90
CA GLN D 80 -12.71 12.03 -9.68
C GLN D 80 -12.04 12.57 -10.93
N PRO D 81 -11.98 13.90 -11.16
CA PRO D 81 -11.36 14.43 -12.38
C PRO D 81 -9.84 14.37 -12.35
N SER D 82 -9.24 14.35 -11.15
CA SER D 82 -7.77 14.16 -10.95
C SER D 82 -7.37 12.74 -11.40
N ASP D 83 -8.37 11.90 -11.77
CA ASP D 83 -8.13 10.55 -12.35
C ASP D 83 -7.76 10.68 -13.83
N SER D 84 -8.19 11.75 -14.48
CA SER D 84 -7.99 11.97 -15.94
C SER D 84 -6.50 12.05 -16.23
N ALA D 85 -6.06 11.20 -17.16
CA ALA D 85 -4.64 10.85 -17.46
C ALA D 85 -4.61 9.61 -18.36
N THR D 86 -3.45 9.26 -18.92
CA THR D 86 -3.32 8.08 -19.81
C THR D 86 -3.06 6.83 -18.97
N TYR D 87 -3.81 5.77 -19.23
CA TYR D 87 -3.70 4.46 -18.56
C TYR D 87 -3.11 3.46 -19.57
N LEU D 88 -1.99 2.83 -19.18
CA LEU D 88 -1.14 1.96 -20.02
C LEU D 88 -1.21 0.54 -19.47
N CYS D 89 -1.37 -0.42 -20.36
CA CYS D 89 -1.56 -1.85 -20.05
C CYS D 89 -0.33 -2.59 -20.55
N ALA D 90 0.11 -3.60 -19.80
CA ALA D 90 1.47 -4.16 -19.98
C ALA D 90 1.51 -5.62 -19.53
N VAL D 91 2.24 -6.42 -20.31
CA VAL D 91 2.44 -7.89 -20.06
C VAL D 91 3.90 -8.13 -19.64
N GLN D 92 4.09 -8.76 -18.47
CA GLN D 92 5.40 -9.12 -17.87
C GLN D 92 6.35 -7.91 -17.87
N LYS D 93 5.82 -6.76 -17.45
CA LYS D 93 6.57 -5.50 -17.26
C LYS D 93 7.49 -5.25 -18.46
N LEU D 94 7.05 -5.57 -19.68
CA LEU D 94 7.93 -5.53 -20.86
C LEU D 94 7.28 -4.78 -22.01
N VAL D 95 6.18 -5.25 -22.57
CA VAL D 95 5.49 -4.56 -23.70
C VAL D 95 4.22 -3.87 -23.17
N PHE D 96 3.94 -2.69 -23.72
CA PHE D 96 2.82 -1.78 -23.37
C PHE D 96 1.98 -1.46 -24.63
N GLY D 97 0.68 -1.22 -24.44
CA GLY D 97 -0.21 -0.75 -25.51
C GLY D 97 0.07 0.71 -25.85
N THR D 98 -0.79 1.33 -26.66
CA THR D 98 -0.67 2.77 -27.02
C THR D 98 -1.03 3.60 -25.80
N GLY D 99 -2.07 3.17 -25.08
CA GLY D 99 -2.63 3.87 -23.92
C GLY D 99 -4.01 4.43 -24.23
N THR D 100 -4.90 4.44 -23.23
CA THR D 100 -6.27 4.98 -23.34
C THR D 100 -6.33 6.28 -22.56
N ARG D 101 -6.49 7.44 -23.23
CA ARG D 101 -6.54 8.79 -22.58
C ARG D 101 -7.92 8.95 -21.96
N LEU D 102 -8.02 8.93 -20.62
CA LEU D 102 -9.28 9.11 -19.84
C LEU D 102 -9.43 10.60 -19.49
N LEU D 103 -10.60 11.16 -19.77
CA LEU D 103 -11.01 12.52 -19.36
C LEU D 103 -12.23 12.38 -18.46
N VAL D 104 -12.06 12.42 -17.14
CA VAL D 104 -13.20 12.49 -16.18
C VAL D 104 -13.68 13.95 -16.17
N SER D 105 -14.74 14.24 -16.93
CA SER D 105 -15.37 15.58 -17.06
C SER D 105 -16.23 15.87 -15.84
N PRO D 106 -15.99 17.00 -15.16
CA PRO D 106 -16.53 17.21 -13.80
C PRO D 106 -18.01 17.59 -13.75
N ASN D 107 -18.62 17.49 -12.58
CA ASN D 107 -20.08 17.59 -12.33
C ASN D 107 -20.48 19.05 -12.05
N ILE D 108 -20.60 19.88 -13.08
CA ILE D 108 -20.79 21.36 -12.95
C ILE D 108 -22.26 21.68 -12.62
N GLN D 109 -22.60 21.75 -11.32
CA GLN D 109 -24.01 21.84 -10.79
C GLN D 109 -24.73 23.11 -11.31
N ASN D 110 -24.02 24.22 -11.54
CA ASN D 110 -24.63 25.53 -11.91
C ASN D 110 -23.77 26.21 -12.98
N PRO D 111 -23.95 25.90 -14.27
CA PRO D 111 -23.10 26.49 -15.30
C PRO D 111 -23.46 27.95 -15.53
N ASP D 112 -22.49 28.76 -15.93
CA ASP D 112 -22.69 30.19 -16.33
C ASP D 112 -21.84 30.47 -17.56
N PRO D 113 -22.07 29.73 -18.67
CA PRO D 113 -21.29 29.89 -19.90
C PRO D 113 -21.19 31.34 -20.40
N ALA D 114 -19.97 31.83 -20.59
CA ALA D 114 -19.65 33.22 -20.98
C ALA D 114 -18.41 33.24 -21.86
N VAL D 115 -18.24 34.28 -22.67
CA VAL D 115 -17.01 34.51 -23.48
C VAL D 115 -16.52 35.95 -23.23
N TYR D 116 -15.68 36.11 -22.19
CA TYR D 116 -15.11 37.40 -21.76
C TYR D 116 -13.81 37.63 -22.51
N GLN D 117 -13.61 38.84 -23.04
CA GLN D 117 -12.33 39.31 -23.61
C GLN D 117 -11.46 39.88 -22.46
N LEU D 118 -10.21 39.39 -22.35
CA LEU D 118 -9.15 39.88 -21.41
C LEU D 118 -8.11 40.70 -22.19
N ARG D 119 -7.44 41.66 -21.54
CA ARG D 119 -6.42 42.53 -22.16
C ARG D 119 -5.09 42.42 -21.38
N ASP D 120 -3.98 42.54 -22.11
CA ASP D 120 -2.59 42.33 -21.62
C ASP D 120 -2.29 43.28 -20.44
N SER D 121 -1.34 42.88 -19.58
CA SER D 121 -0.85 43.65 -18.41
C SER D 121 0.23 44.66 -18.87
N LYS D 122 0.90 44.35 -19.99
CA LYS D 122 1.81 45.27 -20.72
C LYS D 122 1.34 45.34 -22.18
N SER D 123 1.30 46.53 -22.79
CA SER D 123 0.93 46.73 -24.21
C SER D 123 -0.38 45.98 -24.51
N SER D 124 -1.52 46.52 -24.05
CA SER D 124 -2.86 45.89 -24.06
C SER D 124 -3.45 45.83 -25.51
N ASP D 125 -2.76 46.43 -26.50
CA ASP D 125 -3.09 46.36 -27.95
C ASP D 125 -3.44 44.90 -28.31
N LYS D 126 -2.71 43.96 -27.71
CA LYS D 126 -2.90 42.49 -27.82
C LYS D 126 -3.92 42.04 -26.74
N SER D 127 -4.97 41.31 -27.16
CA SER D 127 -6.02 40.72 -26.28
C SER D 127 -6.33 39.28 -26.70
N VAL D 128 -6.92 38.52 -25.79
CA VAL D 128 -7.29 37.09 -25.97
C VAL D 128 -8.76 36.91 -25.53
N CYS D 129 -9.54 36.09 -26.23
CA CYS D 129 -10.94 35.73 -25.85
C CYS D 129 -10.94 34.41 -25.06
N LEU D 130 -11.62 34.40 -23.91
CA LEU D 130 -11.65 33.28 -22.92
C LEU D 130 -13.08 32.77 -22.80
N PHE D 131 -13.36 31.59 -23.35
CA PHE D 131 -14.67 30.87 -23.25
C PHE D 131 -14.66 29.99 -21.98
N THR D 132 -15.44 30.37 -20.96
CA THR D 132 -15.41 29.72 -19.62
C THR D 132 -16.81 29.49 -19.04
N ASP D 133 -16.84 28.73 -17.94
CA ASP D 133 -18.01 28.47 -17.05
C ASP D 133 -19.12 27.72 -17.79
N PHE D 134 -18.82 27.14 -18.96
CA PHE D 134 -19.72 26.19 -19.67
C PHE D 134 -19.72 24.86 -18.91
N ASP D 135 -20.60 23.95 -19.30
CA ASP D 135 -20.84 22.65 -18.64
C ASP D 135 -20.21 21.55 -19.49
N SER D 136 -19.88 20.42 -18.88
CA SER D 136 -18.97 19.39 -19.45
C SER D 136 -19.56 18.76 -20.73
N GLN D 137 -20.88 18.87 -20.96
CA GLN D 137 -21.52 18.55 -22.27
C GLN D 137 -20.81 19.35 -23.37
N THR D 138 -20.72 20.68 -23.20
CA THR D 138 -20.39 21.69 -24.25
C THR D 138 -18.97 21.46 -24.77
N ASN D 139 -18.85 21.08 -26.05
CA ASN D 139 -17.59 20.54 -26.64
C ASN D 139 -17.01 21.56 -27.62
N VAL D 140 -15.69 21.71 -27.58
CA VAL D 140 -14.93 22.82 -28.21
C VAL D 140 -14.39 22.35 -29.55
N SER D 141 -14.77 23.01 -30.63
CA SER D 141 -14.20 22.77 -31.97
C SER D 141 -12.94 23.60 -32.10
N GLN D 142 -11.92 23.05 -32.76
CA GLN D 142 -10.69 23.80 -33.13
C GLN D 142 -11.10 24.89 -34.13
N SER D 143 -10.14 25.66 -34.64
CA SER D 143 -10.37 26.84 -35.50
C SER D 143 -10.69 26.40 -36.95
N LYS D 144 -11.35 27.29 -37.69
CA LYS D 144 -11.53 27.21 -39.17
C LYS D 144 -10.55 28.18 -39.86
N ASP D 145 -10.38 29.41 -39.32
CA ASP D 145 -9.39 30.43 -39.79
C ASP D 145 -7.99 29.99 -39.35
N SER D 146 -7.04 29.92 -40.30
CA SER D 146 -5.64 29.45 -40.10
C SER D 146 -4.91 30.36 -39.10
N ASP D 147 -5.06 31.69 -39.23
CA ASP D 147 -4.36 32.70 -38.39
C ASP D 147 -4.95 32.72 -36.96
N VAL D 148 -6.11 32.09 -36.75
CA VAL D 148 -6.75 31.95 -35.41
C VAL D 148 -6.27 30.64 -34.77
N TYR D 149 -5.87 30.70 -33.49
CA TYR D 149 -5.45 29.56 -32.65
C TYR D 149 -6.47 29.36 -31.54
N ILE D 150 -6.78 28.12 -31.17
CA ILE D 150 -7.86 27.76 -30.22
C ILE D 150 -7.43 26.57 -29.37
N THR D 151 -7.38 26.77 -28.06
CA THR D 151 -6.99 25.79 -27.02
C THR D 151 -8.09 24.74 -26.84
N ASP D 152 -7.75 23.56 -26.34
CA ASP D 152 -8.73 22.55 -25.85
C ASP D 152 -9.44 23.12 -24.61
N LYS D 153 -10.55 22.51 -24.22
CA LYS D 153 -11.17 22.69 -22.88
C LYS D 153 -10.18 22.18 -21.85
N CYS D 154 -10.25 22.66 -20.61
CA CYS D 154 -9.49 22.08 -19.47
C CYS D 154 -10.06 22.57 -18.15
N VAL D 155 -9.93 21.75 -17.12
CA VAL D 155 -10.66 21.87 -15.82
C VAL D 155 -9.75 22.48 -14.74
N LEU D 156 -10.22 23.57 -14.10
CA LEU D 156 -9.68 24.18 -12.85
C LEU D 156 -10.45 23.60 -11.67
N ASP D 157 -9.76 23.26 -10.58
CA ASP D 157 -10.41 23.00 -9.27
C ASP D 157 -9.90 24.04 -8.30
N MET D 158 -10.47 25.26 -8.30
CA MET D 158 -9.97 26.32 -7.41
C MET D 158 -10.40 25.96 -5.98
N ARG D 159 -9.48 25.30 -5.25
CA ARG D 159 -9.63 24.93 -3.82
C ARG D 159 -9.95 26.22 -3.06
N SER D 160 -9.38 27.35 -3.51
CA SER D 160 -9.76 28.73 -3.12
C SER D 160 -11.17 28.70 -2.55
N MET D 161 -12.15 28.30 -3.36
CA MET D 161 -13.61 28.43 -3.06
C MET D 161 -14.32 27.05 -3.04
N ASP D 162 -13.68 25.98 -3.50
CA ASP D 162 -14.31 24.66 -3.81
C ASP D 162 -15.35 24.87 -4.92
N PHE D 163 -14.89 25.07 -6.16
CA PHE D 163 -15.69 25.36 -7.38
C PHE D 163 -14.86 24.97 -8.63
N LYS D 164 -15.38 24.05 -9.44
CA LYS D 164 -14.68 23.55 -10.65
C LYS D 164 -15.25 24.25 -11.90
N SER D 165 -14.35 24.75 -12.75
CA SER D 165 -14.62 25.61 -13.93
C SER D 165 -13.98 25.00 -15.18
N ASN D 166 -14.70 24.97 -16.30
CA ASN D 166 -14.16 24.64 -17.64
C ASN D 166 -13.82 25.95 -18.35
N SER D 167 -12.56 26.12 -18.72
CA SER D 167 -12.02 27.28 -19.47
C SER D 167 -11.69 26.83 -20.90
N ALA D 168 -11.24 27.73 -21.75
CA ALA D 168 -10.72 27.40 -23.11
C ALA D 168 -10.51 28.70 -23.87
N VAL D 169 -9.26 29.00 -24.24
CA VAL D 169 -8.81 30.33 -24.70
C VAL D 169 -8.69 30.36 -26.23
N ALA D 170 -8.74 31.55 -26.83
CA ALA D 170 -8.56 31.75 -28.29
C ALA D 170 -7.95 33.14 -28.56
N TRP D 171 -6.85 33.18 -29.31
CA TRP D 171 -6.13 34.41 -29.71
C TRP D 171 -5.85 34.39 -31.22
N SER D 172 -5.71 35.57 -31.81
CA SER D 172 -5.50 35.78 -33.27
C SER D 172 -4.41 36.83 -33.46
N ASN D 173 -3.85 36.88 -34.66
CA ASN D 173 -2.73 37.80 -35.02
C ASN D 173 -3.18 39.27 -34.85
N LYS D 174 -4.44 39.59 -35.18
CA LYS D 174 -4.92 41.00 -35.32
C LYS D 174 -6.34 41.15 -34.72
N SER D 175 -6.92 42.38 -34.85
CA SER D 175 -8.25 42.84 -34.38
C SER D 175 -9.37 42.33 -35.30
N ASP D 176 -9.03 42.07 -36.58
CA ASP D 176 -9.84 41.31 -37.59
C ASP D 176 -10.51 40.05 -36.97
N PHE D 177 -10.24 39.75 -35.69
CA PHE D 177 -10.91 38.71 -34.85
C PHE D 177 -11.30 39.33 -33.51
N ALA D 178 -12.60 39.50 -33.26
CA ALA D 178 -13.19 39.92 -31.97
C ALA D 178 -14.21 38.86 -31.56
N CYS D 179 -13.80 37.90 -30.71
CA CYS D 179 -14.64 36.80 -30.12
C CYS D 179 -15.73 36.35 -31.12
N ALA D 180 -15.29 35.86 -32.30
CA ALA D 180 -16.15 35.26 -33.35
C ALA D 180 -15.68 33.82 -33.64
N ASN D 181 -15.46 33.03 -32.57
CA ASN D 181 -15.11 31.57 -32.58
C ASN D 181 -16.38 30.72 -32.29
N ALA D 182 -17.19 30.46 -33.32
CA ALA D 182 -18.60 30.00 -33.22
C ALA D 182 -18.71 28.51 -33.60
N PHE D 183 -19.10 27.63 -32.64
CA PHE D 183 -19.27 26.13 -32.81
C PHE D 183 -20.30 25.49 -31.83
N ASN D 184 -20.61 26.09 -30.64
CA ASN D 184 -21.52 25.46 -29.64
C ASN D 184 -21.95 26.37 -28.43
N ASN D 185 -23.27 26.44 -28.17
CA ASN D 185 -23.89 26.75 -26.86
C ASN D 185 -24.74 28.03 -26.97
N SER D 186 -25.82 28.17 -26.16
CA SER D 186 -26.99 29.06 -26.44
C SER D 186 -27.09 30.29 -25.48
N ILE D 187 -26.36 30.29 -24.36
CA ILE D 187 -26.24 31.40 -23.35
C ILE D 187 -24.76 31.85 -23.34
N ILE D 188 -24.46 33.16 -23.15
CA ILE D 188 -23.03 33.70 -23.15
C ILE D 188 -23.01 35.23 -23.01
N PRO D 189 -22.97 35.82 -21.77
CA PRO D 189 -23.03 37.29 -21.59
C PRO D 189 -21.88 38.09 -22.25
N GLU D 190 -21.16 37.42 -23.15
CA GLU D 190 -20.44 37.98 -24.33
C GLU D 190 -20.76 39.46 -24.52
N ASP D 191 -20.30 40.33 -23.63
CA ASP D 191 -20.49 41.79 -23.85
C ASP D 191 -19.53 42.24 -24.96
N THR D 192 -19.96 43.25 -25.75
CA THR D 192 -19.17 43.92 -26.83
C THR D 192 -17.89 44.52 -26.23
N PHE D 193 -18.04 45.44 -25.26
CA PHE D 193 -16.93 46.07 -24.47
C PHE D 193 -17.52 46.99 -23.39
N ASN E 1 17.97 4.73 -3.06
CA ASN E 1 18.25 6.14 -3.53
C ASN E 1 17.29 6.51 -4.69
N ALA E 2 16.37 7.47 -4.41
CA ALA E 2 15.44 8.19 -5.31
C ALA E 2 14.91 7.31 -6.48
N GLY E 3 14.61 6.02 -6.25
CA GLY E 3 14.14 5.09 -7.31
C GLY E 3 15.14 4.99 -8.48
N VAL E 4 14.80 5.53 -9.67
CA VAL E 4 15.60 5.45 -10.95
C VAL E 4 15.88 6.88 -11.48
N THR E 5 17.09 7.15 -11.97
CA THR E 5 17.52 8.51 -12.39
C THR E 5 17.75 8.54 -13.90
N GLN E 6 17.68 9.71 -14.53
CA GLN E 6 17.99 9.91 -15.98
C GLN E 6 18.65 11.28 -16.17
N THR E 7 19.54 11.39 -17.13
CA THR E 7 20.10 12.66 -17.63
C THR E 7 20.13 12.59 -19.15
N PRO E 8 19.95 13.70 -19.88
CA PRO E 8 19.45 14.95 -19.31
C PRO E 8 17.94 14.81 -19.05
N LYS E 9 17.27 15.93 -18.78
CA LYS E 9 15.80 16.01 -18.68
C LYS E 9 15.23 16.42 -20.05
N PHE E 10 15.97 17.28 -20.77
CA PHE E 10 15.55 17.94 -22.02
C PHE E 10 16.80 18.14 -22.89
N GLN E 11 16.75 17.75 -24.16
CA GLN E 11 17.89 17.89 -25.10
C GLN E 11 17.41 18.13 -26.52
N VAL E 12 17.84 19.24 -27.09
CA VAL E 12 17.87 19.51 -28.55
C VAL E 12 19.09 18.78 -29.11
N LEU E 13 19.09 18.51 -30.42
CA LEU E 13 20.19 17.82 -31.14
C LEU E 13 20.11 18.18 -32.62
N LYS E 14 21.24 18.29 -33.29
CA LYS E 14 21.35 18.45 -34.77
C LYS E 14 21.38 17.04 -35.37
N THR E 15 20.60 16.80 -36.42
CA THR E 15 20.56 15.51 -37.15
C THR E 15 22.01 15.07 -37.43
N GLY E 16 22.35 13.81 -37.17
CA GLY E 16 23.72 13.29 -37.31
C GLY E 16 24.62 13.82 -36.21
N GLN E 17 24.22 13.61 -34.96
CA GLN E 17 25.02 13.91 -33.77
C GLN E 17 25.03 12.70 -32.84
N SER E 18 26.20 12.39 -32.28
CA SER E 18 26.41 11.42 -31.18
C SER E 18 25.64 11.92 -29.96
N MET E 19 25.14 11.01 -29.12
CA MET E 19 24.43 11.39 -27.86
C MET E 19 24.15 10.15 -27.02
N THR E 20 24.43 10.23 -25.70
CA THR E 20 24.10 9.19 -24.69
C THR E 20 23.14 9.76 -23.63
N LEU E 21 22.05 9.05 -23.36
CA LEU E 21 21.16 9.28 -22.19
C LEU E 21 21.61 8.36 -21.05
N GLN E 22 21.66 8.87 -19.82
CA GLN E 22 22.12 8.08 -18.66
C GLN E 22 20.92 7.43 -18.02
N CYS E 23 21.13 6.30 -17.37
CA CYS E 23 20.17 5.68 -16.43
C CYS E 23 20.92 5.00 -15.29
N ALA E 24 20.39 5.10 -14.08
CA ALA E 24 21.02 4.64 -12.81
C ALA E 24 19.95 4.19 -11.82
N GLN E 25 20.25 3.20 -10.99
CA GLN E 25 19.38 2.78 -9.87
C GLN E 25 20.21 1.99 -8.85
N ASP E 26 20.16 2.38 -7.59
CA ASP E 26 20.99 1.84 -6.50
C ASP E 26 20.13 0.88 -5.66
N MET E 27 19.36 0.03 -6.33
CA MET E 27 18.32 -0.81 -5.68
C MET E 27 18.60 -2.29 -5.89
N ASN E 28 19.64 -2.63 -6.66
CA ASN E 28 20.03 -4.04 -6.98
C ASN E 28 19.03 -4.63 -7.97
N HIS E 29 18.51 -3.80 -8.85
CA HIS E 29 17.54 -4.22 -9.88
C HIS E 29 18.32 -4.87 -11.03
N GLU E 30 18.13 -6.18 -11.21
CA GLU E 30 18.74 -6.96 -12.31
C GLU E 30 18.05 -6.55 -13.63
N TYR E 31 16.70 -6.61 -13.70
CA TYR E 31 15.86 -6.20 -14.87
C TYR E 31 15.85 -4.65 -15.02
N MET E 32 16.14 -4.18 -16.23
CA MET E 32 16.02 -2.77 -16.68
C MET E 32 15.58 -2.76 -18.14
N SER E 33 15.21 -1.60 -18.67
CA SER E 33 14.61 -1.45 -20.03
C SER E 33 14.64 0.01 -20.45
N TRP E 34 14.48 0.26 -21.74
CA TRP E 34 14.44 1.61 -22.36
C TRP E 34 13.26 1.70 -23.30
N TYR E 35 12.41 2.69 -23.14
CA TYR E 35 11.20 2.90 -23.97
C TYR E 35 11.27 4.24 -24.69
N ARG E 36 10.54 4.38 -25.79
CA ARG E 36 10.25 5.67 -26.45
C ARG E 36 8.74 5.83 -26.51
N GLN E 37 8.25 7.05 -26.40
CA GLN E 37 6.79 7.37 -26.37
C GLN E 37 6.56 8.66 -27.15
N ASP E 38 5.81 8.58 -28.23
CA ASP E 38 5.48 9.75 -29.09
C ASP E 38 4.08 10.22 -28.74
N PRO E 39 3.84 11.54 -28.52
CA PRO E 39 2.49 12.03 -28.26
C PRO E 39 1.59 11.30 -29.28
N GLY E 40 0.57 10.58 -28.79
CA GLY E 40 -0.33 9.74 -29.61
C GLY E 40 -0.11 8.25 -29.34
N MET E 41 0.97 7.67 -29.86
CA MET E 41 1.40 6.30 -29.50
C MET E 41 1.79 6.26 -28.00
N GLY E 42 2.23 5.10 -27.49
CA GLY E 42 2.68 4.90 -26.09
C GLY E 42 4.11 4.38 -26.00
N LEU E 43 4.36 3.54 -24.99
CA LEU E 43 5.67 2.93 -24.70
C LEU E 43 5.98 1.85 -25.73
N ARG E 44 7.05 2.04 -26.52
CA ARG E 44 7.68 1.01 -27.41
C ARG E 44 9.07 0.65 -26.88
N LEU E 45 9.29 -0.64 -26.57
CA LEU E 45 10.57 -1.18 -26.00
C LEU E 45 11.70 -1.09 -27.03
N ILE E 46 12.90 -0.62 -26.62
CA ILE E 46 14.12 -0.50 -27.51
C ILE E 46 15.10 -1.65 -27.21
N HIS E 47 15.66 -1.71 -25.99
CA HIS E 47 16.49 -2.84 -25.48
C HIS E 47 16.12 -3.15 -24.02
N TYR E 48 16.67 -4.22 -23.44
CA TYR E 48 16.44 -4.59 -22.02
C TYR E 48 17.53 -5.56 -21.51
N SER E 49 18.23 -5.16 -20.43
CA SER E 49 19.01 -6.06 -19.55
C SER E 49 18.06 -6.92 -18.73
N VAL E 50 18.33 -8.21 -18.61
CA VAL E 50 17.68 -9.11 -17.61
C VAL E 50 18.65 -9.30 -16.44
N GLY E 51 19.80 -8.56 -16.50
CA GLY E 51 20.95 -8.70 -15.58
C GLY E 51 22.21 -7.99 -16.10
N ALA E 52 23.29 -8.05 -15.33
CA ALA E 52 24.61 -7.50 -15.69
C ALA E 52 25.14 -8.24 -16.90
N GLY E 53 25.61 -7.50 -17.91
CA GLY E 53 26.29 -8.08 -19.10
C GLY E 53 25.32 -8.57 -20.16
N ILE E 54 24.20 -9.21 -19.74
CA ILE E 54 23.05 -9.60 -20.65
C ILE E 54 22.30 -8.33 -21.09
N THR E 55 22.11 -8.21 -22.40
CA THR E 55 21.18 -7.27 -23.08
C THR E 55 20.51 -7.99 -24.25
N ASP E 56 19.27 -7.63 -24.55
CA ASP E 56 18.48 -8.13 -25.72
C ASP E 56 17.89 -6.91 -26.44
N GLN E 57 17.41 -7.08 -27.70
CA GLN E 57 16.73 -5.99 -28.43
C GLN E 57 15.22 -6.16 -28.26
N GLY E 58 14.46 -5.06 -28.41
CA GLY E 58 13.02 -4.97 -28.10
C GLY E 58 12.16 -4.94 -29.36
N GLU E 59 11.45 -3.85 -29.60
CA GLU E 59 10.56 -3.75 -30.79
C GLU E 59 11.10 -2.70 -31.76
N VAL E 60 11.79 -1.64 -31.33
CA VAL E 60 12.25 -0.54 -32.24
C VAL E 60 13.74 -0.27 -32.02
N PRO E 61 14.62 -1.29 -32.11
CA PRO E 61 16.00 -1.15 -31.67
C PRO E 61 16.93 -0.41 -32.64
N ASN E 62 16.49 -0.14 -33.87
CA ASN E 62 17.30 0.55 -34.92
C ASN E 62 17.59 1.99 -34.49
N GLY E 63 18.80 2.49 -34.81
CA GLY E 63 19.30 3.83 -34.46
C GLY E 63 20.06 3.84 -33.13
N TYR E 64 19.77 2.86 -32.24
CA TYR E 64 19.99 2.91 -30.76
C TYR E 64 20.86 1.76 -30.28
N ASN E 65 22.09 2.05 -29.84
CA ASN E 65 22.94 1.08 -29.09
C ASN E 65 22.69 1.19 -27.57
N VAL E 66 23.08 0.15 -26.83
CA VAL E 66 22.89 0.04 -25.36
C VAL E 66 24.06 -0.73 -24.81
N SER E 67 24.25 -0.73 -23.49
CA SER E 67 25.43 -1.33 -22.80
C SER E 67 25.03 -1.69 -21.37
N ARG E 68 25.77 -2.59 -20.73
CA ARG E 68 25.37 -3.12 -19.40
C ARG E 68 26.58 -3.61 -18.61
N SER E 69 27.64 -2.77 -18.51
CA SER E 69 28.65 -2.82 -17.44
C SER E 69 27.94 -2.45 -16.15
N THR E 70 28.08 -3.25 -15.10
CA THR E 70 27.48 -2.96 -13.77
C THR E 70 25.97 -3.19 -13.79
N THR E 71 25.45 -3.74 -12.70
CA THR E 71 24.02 -3.85 -12.33
C THR E 71 23.36 -2.44 -12.31
N GLU E 72 24.12 -1.42 -11.90
CA GLU E 72 23.65 -0.05 -11.52
C GLU E 72 23.29 0.79 -12.75
N ASP E 73 24.17 0.89 -13.73
CA ASP E 73 23.96 1.79 -14.90
C ASP E 73 23.42 0.99 -16.08
N PHE E 74 22.61 1.64 -16.92
CA PHE E 74 22.05 1.10 -18.17
C PHE E 74 21.93 2.22 -19.19
N PRO E 75 23.05 2.66 -19.81
CA PRO E 75 23.04 3.83 -20.71
C PRO E 75 22.28 3.53 -22.01
N LEU E 76 21.91 4.57 -22.76
CA LEU E 76 21.32 4.42 -24.13
C LEU E 76 21.91 5.46 -25.05
N ARG E 77 22.43 5.02 -26.22
CA ARG E 77 23.23 5.92 -27.10
C ARG E 77 22.64 5.94 -28.51
N LEU E 78 22.51 7.14 -29.08
CA LEU E 78 22.09 7.41 -30.48
C LEU E 78 23.33 7.75 -31.29
N LEU E 79 23.73 6.89 -32.20
CA LEU E 79 25.03 7.04 -32.91
C LEU E 79 24.90 8.21 -33.88
N SER E 80 23.97 8.11 -34.83
CA SER E 80 23.62 9.23 -35.75
C SER E 80 22.18 9.63 -35.48
N ALA E 81 22.00 10.82 -34.89
CA ALA E 81 20.69 11.43 -34.52
C ALA E 81 19.87 11.66 -35.78
N ALA E 82 18.56 11.46 -35.68
CA ALA E 82 17.57 11.63 -36.76
C ALA E 82 16.30 12.26 -36.20
N PRO E 83 15.50 13.01 -37.00
CA PRO E 83 14.23 13.52 -36.52
C PRO E 83 13.35 12.35 -36.07
N SER E 84 13.37 11.24 -36.82
CA SER E 84 12.67 9.96 -36.54
C SER E 84 12.89 9.50 -35.10
N GLN E 85 13.85 10.12 -34.39
CA GLN E 85 14.22 9.77 -33.00
C GLN E 85 13.78 10.89 -32.03
N THR E 86 13.15 11.96 -32.53
CA THR E 86 12.57 13.06 -31.70
C THR E 86 11.39 12.49 -30.92
N SER E 87 11.61 12.18 -29.65
CA SER E 87 10.60 11.51 -28.78
C SER E 87 10.97 11.68 -27.31
N VAL E 88 10.15 11.11 -26.44
CA VAL E 88 10.35 11.04 -24.97
C VAL E 88 10.83 9.63 -24.68
N TYR E 89 12.00 9.48 -24.05
CA TYR E 89 12.61 8.19 -23.69
C TYR E 89 12.51 7.99 -22.19
N PHE E 90 11.86 6.91 -21.77
CA PHE E 90 11.79 6.46 -20.36
C PHE E 90 12.72 5.27 -20.14
N CYS E 91 13.24 5.16 -18.92
CA CYS E 91 14.13 4.08 -18.46
C CYS E 91 13.51 3.49 -17.22
N ALA E 92 13.34 2.19 -17.17
CA ALA E 92 12.60 1.53 -16.09
C ALA E 92 13.38 0.34 -15.57
N SER E 93 13.37 0.15 -14.27
CA SER E 93 13.96 -0.99 -13.57
C SER E 93 12.90 -1.66 -12.69
N SER E 94 13.02 -2.95 -12.51
CA SER E 94 12.38 -3.71 -11.41
C SER E 94 13.39 -4.66 -10.78
N TYR E 95 13.23 -4.95 -9.50
CA TYR E 95 14.04 -5.92 -8.74
C TYR E 95 14.00 -7.25 -9.48
N SER E 96 12.82 -7.59 -10.00
CA SER E 96 12.50 -8.90 -10.61
C SER E 96 11.74 -8.76 -11.93
N PHE E 97 12.22 -9.43 -13.00
CA PHE E 97 11.37 -9.97 -14.11
C PHE E 97 10.64 -11.20 -13.56
N THR E 98 10.09 -12.08 -14.39
CA THR E 98 9.61 -13.43 -13.95
C THR E 98 8.99 -13.39 -12.53
N GLU E 99 8.34 -12.30 -12.16
CA GLU E 99 7.76 -12.07 -10.80
C GLU E 99 7.04 -10.71 -10.77
N ALA E 100 5.81 -10.69 -10.26
CA ALA E 100 4.80 -9.62 -10.51
C ALA E 100 4.84 -8.57 -9.39
N THR E 101 4.83 -9.00 -8.13
CA THR E 101 4.79 -8.12 -6.93
C THR E 101 5.70 -6.91 -7.17
N TYR E 102 7.01 -7.15 -7.30
CA TYR E 102 8.04 -6.08 -7.36
C TYR E 102 7.69 -5.10 -8.47
N GLU E 103 7.78 -3.83 -8.14
CA GLU E 103 7.29 -2.71 -8.96
C GLU E 103 8.25 -2.56 -10.13
N GLN E 104 7.79 -1.87 -11.17
CA GLN E 104 8.61 -1.38 -12.28
C GLN E 104 8.62 0.14 -12.20
N TYR E 105 9.65 0.72 -11.58
CA TYR E 105 9.79 2.19 -11.42
C TYR E 105 10.28 2.77 -12.75
N PHE E 106 9.79 3.94 -13.10
CA PHE E 106 10.11 4.63 -14.36
C PHE E 106 10.97 5.84 -14.01
N GLY E 107 11.84 6.23 -14.91
CA GLY E 107 12.67 7.42 -14.74
C GLY E 107 11.82 8.66 -14.91
N PRO E 108 12.39 9.85 -14.71
CA PRO E 108 11.72 11.09 -15.05
C PRO E 108 11.64 11.31 -16.56
N GLY E 109 12.28 10.45 -17.34
CA GLY E 109 12.27 10.54 -18.80
C GLY E 109 13.20 11.61 -19.29
N THR E 110 13.75 11.41 -20.48
CA THR E 110 14.53 12.40 -21.25
C THR E 110 13.69 12.80 -22.45
N ARG E 111 13.44 14.09 -22.60
CA ARG E 111 12.65 14.66 -23.69
C ARG E 111 13.62 15.09 -24.79
N LEU E 112 13.53 14.47 -25.95
CA LEU E 112 14.52 14.64 -27.05
C LEU E 112 13.85 15.21 -28.29
N THR E 113 14.38 16.32 -28.81
CA THR E 113 14.03 16.91 -30.12
C THR E 113 15.29 16.88 -30.97
N VAL E 114 15.18 16.46 -32.24
CA VAL E 114 16.28 16.42 -33.23
C VAL E 114 15.85 17.24 -34.45
N THR E 115 16.66 18.23 -34.88
CA THR E 115 16.28 19.24 -35.91
C THR E 115 17.39 19.40 -36.95
N GLU E 116 17.01 19.40 -38.24
CA GLU E 116 17.94 19.44 -39.41
C GLU E 116 18.76 20.73 -39.43
N ASP E 117 18.16 21.85 -38.97
CA ASP E 117 18.79 23.20 -38.89
C ASP E 117 18.60 23.74 -37.45
N LEU E 118 19.69 24.03 -36.76
CA LEU E 118 19.68 24.40 -35.32
C LEU E 118 19.04 25.80 -35.13
N LYS E 119 18.87 26.55 -36.23
CA LYS E 119 18.23 27.89 -36.27
C LYS E 119 16.75 27.79 -35.88
N ASN E 120 16.14 26.60 -36.09
CA ASN E 120 14.71 26.30 -35.81
C ASN E 120 14.36 26.56 -34.34
N VAL E 121 15.35 26.59 -33.45
CA VAL E 121 15.14 26.73 -31.98
C VAL E 121 14.95 28.21 -31.64
N PHE E 122 13.84 28.53 -30.95
CA PHE E 122 13.48 29.91 -30.52
C PHE E 122 13.04 29.89 -29.07
N PRO E 123 13.31 30.97 -28.29
CA PRO E 123 12.80 31.09 -26.92
C PRO E 123 11.36 31.55 -26.92
N PRO E 124 10.59 31.26 -25.86
CA PRO E 124 9.19 31.68 -25.77
C PRO E 124 9.00 33.17 -25.48
N GLU E 125 7.99 33.76 -26.11
CA GLU E 125 7.42 35.10 -25.76
C GLU E 125 6.19 34.86 -24.87
N VAL E 126 6.20 35.41 -23.66
CA VAL E 126 5.18 35.16 -22.60
C VAL E 126 4.35 36.43 -22.37
N ALA E 127 3.07 36.30 -22.05
CA ALA E 127 2.14 37.41 -21.74
C ALA E 127 1.05 36.95 -20.78
N VAL E 128 0.85 37.68 -19.67
CA VAL E 128 -0.33 37.53 -18.77
C VAL E 128 -1.40 38.52 -19.21
N PHE E 129 -2.66 38.10 -19.13
CA PHE E 129 -3.86 38.87 -19.49
C PHE E 129 -4.72 39.01 -18.23
N GLU E 130 -5.03 40.28 -17.85
CA GLU E 130 -5.74 40.66 -16.59
C GLU E 130 -7.23 40.35 -16.75
N PRO E 131 -7.90 39.83 -15.67
CA PRO E 131 -9.28 39.37 -15.77
C PRO E 131 -10.24 40.47 -16.23
N SER E 132 -11.34 40.07 -16.88
CA SER E 132 -12.35 40.96 -17.50
C SER E 132 -13.22 41.59 -16.40
N GLU E 133 -13.48 42.89 -16.47
CA GLU E 133 -14.51 43.56 -15.62
C GLU E 133 -15.77 42.68 -15.65
N ALA E 134 -16.22 42.32 -16.86
CA ALA E 134 -17.42 41.51 -17.14
C ALA E 134 -17.40 40.23 -16.29
N GLU E 135 -16.26 39.54 -16.24
CA GLU E 135 -16.09 38.25 -15.51
C GLU E 135 -16.21 38.49 -14.00
N ILE E 136 -15.63 39.59 -13.50
CA ILE E 136 -15.50 39.80 -12.03
C ILE E 136 -16.85 40.21 -11.46
N SER E 137 -17.71 40.88 -12.24
CA SER E 137 -19.09 41.26 -11.80
C SER E 137 -20.05 40.07 -12.03
N HIS E 138 -20.02 39.45 -13.22
CA HIS E 138 -20.98 38.39 -13.65
C HIS E 138 -20.77 37.11 -12.84
N THR E 139 -19.58 36.93 -12.27
CA THR E 139 -19.14 35.64 -11.64
C THR E 139 -18.67 35.86 -10.20
N GLN E 140 -18.15 37.04 -9.87
CA GLN E 140 -17.56 37.37 -8.54
C GLN E 140 -16.21 36.63 -8.44
N LYS E 141 -15.51 36.47 -9.58
CA LYS E 141 -14.26 35.65 -9.70
C LYS E 141 -13.40 36.19 -10.85
N ALA E 142 -12.07 36.11 -10.67
CA ALA E 142 -11.03 36.61 -11.61
C ALA E 142 -10.24 35.43 -12.18
N THR E 143 -10.17 35.34 -13.51
CA THR E 143 -9.35 34.36 -14.26
C THR E 143 -8.26 35.14 -15.00
N LEU E 144 -6.99 34.87 -14.67
CA LEU E 144 -5.80 35.37 -15.41
C LEU E 144 -5.42 34.34 -16.45
N VAL E 145 -5.08 34.77 -17.66
CA VAL E 145 -4.66 33.86 -18.75
C VAL E 145 -3.20 34.15 -19.08
N CYS E 146 -2.41 33.10 -19.28
CA CYS E 146 -0.99 33.18 -19.70
C CYS E 146 -0.82 32.51 -21.07
N LEU E 147 0.20 32.93 -21.82
CA LEU E 147 0.33 32.66 -23.26
C LEU E 147 1.80 32.75 -23.69
N ALA E 148 2.49 31.61 -23.68
CA ALA E 148 3.87 31.44 -24.21
C ALA E 148 3.77 31.07 -25.70
N THR E 149 4.41 31.84 -26.59
CA THR E 149 4.27 31.70 -28.07
C THR E 149 5.61 31.80 -28.77
N GLY E 150 5.69 31.20 -29.96
CA GLY E 150 6.88 31.16 -30.85
C GLY E 150 8.10 30.52 -30.20
N PHE E 151 7.97 29.27 -29.70
CA PHE E 151 9.07 28.50 -29.06
C PHE E 151 9.17 27.11 -29.67
N TYR E 152 10.39 26.53 -29.66
CA TYR E 152 10.76 25.19 -30.23
C TYR E 152 12.14 24.81 -29.70
N PRO E 153 12.34 23.63 -29.06
CA PRO E 153 11.39 22.51 -29.10
C PRO E 153 10.17 22.61 -28.18
N ASP E 154 9.29 21.61 -28.32
CA ASP E 154 7.90 21.64 -27.83
C ASP E 154 7.87 21.41 -26.32
N HIS E 155 8.88 21.87 -25.57
CA HIS E 155 8.75 21.79 -24.11
C HIS E 155 9.51 22.88 -23.33
N VAL E 156 8.94 23.07 -22.15
CA VAL E 156 8.96 24.19 -21.20
C VAL E 156 8.10 23.74 -20.02
N GLU E 157 8.35 24.28 -18.83
CA GLU E 157 7.47 24.14 -17.63
C GLU E 157 6.93 25.52 -17.32
N LEU E 158 5.74 25.56 -16.76
CA LEU E 158 4.92 26.80 -16.63
C LEU E 158 4.14 26.73 -15.32
N SER E 159 4.64 27.39 -14.28
CA SER E 159 3.96 27.52 -12.97
C SER E 159 3.56 28.98 -12.76
N TRP E 160 2.65 29.20 -11.81
CA TRP E 160 2.18 30.54 -11.41
C TRP E 160 2.78 30.89 -10.05
N TRP E 161 3.36 32.09 -9.92
CA TRP E 161 4.00 32.59 -8.68
C TRP E 161 3.26 33.84 -8.20
N VAL E 162 2.38 33.64 -7.22
CA VAL E 162 1.57 34.72 -6.60
C VAL E 162 2.28 35.15 -5.31
N ASN E 163 2.87 36.36 -5.33
CA ASN E 163 3.59 37.03 -4.21
C ASN E 163 4.95 36.35 -3.99
N GLY E 164 5.51 35.74 -5.03
CA GLY E 164 6.84 35.10 -4.99
C GLY E 164 6.81 33.66 -4.51
N LYS E 165 5.66 33.16 -4.04
CA LYS E 165 5.46 31.75 -3.59
C LYS E 165 4.63 31.02 -4.64
N GLU E 166 5.07 29.83 -5.06
CA GLU E 166 4.45 28.98 -6.13
C GLU E 166 3.07 28.53 -5.66
N VAL E 167 2.07 28.40 -6.58
CA VAL E 167 0.65 28.06 -6.23
C VAL E 167 0.07 27.03 -7.21
N HIS E 168 -0.72 26.07 -6.71
CA HIS E 168 -1.21 24.85 -7.43
C HIS E 168 -2.71 24.66 -7.18
N SER E 169 -3.47 25.74 -7.12
CA SER E 169 -4.93 25.76 -6.88
C SER E 169 -5.60 26.81 -7.77
N GLY E 170 -6.63 26.40 -8.51
CA GLY E 170 -7.28 27.22 -9.56
C GLY E 170 -6.31 27.51 -10.68
N VAL E 171 -5.45 26.54 -10.98
CA VAL E 171 -4.48 26.60 -12.09
C VAL E 171 -4.88 25.56 -13.10
N CYS E 172 -4.73 25.86 -14.39
CA CYS E 172 -4.96 24.88 -15.51
C CYS E 172 -4.05 25.21 -16.69
N THR E 173 -3.06 24.35 -16.92
CA THR E 173 -2.13 24.41 -18.08
C THR E 173 -2.58 23.37 -19.11
N ASP E 174 -2.41 23.67 -20.40
CA ASP E 174 -2.85 22.76 -21.49
C ASP E 174 -2.04 21.47 -21.40
N PRO E 175 -2.71 20.29 -21.38
CA PRO E 175 -2.02 19.02 -21.48
C PRO E 175 -0.78 19.02 -22.38
N GLN E 176 -0.84 19.58 -23.59
CA GLN E 176 0.31 19.58 -24.56
C GLN E 176 0.36 20.90 -25.33
N PRO E 177 1.52 21.63 -25.32
CA PRO E 177 1.65 22.87 -26.08
C PRO E 177 1.26 22.68 -27.56
N LEU E 178 0.25 23.42 -28.03
CA LEU E 178 -0.31 23.27 -29.40
C LEU E 178 0.57 24.01 -30.42
N LYS E 179 0.38 23.66 -31.69
CA LYS E 179 1.34 23.84 -32.80
C LYS E 179 0.91 25.03 -33.65
N GLU E 180 1.72 26.10 -33.70
CA GLU E 180 1.41 27.39 -34.40
C GLU E 180 1.07 27.12 -35.89
N GLN E 181 1.69 26.10 -36.50
CA GLN E 181 1.40 25.65 -37.89
C GLN E 181 1.38 24.12 -37.97
N PRO E 182 0.27 23.42 -37.64
CA PRO E 182 0.27 21.95 -37.60
C PRO E 182 0.77 21.33 -38.91
N ALA E 183 0.46 21.96 -40.04
CA ALA E 183 0.79 21.50 -41.41
C ALA E 183 2.31 21.45 -41.62
N LEU E 184 3.02 22.57 -41.41
CA LEU E 184 4.51 22.66 -41.49
C LEU E 184 5.11 21.71 -40.43
N ASN E 185 6.19 21.02 -40.78
CA ASN E 185 6.71 19.86 -40.00
C ASN E 185 7.50 20.35 -38.79
N ASP E 186 8.38 21.33 -38.99
CA ASP E 186 9.40 21.82 -38.03
C ASP E 186 8.84 22.94 -37.11
N SER E 187 7.51 23.18 -37.13
CA SER E 187 6.85 24.47 -36.77
C SER E 187 6.97 24.82 -35.29
N ARG E 188 6.98 26.13 -35.00
CA ARG E 188 7.01 26.72 -33.63
C ARG E 188 5.76 26.29 -32.87
N TYR E 189 5.76 26.44 -31.54
CA TYR E 189 4.67 25.99 -30.64
C TYR E 189 4.12 27.18 -29.86
N ALA E 190 3.14 26.94 -28.99
CA ALA E 190 2.56 27.94 -28.06
C ALA E 190 1.73 27.22 -27.00
N LEU E 191 1.75 27.71 -25.77
CA LEU E 191 1.10 27.07 -24.59
C LEU E 191 0.41 28.15 -23.74
N SER E 192 -0.81 27.84 -23.26
CA SER E 192 -1.68 28.76 -22.46
C SER E 192 -2.05 28.11 -21.13
N SER E 193 -2.14 28.92 -20.08
CA SER E 193 -2.54 28.51 -18.72
C SER E 193 -3.51 29.54 -18.11
N ARG E 194 -4.20 29.13 -17.04
CA ARG E 194 -5.27 29.90 -16.38
C ARG E 194 -5.02 29.88 -14.88
N LEU E 195 -5.05 31.06 -14.27
CA LEU E 195 -5.16 31.23 -12.80
C LEU E 195 -6.51 31.89 -12.49
N ARG E 196 -7.28 31.26 -11.61
CA ARG E 196 -8.58 31.77 -11.10
C ARG E 196 -8.48 31.92 -9.57
N VAL E 197 -8.96 33.05 -9.05
CA VAL E 197 -8.93 33.41 -7.61
C VAL E 197 -10.16 34.23 -7.28
N SER E 198 -10.57 34.28 -6.01
CA SER E 198 -11.69 35.15 -5.53
C SER E 198 -11.53 36.55 -6.15
N ALA E 199 -12.62 37.16 -6.62
CA ALA E 199 -12.66 38.53 -7.20
C ALA E 199 -11.81 39.48 -6.34
N THR E 200 -12.03 39.49 -5.02
CA THR E 200 -11.43 40.44 -4.04
C THR E 200 -9.95 40.17 -3.80
N PHE E 201 -9.45 38.98 -4.13
CA PHE E 201 -7.99 38.70 -4.15
C PHE E 201 -7.36 39.61 -5.20
N TRP E 202 -7.94 39.62 -6.40
CA TRP E 202 -7.49 40.44 -7.55
C TRP E 202 -7.72 41.94 -7.26
N GLN E 203 -8.75 42.29 -6.46
CA GLN E 203 -9.18 43.71 -6.19
C GLN E 203 -8.12 44.46 -5.36
N ASP E 204 -7.32 43.72 -4.59
CA ASP E 204 -6.28 44.18 -3.65
C ASP E 204 -4.98 44.44 -4.43
N PRO E 205 -4.43 45.68 -4.45
CA PRO E 205 -3.28 46.01 -5.30
C PRO E 205 -1.93 45.66 -4.67
N ARG E 206 -1.96 44.97 -3.51
CA ARG E 206 -0.77 44.51 -2.75
C ARG E 206 -0.45 43.06 -3.15
N ASN E 207 -1.43 42.37 -3.76
CA ASN E 207 -1.29 41.01 -4.33
C ASN E 207 -0.62 41.12 -5.70
N HIS E 208 0.43 40.32 -5.92
CA HIS E 208 1.27 40.31 -7.15
C HIS E 208 1.21 38.92 -7.79
N PHE E 209 1.13 38.87 -9.14
CA PHE E 209 0.99 37.64 -9.99
C PHE E 209 2.09 37.62 -11.05
N ARG E 210 2.83 36.52 -11.14
CA ARG E 210 3.76 36.28 -12.27
C ARG E 210 3.48 34.89 -12.86
N CYS E 211 3.33 34.87 -14.18
CA CYS E 211 3.35 33.64 -15.01
C CYS E 211 4.79 33.39 -15.44
N GLN E 212 5.34 32.21 -15.11
CA GLN E 212 6.76 31.83 -15.34
C GLN E 212 6.84 30.61 -16.24
N VAL E 213 7.69 30.67 -17.28
CA VAL E 213 7.94 29.59 -18.26
C VAL E 213 9.43 29.34 -18.35
N GLN E 214 9.87 28.17 -17.88
CA GLN E 214 11.25 27.67 -18.03
C GLN E 214 11.42 27.07 -19.41
N PHE E 215 12.30 27.62 -20.25
CA PHE E 215 12.62 27.09 -21.60
C PHE E 215 13.85 26.20 -21.53
N TYR E 216 13.84 25.07 -22.25
CA TYR E 216 14.99 24.14 -22.36
C TYR E 216 15.48 24.14 -23.80
N GLY E 217 16.41 25.06 -24.12
CA GLY E 217 16.94 25.30 -25.46
C GLY E 217 18.37 24.83 -25.62
N LEU E 218 19.24 25.68 -26.16
CA LEU E 218 20.66 25.36 -26.43
C LEU E 218 21.42 25.38 -25.09
N SER E 219 22.75 25.19 -25.14
CA SER E 219 23.67 25.33 -23.99
C SER E 219 24.76 26.37 -24.35
N GLU E 220 25.43 26.92 -23.33
CA GLU E 220 26.52 27.94 -23.48
C GLU E 220 27.56 27.43 -24.53
N ASN E 221 27.84 26.13 -24.58
CA ASN E 221 28.91 25.51 -25.42
C ASN E 221 28.52 25.47 -26.92
N ASP E 222 27.22 25.40 -27.26
CA ASP E 222 26.70 25.30 -28.68
C ASP E 222 27.09 26.56 -29.46
N GLU E 223 27.53 26.39 -30.71
CA GLU E 223 28.00 27.51 -31.58
C GLU E 223 26.77 28.24 -32.13
N TRP E 224 26.92 29.53 -32.49
CA TRP E 224 25.81 30.45 -32.84
C TRP E 224 26.31 31.65 -33.68
N THR E 225 25.97 31.68 -34.98
CA THR E 225 26.49 32.67 -35.97
C THR E 225 25.44 33.76 -36.26
N GLN E 226 24.28 33.75 -35.57
CA GLN E 226 23.03 34.41 -36.04
C GLN E 226 23.01 35.88 -35.57
N ASP E 227 21.95 36.62 -35.93
CA ASP E 227 21.77 38.06 -35.58
C ASP E 227 20.88 38.18 -34.33
N ARG E 228 19.90 37.29 -34.19
CA ARG E 228 18.93 37.29 -33.06
C ARG E 228 19.61 36.71 -31.79
N ALA E 229 18.94 36.87 -30.64
CA ALA E 229 19.38 36.42 -29.29
C ALA E 229 19.70 34.93 -29.32
N LYS E 230 20.74 34.51 -28.61
CA LYS E 230 21.16 33.08 -28.53
C LYS E 230 20.13 32.31 -27.73
N PRO E 231 19.44 31.30 -28.32
CA PRO E 231 18.32 30.63 -27.67
C PRO E 231 18.74 29.61 -26.62
N VAL E 232 19.56 30.04 -25.66
CA VAL E 232 20.01 29.25 -24.50
C VAL E 232 18.79 28.89 -23.66
N THR E 233 18.83 27.74 -22.98
CA THR E 233 17.93 27.38 -21.86
C THR E 233 17.86 28.58 -20.90
N GLN E 234 16.64 29.00 -20.57
CA GLN E 234 16.35 30.25 -19.84
C GLN E 234 14.96 30.17 -19.19
N ILE E 235 14.63 31.19 -18.41
CA ILE E 235 13.27 31.43 -17.84
C ILE E 235 12.73 32.69 -18.47
N VAL E 236 11.49 32.67 -18.96
CA VAL E 236 10.78 33.89 -19.46
C VAL E 236 9.40 33.95 -18.78
N SER E 237 9.11 35.09 -18.16
CA SER E 237 7.88 35.37 -17.38
C SER E 237 7.29 36.69 -17.82
N ALA E 238 6.01 36.89 -17.50
CA ALA E 238 5.30 38.17 -17.61
C ALA E 238 4.59 38.39 -16.28
N GLU E 239 4.37 39.66 -15.93
CA GLU E 239 3.93 40.11 -14.59
C GLU E 239 2.56 40.81 -14.69
N ALA E 240 1.75 40.69 -13.64
CA ALA E 240 0.54 41.50 -13.39
C ALA E 240 0.48 41.87 -11.90
N TRP E 241 -0.15 43.00 -11.58
CA TRP E 241 -0.54 43.42 -10.20
C TRP E 241 -2.06 43.45 -10.11
N GLY E 242 -2.61 43.24 -8.92
CA GLY E 242 -4.03 43.44 -8.62
C GLY E 242 -4.48 44.87 -8.92
N ARG E 243 -5.77 45.12 -8.83
CA ARG E 243 -6.41 46.37 -9.34
C ARG E 243 -7.76 46.57 -8.66
N ALA E 244 -8.06 47.81 -8.22
CA ALA E 244 -9.38 48.22 -7.69
C ALA E 244 -10.39 48.45 -8.85
N ASP E 245 -10.10 47.93 -10.07
CA ASP E 245 -11.06 47.76 -11.21
C ASP E 245 -11.15 46.25 -11.54
N GLY F 1 -3.03 42.46 3.15
CA GLY F 1 -3.48 41.27 3.97
C GLY F 1 -2.64 40.04 3.72
N SER F 2 -3.07 38.91 4.29
CA SER F 2 -2.58 37.51 4.03
C SER F 2 -2.14 36.90 5.37
N HIS F 3 -2.25 35.58 5.52
CA HIS F 3 -2.08 34.88 6.82
C HIS F 3 -1.75 33.40 6.59
N SER F 4 -1.08 32.78 7.57
CA SER F 4 -0.77 31.32 7.60
C SER F 4 -1.00 30.78 9.01
N MET F 5 -1.40 29.52 9.12
CA MET F 5 -1.26 28.69 10.34
C MET F 5 -0.30 27.55 10.03
N ARG F 6 0.65 27.27 10.92
CA ARG F 6 1.71 26.22 10.77
C ARG F 6 2.00 25.57 12.11
N TYR F 7 2.15 24.25 12.12
CA TYR F 7 2.55 23.47 13.30
C TYR F 7 3.95 22.85 13.01
N PHE F 8 4.94 23.13 13.87
CA PHE F 8 6.33 22.61 13.82
C PHE F 8 6.51 21.62 14.96
N PHE F 9 6.99 20.42 14.67
CA PHE F 9 7.25 19.33 15.64
C PHE F 9 8.70 18.85 15.52
N THR F 10 9.40 18.67 16.65
CA THR F 10 10.84 18.30 16.68
C THR F 10 11.06 17.19 17.72
N SER F 11 11.60 16.05 17.25
CA SER F 11 11.94 14.84 18.04
C SER F 11 13.46 14.57 17.90
N VAL F 12 14.21 14.72 19.00
CA VAL F 12 15.68 14.48 19.06
C VAL F 12 15.92 13.36 20.08
N SER F 13 16.62 12.29 19.66
CA SER F 13 16.89 11.05 20.45
C SER F 13 18.08 11.31 21.34
N ARG F 14 17.99 10.99 22.63
CA ARG F 14 19.15 11.13 23.53
C ARG F 14 19.52 9.75 24.05
N PRO F 15 20.48 9.07 23.36
CA PRO F 15 20.84 7.69 23.68
C PRO F 15 21.27 7.46 25.14
N GLY F 16 20.73 6.39 25.75
CA GLY F 16 21.08 5.90 27.10
C GLY F 16 20.29 6.61 28.22
N ARG F 17 19.44 7.55 27.84
CA ARG F 17 18.83 8.55 28.77
C ARG F 17 17.32 8.63 28.46
N GLY F 18 16.70 7.46 28.28
CA GLY F 18 15.23 7.28 28.14
C GLY F 18 14.68 7.92 26.88
N GLU F 19 13.37 8.25 26.87
CA GLU F 19 12.62 8.65 25.65
C GLU F 19 13.28 9.87 25.02
N PRO F 20 12.96 10.17 23.74
CA PRO F 20 13.45 11.38 23.08
C PRO F 20 12.77 12.65 23.60
N ARG F 21 13.40 13.78 23.28
CA ARG F 21 12.88 15.12 23.53
C ARG F 21 11.95 15.49 22.40
N PHE F 22 10.73 15.86 22.72
CA PHE F 22 9.68 16.31 21.77
C PHE F 22 9.34 17.76 22.08
N ILE F 23 9.33 18.62 21.07
CA ILE F 23 9.01 20.07 21.17
C ILE F 23 8.19 20.48 19.94
N ALA F 24 6.88 20.65 20.15
CA ALA F 24 5.89 21.07 19.14
C ALA F 24 5.40 22.47 19.46
N VAL F 25 5.29 23.33 18.44
CA VAL F 25 4.86 24.74 18.57
C VAL F 25 3.97 25.14 17.40
N GLY F 26 2.88 25.84 17.69
CA GLY F 26 1.90 26.35 16.71
C GLY F 26 2.09 27.83 16.49
N TYR F 27 2.34 28.22 15.24
CA TYR F 27 2.39 29.64 14.78
C TYR F 27 1.10 29.98 14.01
N VAL F 28 0.52 31.15 14.27
CA VAL F 28 -0.38 31.85 13.30
C VAL F 28 0.38 33.07 12.83
N ASP F 29 0.72 33.14 11.56
CA ASP F 29 1.67 34.13 11.00
C ASP F 29 2.99 34.05 11.79
N ASP F 30 3.58 35.19 12.14
CA ASP F 30 4.85 35.31 12.89
C ASP F 30 4.56 35.30 14.41
N THR F 31 3.45 34.70 14.87
CA THR F 31 3.01 34.69 16.29
C THR F 31 2.87 33.25 16.77
N GLN F 32 3.64 32.83 17.77
CA GLN F 32 3.47 31.53 18.47
C GLN F 32 2.15 31.57 19.22
N PHE F 33 1.45 30.45 19.41
CA PHE F 33 0.18 30.42 20.18
C PHE F 33 0.05 29.16 21.07
N VAL F 34 0.65 28.04 20.68
CA VAL F 34 0.70 26.82 21.55
C VAL F 34 2.06 26.19 21.48
N ARG F 35 2.33 25.33 22.45
CA ARG F 35 3.59 24.60 22.59
C ARG F 35 3.33 23.31 23.39
N PHE F 36 4.10 22.27 23.12
CA PHE F 36 4.24 21.09 23.98
C PHE F 36 5.74 20.83 24.18
N ASP F 37 6.13 20.42 25.37
CA ASP F 37 7.53 20.02 25.67
C ASP F 37 7.52 18.73 26.47
N SER F 38 8.17 17.71 25.95
CA SER F 38 8.17 16.35 26.55
C SER F 38 8.75 16.46 27.95
N ASP F 39 9.59 17.47 28.20
CA ASP F 39 10.30 17.67 29.50
C ASP F 39 9.40 18.39 30.49
N ALA F 40 8.63 19.40 30.05
CA ALA F 40 7.81 20.28 30.91
C ALA F 40 6.90 19.45 31.86
N ALA F 41 6.62 19.98 33.06
CA ALA F 41 5.95 19.29 34.21
C ALA F 41 4.53 18.84 33.83
N SER F 42 3.83 19.63 33.02
CA SER F 42 2.36 19.54 32.75
C SER F 42 2.03 18.34 31.85
N GLN F 43 2.73 18.15 30.73
CA GLN F 43 2.42 17.09 29.73
C GLN F 43 1.05 17.39 29.12
N ARG F 44 0.78 18.68 28.91
CA ARG F 44 -0.43 19.20 28.23
C ARG F 44 -0.01 20.26 27.24
N MET F 45 -0.80 20.47 26.20
CA MET F 45 -0.61 21.63 25.31
C MET F 45 -0.82 22.89 26.15
N GLU F 46 0.11 23.83 26.04
CA GLU F 46 0.13 25.09 26.81
C GLU F 46 -0.12 26.23 25.83
N PRO F 47 -0.94 27.25 26.20
CA PRO F 47 -1.16 28.43 25.37
C PRO F 47 -0.01 29.43 25.46
N ARG F 48 0.13 30.31 24.47
CA ARG F 48 1.22 31.34 24.43
C ARG F 48 0.66 32.72 24.10
N ALA F 49 -0.19 32.80 23.09
CA ALA F 49 -1.02 33.98 22.77
C ALA F 49 -2.20 34.04 23.74
N PRO F 50 -2.81 35.23 23.98
CA PRO F 50 -3.96 35.33 24.88
C PRO F 50 -5.20 34.62 24.32
N TRP F 51 -5.63 35.01 23.11
CA TRP F 51 -6.91 34.63 22.46
C TRP F 51 -7.18 33.12 22.48
N ILE F 52 -6.17 32.28 22.40
CA ILE F 52 -6.39 30.79 22.41
C ILE F 52 -6.67 30.32 23.85
N GLU F 53 -6.65 31.20 24.87
CA GLU F 53 -6.93 30.79 26.28
C GLU F 53 -8.45 30.65 26.47
N GLN F 54 -9.24 31.19 25.54
CA GLN F 54 -10.72 31.20 25.65
C GLN F 54 -11.31 29.90 25.10
N GLU F 55 -10.49 28.91 24.76
CA GLU F 55 -10.96 27.55 24.40
C GLU F 55 -11.08 26.78 25.71
N GLY F 56 -11.96 25.78 25.74
CA GLY F 56 -12.34 25.04 26.96
C GLY F 56 -11.76 23.64 27.01
N PRO F 57 -12.02 22.88 28.11
CA PRO F 57 -11.50 21.53 28.26
C PRO F 57 -11.50 20.70 26.96
N GLU F 58 -12.60 20.74 26.20
CA GLU F 58 -12.72 20.04 24.89
C GLU F 58 -11.44 20.28 24.10
N TYR F 59 -11.04 21.53 23.91
CA TYR F 59 -9.98 21.96 22.96
C TYR F 59 -8.65 21.39 23.40
N TRP F 60 -8.34 21.51 24.69
CA TRP F 60 -7.02 21.20 25.26
C TRP F 60 -6.86 19.70 25.37
N ASP F 61 -7.85 18.99 25.92
CA ASP F 61 -7.81 17.51 26.03
C ASP F 61 -7.47 16.94 24.64
N GLY F 62 -8.11 17.47 23.59
CA GLY F 62 -7.93 17.04 22.21
C GLY F 62 -6.57 17.40 21.66
N GLU F 63 -6.17 18.64 21.80
CA GLU F 63 -4.86 19.13 21.30
C GLU F 63 -3.72 18.45 22.06
N THR F 64 -3.95 18.06 23.32
CA THR F 64 -2.97 17.34 24.18
C THR F 64 -2.79 15.92 23.63
N ARG F 65 -3.88 15.18 23.43
CA ARG F 65 -3.91 13.83 22.81
C ARG F 65 -3.20 13.82 21.46
N LYS F 66 -3.61 14.70 20.55
CA LYS F 66 -3.07 14.79 19.16
C LYS F 66 -1.54 14.95 19.22
N VAL F 67 -1.06 15.90 20.00
CA VAL F 67 0.38 16.29 20.04
C VAL F 67 1.18 15.24 20.83
N LYS F 68 0.66 14.71 21.95
CA LYS F 68 1.23 13.50 22.61
C LYS F 68 1.45 12.41 21.57
N ALA F 69 0.46 12.15 20.72
CA ALA F 69 0.50 11.12 19.67
C ALA F 69 1.60 11.43 18.64
N HIS F 70 1.60 12.66 18.10
CA HIS F 70 2.69 13.20 17.24
C HIS F 70 4.05 12.82 17.82
N SER F 71 4.22 12.92 19.15
CA SER F 71 5.48 12.59 19.87
C SER F 71 5.70 11.08 19.81
N GLN F 72 4.73 10.28 20.27
CA GLN F 72 4.80 8.78 20.25
C GLN F 72 5.02 8.30 18.80
N THR F 73 4.43 9.00 17.81
CA THR F 73 4.60 8.71 16.36
C THR F 73 6.07 8.90 16.00
N HIS F 74 6.70 9.96 16.50
CA HIS F 74 8.13 10.28 16.27
C HIS F 74 9.05 9.29 17.04
N ARG F 75 8.73 9.01 18.30
CA ARG F 75 9.40 7.97 19.14
C ARG F 75 9.67 6.75 18.27
N VAL F 76 8.61 6.20 17.66
CA VAL F 76 8.66 5.01 16.75
C VAL F 76 9.56 5.32 15.56
N ASP F 77 9.30 6.43 14.86
CA ASP F 77 9.97 6.83 13.58
C ASP F 77 11.49 6.74 13.71
N LEU F 78 12.01 7.19 14.85
CA LEU F 78 13.44 7.10 15.16
C LEU F 78 13.83 5.61 15.19
N GLY F 79 13.09 4.80 15.97
CA GLY F 79 13.24 3.32 16.03
C GLY F 79 13.41 2.77 14.63
N THR F 80 12.42 3.03 13.78
CA THR F 80 12.34 2.62 12.37
C THR F 80 13.54 3.14 11.56
N LEU F 81 13.74 4.45 11.51
CA LEU F 81 14.70 5.10 10.57
C LEU F 81 16.15 4.61 10.80
N ARG F 82 16.43 4.02 11.96
CA ARG F 82 17.74 3.37 12.24
C ARG F 82 17.86 2.08 11.42
N GLY F 83 16.87 1.21 11.50
CA GLY F 83 16.76 0.03 10.63
C GLY F 83 16.93 0.44 9.18
N TYR F 84 16.06 1.35 8.70
CA TYR F 84 15.96 1.80 7.29
C TYR F 84 17.29 2.38 6.79
N TYR F 85 18.10 3.00 7.65
CA TYR F 85 19.39 3.67 7.27
C TYR F 85 20.62 2.86 7.72
N ASN F 86 20.42 1.95 8.69
CA ASN F 86 21.47 1.06 9.22
C ASN F 86 22.43 1.89 10.07
N GLN F 87 21.85 2.62 11.04
CA GLN F 87 22.55 3.60 11.91
C GLN F 87 22.61 3.09 13.35
N SER F 88 23.57 3.64 14.10
CA SER F 88 23.89 3.38 15.52
C SER F 88 22.70 3.76 16.43
N GLU F 89 22.46 2.93 17.45
CA GLU F 89 21.54 3.22 18.58
C GLU F 89 22.20 4.26 19.51
N ALA F 90 23.52 4.50 19.30
CA ALA F 90 24.44 5.34 20.10
C ALA F 90 24.43 6.81 19.68
N GLY F 91 24.17 7.11 18.41
CA GLY F 91 24.05 8.49 17.90
C GLY F 91 22.68 9.10 18.21
N SER F 92 22.64 10.40 18.44
CA SER F 92 21.39 11.19 18.59
C SER F 92 20.93 11.66 17.21
N HIS F 93 19.73 11.24 16.78
CA HIS F 93 19.17 11.60 15.45
C HIS F 93 17.98 12.53 15.65
N THR F 94 17.63 13.30 14.62
CA THR F 94 16.56 14.33 14.64
C THR F 94 15.52 14.02 13.57
N VAL F 95 14.24 13.98 13.94
CA VAL F 95 13.08 14.06 12.99
C VAL F 95 12.40 15.43 13.21
N GLN F 96 12.05 16.11 12.12
CA GLN F 96 11.30 17.38 12.11
C GLN F 96 10.08 17.20 11.20
N ARG F 97 8.89 17.55 11.69
CA ARG F 97 7.64 17.57 10.88
C ARG F 97 7.08 18.98 10.92
N MET F 98 6.72 19.53 9.76
CA MET F 98 6.11 20.87 9.64
C MET F 98 4.96 20.80 8.62
N TYR F 99 3.72 21.16 9.05
CA TYR F 99 2.53 21.31 8.17
C TYR F 99 1.78 22.61 8.50
N GLY F 100 0.98 23.08 7.53
CA GLY F 100 0.14 24.28 7.66
C GLY F 100 -0.50 24.70 6.33
N CYS F 101 -1.25 25.81 6.34
CA CYS F 101 -1.98 26.38 5.18
C CYS F 101 -1.72 27.88 5.08
N ASP F 102 -1.80 28.42 3.87
CA ASP F 102 -1.77 29.87 3.58
C ASP F 102 -3.14 30.32 3.07
N VAL F 103 -3.46 31.61 3.26
CA VAL F 103 -4.71 32.23 2.77
C VAL F 103 -4.39 33.66 2.31
N GLY F 104 -5.10 34.15 1.29
CA GLY F 104 -4.96 35.52 0.76
C GLY F 104 -5.67 36.55 1.62
N SER F 105 -5.74 37.82 1.16
CA SER F 105 -6.56 38.90 1.75
C SER F 105 -7.95 38.35 2.06
N ASP F 106 -8.49 37.55 1.14
CA ASP F 106 -9.88 37.03 1.17
C ASP F 106 -10.04 35.96 2.26
N TRP F 107 -8.97 35.50 2.88
CA TRP F 107 -8.97 34.39 3.88
C TRP F 107 -9.27 33.04 3.19
N ARG F 108 -9.23 32.99 1.85
CA ARG F 108 -9.53 31.77 1.08
C ARG F 108 -8.21 31.05 0.75
N PHE F 109 -8.23 29.73 0.94
CA PHE F 109 -7.08 28.82 0.77
C PHE F 109 -6.25 29.21 -0.46
N LEU F 110 -4.92 29.19 -0.27
CA LEU F 110 -3.89 29.50 -1.30
C LEU F 110 -2.94 28.29 -1.49
N ARG F 111 -2.48 27.68 -0.40
CA ARG F 111 -1.39 26.67 -0.37
C ARG F 111 -1.43 25.86 0.92
N GLY F 112 -1.24 24.54 0.83
CA GLY F 112 -0.97 23.63 1.96
C GLY F 112 0.40 22.97 1.83
N TYR F 113 0.97 22.52 2.93
CA TYR F 113 2.30 21.87 2.96
C TYR F 113 2.43 20.93 4.14
N HIS F 114 3.14 19.83 3.90
CA HIS F 114 3.51 18.81 4.92
C HIS F 114 4.85 18.22 4.54
N GLN F 115 5.89 18.52 5.33
CA GLN F 115 7.29 18.11 5.06
C GLN F 115 7.85 17.42 6.29
N TYR F 116 8.88 16.60 6.05
CA TYR F 116 9.49 15.66 7.01
C TYR F 116 10.98 15.56 6.64
N ALA F 117 11.85 15.79 7.60
CA ALA F 117 13.32 15.68 7.44
C ALA F 117 13.86 14.81 8.56
N TYR F 118 14.74 13.85 8.21
CA TYR F 118 15.54 13.05 9.16
C TYR F 118 16.91 13.67 9.15
N ASP F 119 17.43 14.02 10.33
CA ASP F 119 18.77 14.59 10.53
C ASP F 119 18.97 15.84 9.64
N GLY F 120 17.91 16.65 9.46
CA GLY F 120 17.99 18.01 8.89
C GLY F 120 18.22 18.05 7.38
N LYS F 121 17.98 16.94 6.69
CA LYS F 121 17.81 16.91 5.21
C LYS F 121 16.40 16.44 4.94
N ASP F 122 15.76 16.95 3.86
CA ASP F 122 14.47 16.43 3.34
C ASP F 122 14.51 14.89 3.31
N TYR F 123 13.42 14.26 3.77
CA TYR F 123 13.19 12.77 3.75
C TYR F 123 12.07 12.47 2.74
N ILE F 124 10.81 12.76 3.14
CA ILE F 124 9.60 12.72 2.27
C ILE F 124 8.79 14.00 2.49
N ALA F 125 8.61 14.79 1.44
CA ALA F 125 7.77 16.01 1.44
C ALA F 125 6.63 15.86 0.43
N LEU F 126 5.46 16.40 0.81
CA LEU F 126 4.21 16.42 0.02
C LEU F 126 4.31 17.51 -1.04
N LYS F 127 4.17 17.15 -2.34
CA LYS F 127 4.25 18.13 -3.47
C LYS F 127 3.09 19.11 -3.33
N GLU F 128 3.08 20.17 -4.15
CA GLU F 128 2.18 21.36 -3.92
C GLU F 128 0.72 20.94 -4.11
N ASP F 129 0.41 20.20 -5.17
CA ASP F 129 -0.95 19.69 -5.51
C ASP F 129 -1.60 18.92 -4.35
N LEU F 130 -0.79 18.37 -3.43
CA LEU F 130 -1.21 17.62 -2.19
C LEU F 130 -1.66 16.20 -2.53
N ARG F 131 -1.44 15.75 -3.77
CA ARG F 131 -1.82 14.40 -4.25
C ARG F 131 -0.57 13.53 -4.37
N SER F 132 0.59 14.15 -4.61
CA SER F 132 1.88 13.45 -4.90
C SER F 132 2.77 13.40 -3.64
N TRP F 133 3.93 12.77 -3.74
CA TRP F 133 4.99 12.69 -2.70
C TRP F 133 6.34 12.83 -3.39
N THR F 134 7.26 13.58 -2.79
CA THR F 134 8.70 13.58 -3.16
C THR F 134 9.44 12.76 -2.10
N ALA F 135 10.01 11.63 -2.50
CA ALA F 135 10.90 10.79 -1.67
C ALA F 135 12.31 10.96 -2.21
N ALA F 136 13.33 10.95 -1.33
CA ALA F 136 14.73 11.27 -1.66
C ALA F 136 15.51 9.98 -1.85
N ASP F 137 15.62 9.16 -0.80
CA ASP F 137 16.29 7.84 -0.86
C ASP F 137 15.25 6.72 -0.65
N MET F 138 15.69 5.47 -0.80
CA MET F 138 14.82 4.26 -0.78
C MET F 138 14.15 4.11 0.58
N ALA F 139 14.69 4.70 1.65
CA ALA F 139 14.05 4.68 2.98
C ALA F 139 12.73 5.43 2.90
N ALA F 140 12.75 6.59 2.20
CA ALA F 140 11.57 7.43 1.91
C ALA F 140 10.60 6.66 1.02
N GLN F 141 11.12 5.97 -0.01
CA GLN F 141 10.34 5.08 -0.91
C GLN F 141 9.47 4.13 -0.09
N THR F 142 10.03 3.48 0.94
CA THR F 142 9.33 2.47 1.79
C THR F 142 8.22 3.17 2.57
N THR F 143 8.45 4.41 2.98
CA THR F 143 7.42 5.28 3.58
C THR F 143 6.37 5.52 2.49
N LYS F 144 6.77 6.18 1.40
CA LYS F 144 5.87 6.52 0.26
C LYS F 144 4.89 5.35 0.04
N HIS F 145 5.39 4.15 -0.28
CA HIS F 145 4.55 2.95 -0.57
C HIS F 145 3.55 2.70 0.57
N LYS F 146 3.96 2.86 1.83
CA LYS F 146 3.09 2.54 3.01
C LYS F 146 2.12 3.69 3.30
N TRP F 147 2.46 4.90 2.86
CA TRP F 147 1.68 6.15 3.08
C TRP F 147 0.64 6.31 2.00
N GLU F 148 0.93 5.81 0.80
CA GLU F 148 -0.04 5.71 -0.32
C GLU F 148 -1.11 4.68 0.03
N ALA F 149 -0.75 3.66 0.81
CA ALA F 149 -1.64 2.53 1.19
C ALA F 149 -2.48 2.87 2.43
N ALA F 150 -2.23 4.01 3.05
CA ALA F 150 -3.06 4.55 4.15
C ALA F 150 -3.63 5.88 3.70
N HIS F 151 -3.71 6.07 2.37
CA HIS F 151 -4.13 7.31 1.68
C HIS F 151 -3.80 8.49 2.56
N VAL F 152 -2.52 8.80 2.72
CA VAL F 152 -2.09 9.89 3.63
C VAL F 152 -2.32 11.22 2.91
N ALA F 153 -1.88 11.34 1.65
CA ALA F 153 -2.01 12.53 0.78
C ALA F 153 -3.45 13.03 0.83
N GLU F 154 -4.37 12.12 0.57
CA GLU F 154 -5.83 12.39 0.57
C GLU F 154 -6.20 12.86 2.00
N GLN F 155 -5.84 12.06 3.00
CA GLN F 155 -6.14 12.28 4.44
C GLN F 155 -5.68 13.67 4.91
N LEU F 156 -4.55 14.18 4.42
CA LEU F 156 -3.97 15.49 4.84
C LEU F 156 -4.66 16.59 4.07
N ARG F 157 -4.69 16.47 2.74
CA ARG F 157 -5.38 17.44 1.85
C ARG F 157 -6.74 17.81 2.46
N ALA F 158 -7.38 16.89 3.18
CA ALA F 158 -8.63 17.18 3.94
C ALA F 158 -8.33 18.22 5.03
N TYR F 159 -7.49 17.87 6.00
CA TYR F 159 -7.04 18.81 7.06
C TYR F 159 -6.62 20.16 6.45
N LEU F 160 -5.57 20.14 5.61
CA LEU F 160 -4.87 21.33 5.07
C LEU F 160 -5.84 22.26 4.32
N GLU F 161 -6.58 21.75 3.33
CA GLU F 161 -7.52 22.55 2.47
C GLU F 161 -8.80 22.89 3.24
N GLY F 162 -9.08 22.16 4.34
CA GLY F 162 -10.33 22.24 5.11
C GLY F 162 -10.12 22.75 6.51
N THR F 163 -9.87 21.84 7.46
CA THR F 163 -9.75 22.12 8.92
C THR F 163 -8.76 23.26 9.16
N CYS F 164 -7.52 23.13 8.71
CA CYS F 164 -6.43 24.15 8.79
C CYS F 164 -7.02 25.56 8.57
N VAL F 165 -7.77 25.75 7.48
CA VAL F 165 -8.32 27.08 7.06
C VAL F 165 -9.50 27.46 7.95
N GLU F 166 -10.30 26.48 8.38
CA GLU F 166 -11.48 26.71 9.22
C GLU F 166 -11.07 27.26 10.60
N TRP F 167 -9.92 26.84 11.12
CA TRP F 167 -9.41 27.27 12.46
C TRP F 167 -8.51 28.49 12.34
N LEU F 168 -7.76 28.61 11.26
CA LEU F 168 -6.97 29.83 10.98
C LEU F 168 -7.92 31.02 11.01
N ARG F 169 -9.05 30.90 10.34
CA ARG F 169 -10.08 31.95 10.33
C ARG F 169 -10.56 32.18 11.75
N ARG F 170 -10.90 31.10 12.47
CA ARG F 170 -11.42 31.21 13.86
C ARG F 170 -10.45 32.01 14.69
N TYR F 171 -9.16 31.64 14.60
CA TYR F 171 -8.06 32.29 15.33
C TYR F 171 -8.03 33.74 14.86
N LEU F 172 -7.79 33.99 13.58
CA LEU F 172 -7.67 35.36 13.02
C LEU F 172 -8.76 36.26 13.61
N GLU F 173 -10.02 35.82 13.66
CA GLU F 173 -11.10 36.67 14.22
C GLU F 173 -11.00 36.65 15.73
N ASN F 174 -11.28 35.53 16.38
CA ASN F 174 -11.24 35.41 17.86
C ASN F 174 -10.00 36.11 18.45
N GLY F 175 -8.93 36.34 17.68
CA GLY F 175 -7.71 36.98 18.18
C GLY F 175 -7.33 38.21 17.38
N LYS F 176 -8.32 38.93 16.85
CA LYS F 176 -8.11 40.02 15.85
C LYS F 176 -7.07 41.02 16.39
N GLU F 177 -7.16 41.40 17.65
CA GLU F 177 -6.33 42.48 18.26
C GLU F 177 -4.86 42.07 18.19
N THR F 178 -4.53 40.83 18.57
CA THR F 178 -3.17 40.23 18.41
C THR F 178 -2.78 40.14 16.91
N LEU F 179 -3.50 39.31 16.14
CA LEU F 179 -3.03 38.73 14.84
C LEU F 179 -3.21 39.71 13.68
N GLN F 180 -4.29 40.48 13.66
CA GLN F 180 -4.61 41.44 12.56
C GLN F 180 -4.15 42.86 12.92
N ARG F 181 -3.07 43.00 13.68
CA ARG F 181 -2.35 44.30 13.79
C ARG F 181 -1.24 44.30 12.75
N THR F 182 -0.90 45.48 12.23
CA THR F 182 0.32 45.72 11.43
C THR F 182 1.09 46.89 12.05
N ASP F 183 2.04 46.59 12.97
CA ASP F 183 2.98 47.57 13.59
C ASP F 183 4.03 47.98 12.57
N ALA F 184 4.15 49.28 12.30
CA ALA F 184 4.98 49.84 11.23
C ALA F 184 6.40 50.01 11.75
N PRO F 185 7.42 49.87 10.86
CA PRO F 185 8.80 50.04 11.28
C PRO F 185 9.14 51.49 11.65
N LYS F 186 9.66 51.70 12.85
CA LYS F 186 10.29 52.98 13.27
C LYS F 186 11.70 52.97 12.68
N THR F 187 12.02 53.94 11.82
CA THR F 187 13.24 53.95 10.98
C THR F 187 14.11 55.18 11.29
N HIS F 188 15.43 55.07 11.03
CA HIS F 188 16.43 56.15 11.12
C HIS F 188 17.77 55.68 10.51
N MET F 189 18.75 56.59 10.38
CA MET F 189 20.11 56.30 9.89
C MET F 189 21.14 56.63 10.97
N THR F 190 22.27 55.91 10.97
CA THR F 190 23.49 56.24 11.75
C THR F 190 24.62 56.47 10.74
N HIS F 191 25.54 57.39 11.05
CA HIS F 191 26.74 57.73 10.23
C HIS F 191 27.97 57.64 11.11
N HIS F 192 28.58 56.45 11.20
CA HIS F 192 29.95 56.27 11.76
C HIS F 192 30.92 56.02 10.60
N ALA F 193 31.84 56.96 10.36
CA ALA F 193 32.98 56.80 9.41
C ALA F 193 33.97 55.78 9.99
N VAL F 194 34.34 54.77 9.21
CA VAL F 194 35.26 53.65 9.62
C VAL F 194 36.72 54.05 9.33
N SER F 195 36.95 55.12 8.54
CA SER F 195 38.26 55.82 8.39
C SER F 195 38.03 57.32 8.16
N ASP F 196 39.03 58.04 7.66
CA ASP F 196 38.91 59.46 7.25
C ASP F 196 38.63 59.51 5.75
N HIS F 197 38.64 58.34 5.09
CA HIS F 197 38.48 58.16 3.63
C HIS F 197 37.01 57.87 3.30
N GLU F 198 36.41 56.88 3.99
CA GLU F 198 35.05 56.33 3.70
C GLU F 198 34.16 56.45 4.93
N ALA F 199 32.84 56.32 4.73
CA ALA F 199 31.78 56.48 5.76
C ALA F 199 30.73 55.36 5.62
N THR F 200 30.26 54.81 6.76
CA THR F 200 29.25 53.70 6.85
C THR F 200 27.88 54.30 7.29
N LEU F 201 26.88 54.25 6.39
CA LEU F 201 25.46 54.62 6.68
C LEU F 201 24.68 53.35 6.98
N ARG F 202 23.92 53.34 8.07
CA ARG F 202 23.12 52.17 8.51
C ARG F 202 21.65 52.55 8.60
N CYS F 203 20.82 51.92 7.78
CA CYS F 203 19.35 52.11 7.71
C CYS F 203 18.69 51.14 8.68
N TRP F 204 18.02 51.69 9.68
CA TRP F 204 17.46 50.95 10.84
C TRP F 204 15.95 50.77 10.64
N ALA F 205 15.36 49.75 11.29
CA ALA F 205 13.92 49.45 11.29
C ALA F 205 13.59 48.67 12.56
N LEU F 206 12.72 49.18 13.42
CA LEU F 206 12.49 48.61 14.78
C LEU F 206 11.00 48.50 15.11
N SER F 207 10.70 47.62 16.07
CA SER F 207 9.37 47.46 16.73
C SER F 207 8.26 47.25 15.70
N PHE F 208 8.54 46.49 14.64
CA PHE F 208 7.57 46.19 13.55
C PHE F 208 7.11 44.74 13.64
N TYR F 209 5.90 44.50 13.13
CA TYR F 209 5.25 43.18 12.88
C TYR F 209 4.27 43.39 11.73
N PRO F 210 4.15 42.47 10.76
CA PRO F 210 4.82 41.18 10.80
C PRO F 210 6.29 41.29 10.37
N ALA F 211 7.04 40.19 10.49
CA ALA F 211 8.50 40.11 10.30
C ALA F 211 8.89 40.35 8.83
N GLU F 212 8.00 40.05 7.90
CA GLU F 212 8.20 40.35 6.46
C GLU F 212 8.63 41.81 6.33
N ILE F 213 9.67 42.12 5.55
CA ILE F 213 10.12 43.52 5.29
C ILE F 213 11.21 43.51 4.21
N THR F 214 11.47 44.66 3.57
CA THR F 214 12.56 44.80 2.56
C THR F 214 13.16 46.22 2.63
N LEU F 215 14.45 46.30 2.97
CA LEU F 215 15.27 47.53 2.98
C LEU F 215 16.27 47.47 1.82
N THR F 216 16.42 48.55 1.05
CA THR F 216 17.21 48.59 -0.21
C THR F 216 17.91 49.95 -0.36
N TRP F 217 19.16 49.95 -0.83
CA TRP F 217 20.04 51.14 -0.96
C TRP F 217 20.17 51.56 -2.43
N GLN F 218 20.16 52.87 -2.68
CA GLN F 218 20.06 53.44 -4.04
C GLN F 218 21.05 54.59 -4.20
N ARG F 219 22.07 54.40 -5.05
CA ARG F 219 23.07 55.43 -5.46
C ARG F 219 22.54 56.18 -6.69
N ASP F 220 22.23 57.47 -6.55
CA ASP F 220 21.54 58.30 -7.57
C ASP F 220 20.21 57.63 -7.96
N GLY F 221 19.57 56.91 -7.02
CA GLY F 221 18.27 56.23 -7.20
C GLY F 221 18.37 54.96 -8.05
N GLU F 222 19.36 54.10 -7.79
CA GLU F 222 19.54 52.75 -8.43
C GLU F 222 20.05 51.75 -7.38
N ASP F 223 19.51 50.51 -7.35
CA ASP F 223 19.88 49.44 -6.38
C ASP F 223 21.39 49.22 -6.37
N GLN F 224 22.04 49.49 -5.23
CA GLN F 224 23.46 49.13 -4.94
C GLN F 224 23.49 47.86 -4.08
N THR F 225 24.30 46.85 -4.44
CA THR F 225 24.60 45.68 -3.57
C THR F 225 26.11 45.54 -3.36
N GLN F 226 26.93 46.38 -4.03
CA GLN F 226 28.40 46.20 -4.15
C GLN F 226 29.09 46.31 -2.78
N ASP F 227 28.69 47.28 -1.94
CA ASP F 227 29.30 47.52 -0.60
C ASP F 227 28.21 47.43 0.48
N THR F 228 27.22 46.54 0.31
CA THR F 228 25.94 46.51 1.08
C THR F 228 25.89 45.29 2.00
N GLU F 229 25.95 45.54 3.31
CA GLU F 229 25.62 44.57 4.38
C GLU F 229 24.12 44.70 4.69
N LEU F 230 23.50 43.61 5.16
CA LEU F 230 22.05 43.46 5.41
C LEU F 230 21.81 42.31 6.40
N VAL F 231 21.47 42.59 7.66
CA VAL F 231 21.39 41.55 8.74
C VAL F 231 20.14 40.70 8.56
N GLU F 232 20.23 39.45 9.02
CA GLU F 232 19.09 38.53 9.21
C GLU F 232 18.08 39.23 10.12
N THR F 233 16.81 39.30 9.72
CA THR F 233 15.71 39.94 10.50
C THR F 233 15.56 39.21 11.82
N ARG F 234 15.53 39.93 12.93
CA ARG F 234 15.65 39.34 14.29
C ARG F 234 14.45 39.72 15.13
N PRO F 235 14.07 38.86 16.12
CA PRO F 235 13.02 39.19 17.09
C PRO F 235 13.49 40.19 18.16
N ALA F 236 12.62 40.54 19.10
CA ALA F 236 12.98 41.38 20.26
C ALA F 236 12.55 40.69 21.56
N GLY F 237 11.50 39.86 21.51
CA GLY F 237 10.90 39.20 22.69
C GLY F 237 9.70 39.99 23.23
N ASP F 238 9.34 41.12 22.59
CA ASP F 238 8.07 41.86 22.82
C ASP F 238 7.08 41.53 21.68
N GLY F 239 7.46 40.66 20.76
CA GLY F 239 6.61 40.23 19.64
C GLY F 239 6.81 41.10 18.41
N THR F 240 7.65 42.13 18.48
CA THR F 240 8.07 42.92 17.30
C THR F 240 9.39 42.37 16.77
N PHE F 241 9.86 42.92 15.65
CA PHE F 241 11.02 42.41 14.88
C PHE F 241 11.89 43.64 14.47
N GLN F 242 13.19 43.40 14.22
CA GLN F 242 14.21 44.44 13.90
C GLN F 242 15.05 44.01 12.70
N LYS F 243 15.50 44.97 11.90
CA LYS F 243 16.42 44.75 10.77
C LYS F 243 17.09 46.07 10.43
N TRP F 244 18.36 46.02 10.03
CA TRP F 244 19.13 47.16 9.51
C TRP F 244 19.87 46.71 8.26
N ALA F 245 20.31 47.66 7.45
CA ALA F 245 21.18 47.43 6.29
C ALA F 245 22.02 48.67 6.09
N ALA F 246 23.31 48.49 5.75
CA ALA F 246 24.33 49.56 5.69
C ALA F 246 25.07 49.52 4.36
N VAL F 247 25.56 50.69 3.91
CA VAL F 247 26.49 50.87 2.73
C VAL F 247 27.70 51.66 3.18
N VAL F 248 28.87 51.30 2.68
CA VAL F 248 30.13 52.06 2.89
C VAL F 248 30.29 52.98 1.68
N VAL F 249 30.55 54.26 1.91
CA VAL F 249 30.28 55.37 0.94
C VAL F 249 31.49 56.30 0.92
N PRO F 250 31.97 56.71 -0.29
CA PRO F 250 32.98 57.77 -0.38
C PRO F 250 32.48 59.07 0.29
N SER F 251 33.11 59.48 1.40
CA SER F 251 32.73 60.68 2.20
C SER F 251 32.62 61.92 1.30
N GLY F 252 31.48 62.62 1.34
CA GLY F 252 31.12 63.73 0.43
C GLY F 252 30.06 63.31 -0.58
N GLN F 253 29.50 62.11 -0.44
CA GLN F 253 28.47 61.56 -1.37
C GLN F 253 27.28 60.95 -0.57
N GLU F 254 27.16 61.31 0.72
CA GLU F 254 26.17 60.74 1.68
C GLU F 254 24.73 60.94 1.16
N GLN F 255 24.47 62.08 0.51
CA GLN F 255 23.10 62.53 0.08
C GLN F 255 22.67 61.81 -1.21
N ARG F 256 23.62 61.16 -1.93
CA ARG F 256 23.32 60.44 -3.20
C ARG F 256 22.91 58.99 -2.87
N TYR F 257 23.23 58.53 -1.65
CA TYR F 257 22.81 57.20 -1.12
C TYR F 257 21.55 57.37 -0.27
N THR F 258 20.47 56.68 -0.67
CA THR F 258 19.12 56.72 -0.03
C THR F 258 18.63 55.30 0.23
N CYS F 259 17.89 55.12 1.32
CA CYS F 259 17.38 53.81 1.81
C CYS F 259 15.88 53.71 1.54
N HIS F 260 15.40 52.56 1.05
CA HIS F 260 13.98 52.30 0.66
C HIS F 260 13.39 51.15 1.49
N VAL F 261 12.36 51.48 2.29
CA VAL F 261 11.66 50.55 3.22
C VAL F 261 10.31 50.16 2.62
N GLN F 262 9.88 48.91 2.84
CA GLN F 262 8.60 48.34 2.38
C GLN F 262 8.03 47.43 3.46
N HIS F 263 6.78 47.62 3.86
CA HIS F 263 6.14 46.81 4.93
C HIS F 263 4.62 46.90 4.80
N GLU F 264 3.91 45.89 5.33
CA GLU F 264 2.42 45.83 5.36
C GLU F 264 1.87 47.04 6.12
N GLY F 265 2.48 47.41 7.25
CA GLY F 265 2.08 48.56 8.10
C GLY F 265 2.21 49.90 7.38
N LEU F 266 3.03 49.96 6.31
CA LEU F 266 3.41 51.22 5.61
C LEU F 266 2.41 51.54 4.51
N PRO F 267 1.70 52.68 4.61
CA PRO F 267 0.81 53.12 3.55
C PRO F 267 1.57 53.24 2.22
N LYS F 268 2.74 53.87 2.25
CA LYS F 268 3.63 54.10 1.08
C LYS F 268 5.04 53.61 1.44
N PRO F 269 5.89 53.23 0.44
CA PRO F 269 7.28 52.88 0.73
C PRO F 269 8.05 54.13 1.18
N LEU F 270 8.85 54.01 2.25
CA LEU F 270 9.62 55.12 2.86
C LEU F 270 10.94 55.31 2.11
N THR F 271 11.38 56.56 2.02
CA THR F 271 12.69 57.00 1.47
C THR F 271 13.46 57.71 2.59
N LEU F 272 14.74 57.34 2.82
CA LEU F 272 15.61 57.97 3.85
C LEU F 272 16.89 58.49 3.20
N ARG F 273 17.31 59.70 3.60
CA ARG F 273 18.66 60.31 3.33
C ARG F 273 19.26 60.72 4.68
N TRP F 274 20.52 61.19 4.69
CA TRP F 274 21.22 61.64 5.93
C TRP F 274 20.76 63.06 6.28
N GLU F 275 20.66 63.36 7.59
CA GLU F 275 19.69 64.32 8.20
C GLU F 275 18.29 63.71 8.02
N MET G 1 24.65 13.12 7.02
CA MET G 1 23.99 13.83 8.15
C MET G 1 24.51 15.28 8.20
N ILE G 2 23.62 16.23 7.96
CA ILE G 2 24.03 17.67 7.81
C ILE G 2 24.30 18.24 9.20
N GLN G 3 25.41 18.96 9.32
CA GLN G 3 25.72 19.86 10.44
C GLN G 3 25.88 21.28 9.89
N ARG G 4 25.00 22.20 10.27
CA ARG G 4 25.18 23.65 10.01
C ARG G 4 25.64 24.28 11.31
N THR G 5 26.45 25.36 11.23
CA THR G 5 27.01 26.10 12.39
C THR G 5 26.14 27.32 12.72
N PRO G 6 25.97 27.69 14.01
CA PRO G 6 25.07 28.80 14.37
C PRO G 6 25.60 30.18 13.93
N LYS G 7 24.65 31.04 13.54
CA LYS G 7 24.83 32.50 13.31
C LYS G 7 24.33 33.22 14.58
N ILE G 8 25.03 34.28 15.00
CA ILE G 8 24.77 35.01 16.27
C ILE G 8 24.61 36.51 15.99
N GLN G 9 23.51 37.10 16.46
CA GLN G 9 23.34 38.56 16.61
C GLN G 9 23.11 38.83 18.09
N VAL G 10 23.77 39.86 18.62
CA VAL G 10 23.55 40.32 20.02
C VAL G 10 23.16 41.77 19.99
N TYR G 11 22.01 42.06 20.57
CA TYR G 11 21.29 43.33 20.44
C TYR G 11 20.40 43.53 21.65
N SER G 12 19.94 44.76 21.81
CA SER G 12 19.00 45.19 22.87
C SER G 12 17.60 45.30 22.27
N ARG G 13 16.61 44.89 23.04
CA ARG G 13 15.17 44.95 22.68
C ARG G 13 14.85 46.38 22.26
N HIS G 14 14.99 47.31 23.20
CA HIS G 14 14.78 48.76 22.99
C HIS G 14 16.15 49.40 22.77
N PRO G 15 16.28 50.36 21.84
CA PRO G 15 17.48 51.18 21.74
C PRO G 15 18.01 51.52 23.12
N ALA G 16 19.30 51.27 23.33
CA ALA G 16 19.99 51.31 24.62
C ALA G 16 20.02 52.74 25.13
N GLU G 17 19.56 52.95 26.37
CA GLU G 17 19.74 54.19 27.14
C GLU G 17 20.47 53.82 28.43
N ASN G 18 21.70 54.34 28.62
CA ASN G 18 22.59 54.01 29.77
C ASN G 18 21.83 54.27 31.06
N GLY G 19 21.81 53.30 31.97
CA GLY G 19 21.18 53.39 33.29
C GLY G 19 19.70 53.04 33.27
N LYS G 20 19.10 52.94 32.07
CA LYS G 20 17.66 52.56 31.85
C LYS G 20 17.60 51.07 31.54
N SER G 21 17.05 50.27 32.46
CA SER G 21 16.92 48.79 32.35
C SER G 21 16.27 48.45 31.00
N ASN G 22 16.57 47.27 30.49
CA ASN G 22 16.33 46.90 29.08
C ASN G 22 16.35 45.38 29.03
N PHE G 23 16.49 44.83 27.81
CA PHE G 23 16.58 43.37 27.56
C PHE G 23 17.71 43.12 26.55
N LEU G 24 18.69 42.34 26.98
CA LEU G 24 19.83 41.85 26.16
C LEU G 24 19.42 40.56 25.47
N ASN G 25 19.61 40.50 24.16
CA ASN G 25 19.11 39.41 23.32
C ASN G 25 20.27 38.78 22.58
N CYS G 26 20.34 37.44 22.65
CA CYS G 26 21.21 36.59 21.80
C CYS G 26 20.35 35.69 20.93
N TYR G 27 20.39 35.93 19.62
CA TYR G 27 19.57 35.23 18.62
C TYR G 27 20.48 34.35 17.79
N VAL G 28 20.50 33.06 18.12
CA VAL G 28 21.16 31.97 17.34
C VAL G 28 20.13 31.36 16.38
N SER G 29 20.60 31.00 15.18
CA SER G 29 19.78 30.68 13.98
C SER G 29 20.65 30.06 12.90
N GLY G 30 20.09 29.16 12.09
CA GLY G 30 20.77 28.58 10.93
C GLY G 30 21.66 27.40 11.32
N PHE G 31 21.38 26.77 12.48
CA PHE G 31 22.22 25.71 13.08
C PHE G 31 21.49 24.34 13.13
N HIS G 32 22.27 23.25 13.01
CA HIS G 32 21.84 21.83 13.18
C HIS G 32 23.02 20.99 13.65
N PRO G 33 22.90 20.12 14.70
CA PRO G 33 21.63 19.78 15.37
C PRO G 33 21.13 20.78 16.42
N SER G 34 20.07 20.42 17.18
CA SER G 34 19.31 21.30 18.11
C SER G 34 20.09 21.54 19.42
N ASP G 35 20.76 20.50 19.93
CA ASP G 35 21.66 20.58 21.12
C ASP G 35 22.60 21.76 20.90
N ILE G 36 22.47 22.83 21.72
CA ILE G 36 23.36 24.03 21.72
C ILE G 36 23.50 24.52 23.16
N GLU G 37 24.64 25.11 23.50
CA GLU G 37 24.83 25.94 24.72
C GLU G 37 24.92 27.40 24.29
N VAL G 38 24.15 28.26 24.95
CA VAL G 38 24.26 29.74 24.84
C VAL G 38 24.37 30.30 26.25
N ASP G 39 25.30 31.21 26.45
CA ASP G 39 25.43 32.00 27.70
C ASP G 39 25.59 33.49 27.34
N LEU G 40 24.98 34.34 28.15
CA LEU G 40 25.12 35.80 28.06
C LEU G 40 26.14 36.26 29.10
N LEU G 41 26.99 37.20 28.72
CA LEU G 41 28.21 37.57 29.48
C LEU G 41 28.13 39.03 30.01
N LYS G 42 28.49 39.22 31.28
CA LYS G 42 28.73 40.54 31.91
C LYS G 42 30.22 40.66 32.19
N ASN G 43 30.98 41.16 31.20
CA ASN G 43 32.46 41.31 31.25
C ASN G 43 33.11 39.93 31.33
N GLY G 44 32.47 38.92 30.71
CA GLY G 44 32.96 37.53 30.67
C GLY G 44 32.32 36.63 31.72
N GLU G 45 31.63 37.19 32.73
CA GLU G 45 30.94 36.38 33.78
C GLU G 45 29.55 35.97 33.26
N ARG G 46 29.18 34.70 33.46
CA ARG G 46 27.93 34.10 32.90
C ARG G 46 26.74 34.62 33.70
N ILE G 47 25.80 35.27 33.02
CA ILE G 47 24.62 35.93 33.63
C ILE G 47 23.61 34.86 34.09
N GLU G 48 23.35 34.80 35.40
CA GLU G 48 22.83 33.59 36.12
C GLU G 48 21.45 33.19 35.58
N LYS G 49 20.43 34.06 35.74
CA LYS G 49 19.03 33.85 35.28
C LYS G 49 18.91 34.31 33.82
N VAL G 50 18.48 33.40 32.92
CA VAL G 50 18.29 33.66 31.46
C VAL G 50 17.15 32.77 30.97
N GLU G 51 16.10 33.38 30.43
CA GLU G 51 15.01 32.71 29.70
C GLU G 51 15.43 32.59 28.23
N HIS G 52 15.02 31.51 27.57
CA HIS G 52 15.19 31.31 26.11
C HIS G 52 13.84 31.01 25.49
N SER G 53 13.70 31.26 24.20
CA SER G 53 12.47 31.01 23.43
C SER G 53 12.17 29.50 23.45
N ASP G 54 11.14 29.05 22.71
CA ASP G 54 10.91 27.63 22.38
C ASP G 54 11.55 27.35 21.05
N LEU G 55 12.02 26.13 20.88
CA LEU G 55 12.78 25.70 19.71
C LEU G 55 11.82 25.59 18.52
N SER G 56 12.05 26.37 17.47
CA SER G 56 11.40 26.23 16.15
C SER G 56 12.50 26.15 15.10
N PHE G 57 12.13 26.04 13.81
CA PHE G 57 13.10 25.91 12.69
C PHE G 57 12.59 26.59 11.44
N SER G 58 13.53 27.06 10.62
CA SER G 58 13.27 27.76 9.33
C SER G 58 12.86 26.77 8.24
N LYS G 59 12.75 27.27 6.99
CA LYS G 59 12.36 26.53 5.75
C LYS G 59 13.36 25.42 5.43
N ASP G 60 14.65 25.65 5.72
CA ASP G 60 15.77 24.73 5.37
C ASP G 60 16.09 23.82 6.54
N TRP G 61 15.22 23.79 7.57
CA TRP G 61 15.20 22.83 8.72
C TRP G 61 16.12 23.30 9.84
N SER G 62 16.97 24.29 9.56
CA SER G 62 17.92 24.92 10.51
C SER G 62 17.13 25.45 11.71
N PHE G 63 17.61 25.24 12.94
CA PHE G 63 16.92 25.68 14.18
C PHE G 63 17.21 27.16 14.47
N TYR G 64 16.48 27.71 15.45
CA TYR G 64 16.65 29.10 15.93
C TYR G 64 16.01 29.26 17.32
N LEU G 65 16.75 29.96 18.21
CA LEU G 65 16.36 30.30 19.59
C LEU G 65 16.68 31.77 19.84
N LEU G 66 15.87 32.46 20.65
CA LEU G 66 16.24 33.73 21.30
C LEU G 66 16.49 33.50 22.78
N TYR G 67 17.74 33.66 23.21
CA TYR G 67 18.17 33.78 24.63
C TYR G 67 18.13 35.25 25.02
N TYR G 68 17.62 35.55 26.22
CA TYR G 68 17.51 36.94 26.73
C TYR G 68 17.39 36.98 28.27
N THR G 69 17.97 38.01 28.88
CA THR G 69 17.64 38.43 30.27
C THR G 69 17.50 39.94 30.30
N GLU G 70 16.94 40.47 31.38
CA GLU G 70 16.86 41.93 31.58
C GLU G 70 18.21 42.40 32.12
N PHE G 71 18.77 43.44 31.50
CA PHE G 71 20.02 44.12 31.94
C PHE G 71 19.80 45.63 31.99
N THR G 72 20.83 46.35 32.45
CA THR G 72 20.87 47.83 32.51
C THR G 72 22.17 48.28 31.90
N PRO G 73 22.19 48.58 30.59
CA PRO G 73 23.43 48.90 29.89
C PRO G 73 24.12 50.05 30.58
N THR G 74 25.44 50.09 30.50
CA THR G 74 26.31 50.97 31.30
C THR G 74 27.48 51.39 30.42
N GLU G 75 27.67 52.69 30.26
CA GLU G 75 28.66 53.29 29.33
C GLU G 75 29.87 52.36 29.20
N LYS G 76 30.49 51.96 30.32
CA LYS G 76 31.79 51.24 30.34
C LYS G 76 31.58 49.70 30.38
N ASP G 77 30.60 49.20 31.14
CA ASP G 77 30.22 47.74 31.19
C ASP G 77 30.10 47.18 29.77
N GLU G 78 30.65 45.98 29.51
CA GLU G 78 30.58 45.29 28.17
C GLU G 78 29.91 43.91 28.32
N TYR G 79 29.12 43.56 27.32
CA TYR G 79 28.17 42.43 27.32
C TYR G 79 28.40 41.63 26.04
N ALA G 80 28.14 40.33 26.07
CA ALA G 80 28.37 39.44 24.91
C ALA G 80 27.65 38.12 25.09
N CYS G 81 27.65 37.35 24.02
CA CYS G 81 27.07 35.99 23.95
C CYS G 81 28.18 34.98 23.64
N ARG G 82 28.19 33.86 24.36
CA ARG G 82 29.17 32.74 24.24
C ARG G 82 28.41 31.48 23.81
N VAL G 83 28.43 31.20 22.51
CA VAL G 83 27.68 30.06 21.90
C VAL G 83 28.65 28.90 21.79
N ASN G 84 28.20 27.73 22.22
CA ASN G 84 28.97 26.47 22.16
C ASN G 84 28.08 25.39 21.52
N HIS G 85 28.41 25.01 20.29
CA HIS G 85 27.67 24.05 19.45
C HIS G 85 28.62 22.95 19.06
N VAL G 86 28.06 21.79 18.74
CA VAL G 86 28.85 20.61 18.31
C VAL G 86 29.36 20.83 16.88
N THR G 87 29.32 22.06 16.34
CA THR G 87 29.91 22.42 15.03
C THR G 87 31.29 23.08 15.18
N LEU G 88 31.60 23.69 16.34
CA LEU G 88 32.85 24.52 16.48
C LEU G 88 33.77 23.96 17.58
N SER G 89 35.07 24.15 17.40
CA SER G 89 36.17 23.66 18.28
C SER G 89 36.26 24.47 19.57
N GLN G 90 36.09 25.78 19.44
CA GLN G 90 36.17 26.78 20.54
C GLN G 90 34.84 27.53 20.56
N PRO G 91 34.26 27.79 21.74
CA PRO G 91 33.06 28.63 21.83
C PRO G 91 33.25 29.87 20.95
N LYS G 92 32.17 30.30 20.31
CA LYS G 92 32.08 31.62 19.62
C LYS G 92 31.56 32.64 20.63
N ILE G 93 32.32 33.73 20.78
CA ILE G 93 31.97 34.88 21.66
C ILE G 93 31.68 36.04 20.73
N VAL G 94 30.45 36.54 20.74
CA VAL G 94 30.01 37.69 19.92
C VAL G 94 29.61 38.78 20.89
N LYS G 95 30.29 39.92 20.81
CA LYS G 95 30.25 41.00 21.82
C LYS G 95 29.16 41.95 21.36
N TRP G 96 28.27 42.39 22.29
CA TRP G 96 27.17 43.37 22.02
C TRP G 96 27.78 44.69 21.57
N ASP G 97 27.20 45.32 20.56
CA ASP G 97 27.51 46.70 20.13
C ASP G 97 26.18 47.43 19.99
N ARG G 98 26.00 48.58 20.66
CA ARG G 98 24.73 49.36 20.64
C ARG G 98 24.15 49.54 19.23
N ASP G 99 24.99 49.83 18.22
CA ASP G 99 24.54 50.21 16.84
C ASP G 99 25.00 49.17 15.82
N MET G 100 25.52 48.02 16.31
CA MET G 100 25.57 46.66 15.66
C MET G 100 26.72 46.52 14.64
N GLU H 1 -6.24 24.38 14.66
CA GLU H 1 -6.12 23.05 15.32
C GLU H 1 -4.92 22.30 14.76
N ALA H 2 -4.51 21.26 15.46
CA ALA H 2 -3.45 20.35 15.02
C ALA H 2 -4.09 19.18 14.28
N ALA H 3 -3.55 18.86 13.10
CA ALA H 3 -3.77 17.61 12.31
C ALA H 3 -4.12 16.42 13.21
N GLY H 4 -5.27 15.80 12.97
CA GLY H 4 -5.79 14.66 13.76
C GLY H 4 -5.97 13.47 12.87
N ILE H 5 -5.38 13.53 11.65
CA ILE H 5 -5.37 12.45 10.62
C ILE H 5 -4.16 12.68 9.69
N GLY H 6 -3.70 11.66 8.97
CA GLY H 6 -2.63 11.81 7.96
C GLY H 6 -1.25 11.94 8.61
N ILE H 7 -1.25 11.83 9.92
CA ILE H 7 -0.01 11.83 10.70
C ILE H 7 0.25 10.39 11.06
N LEU H 8 1.08 9.72 10.25
CA LEU H 8 1.35 8.27 10.38
C LEU H 8 2.85 8.05 10.59
N THR H 9 3.18 6.92 11.23
CA THR H 9 4.55 6.38 11.40
C THR H 9 5.19 6.21 10.02
N VAL H 10 6.37 6.75 9.87
CA VAL H 10 7.35 6.50 8.77
C VAL H 10 7.32 5.01 8.41
N GLN I 1 -26.25 16.23 26.10
CA GLN I 1 -25.17 16.79 25.20
C GLN I 1 -23.92 15.85 25.20
N LYS I 2 -24.11 14.53 25.32
CA LYS I 2 -23.04 13.48 25.26
C LYS I 2 -22.11 13.76 24.07
N GLU I 3 -20.79 13.58 24.23
CA GLU I 3 -19.77 13.74 23.15
C GLU I 3 -20.40 13.36 21.79
N VAL I 4 -21.06 12.20 21.74
CA VAL I 4 -21.59 11.59 20.49
C VAL I 4 -23.04 11.12 20.75
N GLU I 5 -24.00 11.75 20.05
CA GLU I 5 -25.46 11.42 20.12
C GLU I 5 -25.83 10.70 18.85
N GLN I 6 -26.51 9.58 18.98
CA GLN I 6 -26.83 8.66 17.87
C GLN I 6 -28.33 8.37 17.93
N ASN I 7 -28.97 8.31 16.76
CA ASN I 7 -30.39 7.93 16.62
C ASN I 7 -30.59 6.60 17.37
N SER I 8 -31.48 6.60 18.35
CA SER I 8 -31.74 5.49 19.30
C SER I 8 -33.15 4.96 19.02
N GLY I 9 -33.25 3.95 18.14
CA GLY I 9 -34.50 3.34 17.66
C GLY I 9 -35.19 2.56 18.78
N PRO I 10 -35.32 1.20 18.72
CA PRO I 10 -34.81 0.40 17.60
C PRO I 10 -35.51 0.69 16.26
N LEU I 11 -34.73 0.73 15.17
CA LEU I 11 -35.18 1.02 13.79
C LEU I 11 -35.48 -0.32 13.06
N SER I 12 -36.48 -0.34 12.19
CA SER I 12 -36.92 -1.54 11.44
C SER I 12 -37.24 -1.14 10.00
N VAL I 13 -36.54 -1.71 9.00
CA VAL I 13 -36.88 -1.59 7.54
C VAL I 13 -37.33 -2.94 7.00
N PRO I 14 -38.01 -2.98 5.84
CA PRO I 14 -38.21 -4.24 5.11
C PRO I 14 -37.00 -4.57 4.23
N GLU I 15 -36.67 -5.85 4.10
CA GLU I 15 -35.62 -6.39 3.18
C GLU I 15 -35.62 -5.56 1.88
N GLY I 16 -34.45 -5.30 1.31
CA GLY I 16 -34.29 -4.72 -0.04
C GLY I 16 -34.53 -3.21 -0.08
N ALA I 17 -34.96 -2.60 1.03
CA ALA I 17 -35.13 -1.13 1.18
C ALA I 17 -33.83 -0.51 1.71
N ILE I 18 -33.68 0.82 1.59
CA ILE I 18 -32.48 1.58 2.07
C ILE I 18 -32.63 1.85 3.57
N ALA I 19 -31.64 1.49 4.38
CA ALA I 19 -31.54 1.93 5.78
C ALA I 19 -30.73 3.24 5.82
N SER I 20 -31.19 4.24 6.59
CA SER I 20 -30.42 5.48 6.91
C SER I 20 -30.24 5.60 8.43
N LEU I 21 -28.98 5.62 8.89
CA LEU I 21 -28.57 5.71 10.32
C LEU I 21 -27.87 7.04 10.56
N ASN I 22 -28.03 7.62 11.75
CA ASN I 22 -27.68 9.03 12.03
C ASN I 22 -26.77 9.13 13.23
N CYS I 23 -25.93 10.17 13.23
CA CYS I 23 -24.95 10.48 14.28
C CYS I 23 -24.69 11.99 14.26
N THR I 24 -24.66 12.61 15.43
CA THR I 24 -24.16 13.99 15.64
C THR I 24 -23.15 13.94 16.77
N TYR I 25 -22.10 14.76 16.66
CA TYR I 25 -20.98 14.85 17.63
C TYR I 25 -20.94 16.29 18.16
N SER I 26 -20.52 16.46 19.42
CA SER I 26 -20.46 17.79 20.11
C SER I 26 -19.13 18.46 19.80
N ASP I 27 -18.04 17.73 19.95
CA ASP I 27 -16.67 18.25 19.78
C ASP I 27 -16.48 18.67 18.32
N ARG I 28 -16.56 19.98 18.06
CA ARG I 28 -16.34 20.70 16.79
C ARG I 28 -15.05 20.25 16.07
N GLY I 29 -13.99 19.97 16.82
CA GLY I 29 -12.63 19.82 16.25
C GLY I 29 -12.44 18.55 15.44
N SER I 30 -13.15 17.48 15.82
CA SER I 30 -13.11 16.11 15.25
C SER I 30 -12.90 16.17 13.74
N GLN I 31 -12.12 15.24 13.16
CA GLN I 31 -11.91 15.19 11.67
C GLN I 31 -11.95 13.77 11.10
N SER I 32 -12.02 12.73 11.94
CA SER I 32 -12.25 11.32 11.52
C SER I 32 -13.56 10.82 12.10
N PHE I 33 -14.32 10.07 11.31
CA PHE I 33 -15.63 9.50 11.68
C PHE I 33 -15.74 8.05 11.21
N PHE I 34 -16.15 7.19 12.11
CA PHE I 34 -16.16 5.73 11.93
C PHE I 34 -17.53 5.16 12.27
N TRP I 35 -17.98 4.23 11.44
CA TRP I 35 -19.21 3.44 11.62
C TRP I 35 -18.82 1.99 11.93
N TYR I 36 -19.33 1.43 13.01
CA TYR I 36 -19.01 0.05 13.47
C TYR I 36 -20.29 -0.78 13.42
N ARG I 37 -20.20 -2.10 13.19
CA ARG I 37 -21.39 -3.01 13.10
C ARG I 37 -21.24 -4.15 14.10
N GLN I 38 -22.07 -4.15 15.12
CA GLN I 38 -22.03 -5.18 16.19
C GLN I 38 -23.28 -6.06 16.09
N TYR I 39 -23.09 -7.37 15.90
CA TYR I 39 -24.15 -8.42 16.00
C TYR I 39 -24.32 -8.75 17.47
N SER I 40 -25.53 -9.12 17.86
CA SER I 40 -25.93 -9.27 19.27
C SER I 40 -25.01 -10.28 19.94
N GLY I 41 -24.39 -9.90 21.07
CA GLY I 41 -23.55 -10.77 21.91
C GLY I 41 -22.06 -10.76 21.51
N LYS I 42 -21.74 -10.29 20.29
CA LYS I 42 -20.34 -10.21 19.74
C LYS I 42 -19.80 -8.80 19.94
N SER I 43 -18.80 -8.41 19.14
CA SER I 43 -17.98 -7.20 19.37
C SER I 43 -18.05 -6.29 18.16
N PRO I 44 -17.88 -4.97 18.32
CA PRO I 44 -17.87 -4.05 17.17
C PRO I 44 -16.93 -4.47 16.05
N GLU I 45 -17.22 -4.05 14.83
CA GLU I 45 -16.39 -4.34 13.61
C GLU I 45 -16.40 -3.08 12.73
N LEU I 46 -15.24 -2.48 12.47
CA LEU I 46 -15.16 -1.34 11.53
C LEU I 46 -15.83 -1.77 10.24
N ILE I 47 -16.72 -0.95 9.70
CA ILE I 47 -17.35 -1.16 8.36
C ILE I 47 -16.95 -0.01 7.43
N MET I 48 -16.96 1.20 7.94
CA MET I 48 -16.76 2.42 7.15
C MET I 48 -16.11 3.51 8.01
N SER I 49 -15.37 4.40 7.36
CA SER I 49 -14.71 5.56 7.97
C SER I 49 -14.65 6.70 6.97
N ILE I 50 -15.04 7.90 7.38
CA ILE I 50 -14.94 9.11 6.52
C ILE I 50 -14.24 10.19 7.32
N TYR I 51 -13.40 10.95 6.64
CA TYR I 51 -12.48 11.93 7.24
C TYR I 51 -12.56 13.26 6.48
N SER I 52 -13.51 13.34 5.55
CA SER I 52 -13.61 14.43 4.55
C SER I 52 -15.05 14.65 4.15
N ASN I 53 -15.49 15.88 3.94
CA ASN I 53 -16.90 16.20 3.56
C ASN I 53 -17.32 15.33 2.36
N GLY I 54 -18.49 14.72 2.46
CA GLY I 54 -19.23 14.20 1.30
C GLY I 54 -19.61 12.75 1.44
N ASP I 55 -19.59 12.04 0.32
CA ASP I 55 -20.02 10.64 0.19
C ASP I 55 -18.78 9.78 0.08
N LYS I 56 -18.74 8.69 0.84
CA LYS I 56 -17.81 7.55 0.64
C LYS I 56 -18.67 6.35 0.25
N GLU I 57 -18.44 5.77 -0.93
CA GLU I 57 -19.12 4.54 -1.44
C GLU I 57 -18.18 3.35 -1.18
N ASP I 58 -18.70 2.27 -0.57
CA ASP I 58 -18.00 0.97 -0.46
C ASP I 58 -19.04 -0.15 -0.59
N GLY I 59 -19.27 -0.59 -1.83
CA GLY I 59 -20.32 -1.55 -2.19
C GLY I 59 -21.69 -1.04 -1.77
N ARG I 60 -22.32 -1.72 -0.81
CA ARG I 60 -23.72 -1.47 -0.37
C ARG I 60 -23.73 -0.33 0.64
N PHE I 61 -22.61 -0.12 1.34
CA PHE I 61 -22.42 0.92 2.37
C PHE I 61 -21.97 2.23 1.72
N THR I 62 -22.68 3.32 2.04
CA THR I 62 -22.25 4.72 1.77
C THR I 62 -22.23 5.46 3.10
N ALA I 63 -21.23 6.32 3.31
CA ALA I 63 -21.08 7.14 4.52
C ALA I 63 -21.08 8.62 4.13
N GLN I 64 -21.69 9.46 4.95
CA GLN I 64 -21.90 10.89 4.63
C GLN I 64 -21.48 11.73 5.83
N LEU I 65 -20.73 12.80 5.58
CA LEU I 65 -20.21 13.70 6.63
C LEU I 65 -20.47 15.14 6.23
N ASN I 66 -20.96 15.97 7.16
CA ASN I 66 -21.05 17.44 7.02
C ASN I 66 -20.50 18.11 8.28
N LYS I 67 -19.20 18.48 8.23
CA LYS I 67 -18.45 19.21 9.29
C LYS I 67 -19.21 20.47 9.71
N ALA I 68 -19.90 21.10 8.75
CA ALA I 68 -20.82 22.23 8.96
C ALA I 68 -21.79 21.89 10.11
N SER I 69 -22.68 20.93 9.88
CA SER I 69 -23.83 20.60 10.77
C SER I 69 -23.43 19.60 11.86
N GLN I 70 -22.17 19.18 11.89
CA GLN I 70 -21.64 18.23 12.89
C GLN I 70 -22.56 17.01 12.89
N TYR I 71 -22.61 16.33 11.74
CA TYR I 71 -23.54 15.20 11.44
C TYR I 71 -22.85 14.21 10.51
N VAL I 72 -22.97 12.92 10.85
CA VAL I 72 -22.48 11.75 10.06
C VAL I 72 -23.64 10.82 9.83
N SER I 73 -23.69 10.16 8.66
CA SER I 73 -24.75 9.16 8.35
C SER I 73 -24.17 7.96 7.56
N LEU I 74 -25.02 6.96 7.40
CA LEU I 74 -24.75 5.66 6.76
C LEU I 74 -25.99 5.21 5.96
N LEU I 75 -25.85 5.04 4.65
CA LEU I 75 -26.82 4.30 3.77
C LEU I 75 -26.43 2.83 3.72
N ILE I 76 -27.41 1.95 3.87
CA ILE I 76 -27.29 0.49 3.58
C ILE I 76 -28.22 0.17 2.42
N ARG I 77 -27.76 0.50 1.21
CA ARG I 77 -28.44 0.25 -0.09
C ARG I 77 -28.79 -1.26 -0.15
N ASP I 78 -30.06 -1.61 -0.40
CA ASP I 78 -30.49 -3.01 -0.67
C ASP I 78 -30.35 -3.87 0.61
N SER I 79 -30.85 -3.42 1.77
CA SER I 79 -30.77 -4.16 3.07
C SER I 79 -30.98 -5.68 2.90
N GLN I 80 -30.00 -6.49 3.32
CA GLN I 80 -30.06 -7.98 3.48
C GLN I 80 -30.42 -8.26 4.94
N PRO I 81 -30.85 -9.49 5.31
CA PRO I 81 -31.26 -9.78 6.68
C PRO I 81 -30.09 -9.93 7.64
N SER I 82 -28.93 -10.36 7.12
CA SER I 82 -27.65 -10.44 7.85
C SER I 82 -27.19 -9.03 8.27
N ASP I 83 -27.92 -7.98 7.84
CA ASP I 83 -27.68 -6.56 8.22
C ASP I 83 -28.26 -6.30 9.61
N SER I 84 -29.24 -7.10 10.06
CA SER I 84 -29.88 -6.95 11.39
C SER I 84 -28.83 -7.10 12.49
N ALA I 85 -28.65 -6.07 13.33
CA ALA I 85 -27.50 -5.87 14.28
C ALA I 85 -27.37 -4.38 14.69
N THR I 86 -26.60 -4.10 15.74
CA THR I 86 -26.40 -2.72 16.26
C THR I 86 -25.28 -2.03 15.48
N TYR I 87 -25.55 -0.80 15.04
CA TYR I 87 -24.61 0.08 14.32
C TYR I 87 -24.18 1.21 15.26
N LEU I 88 -22.85 1.34 15.46
CA LEU I 88 -22.21 2.27 16.42
C LEU I 88 -21.44 3.31 15.63
N CYS I 89 -21.53 4.56 16.06
CA CYS I 89 -20.90 5.73 15.44
C CYS I 89 -19.83 6.24 16.36
N ALA I 90 -18.70 6.67 15.81
CA ALA I 90 -17.49 6.99 16.59
C ALA I 90 -16.68 8.10 15.92
N VAL I 91 -16.11 8.98 16.75
CA VAL I 91 -15.23 10.10 16.32
C VAL I 91 -13.79 9.80 16.81
N GLN I 92 -12.83 9.84 15.89
CA GLN I 92 -11.37 9.70 16.16
C GLN I 92 -11.12 8.38 16.91
N LYS I 93 -11.80 7.30 16.51
CA LYS I 93 -11.66 5.94 17.07
C LYS I 93 -11.60 5.99 18.60
N LEU I 94 -12.39 6.85 19.23
CA LEU I 94 -12.26 7.10 20.70
C LEU I 94 -13.63 7.01 21.37
N VAL I 95 -14.56 7.91 21.05
CA VAL I 95 -15.88 7.99 21.73
C VAL I 95 -16.97 7.50 20.76
N PHE I 96 -17.96 6.77 21.32
CA PHE I 96 -19.05 6.07 20.59
C PHE I 96 -20.43 6.50 21.13
N GLY I 97 -21.44 6.50 20.25
CA GLY I 97 -22.85 6.71 20.63
C GLY I 97 -23.41 5.51 21.36
N THR I 98 -24.70 5.50 21.63
CA THR I 98 -25.39 4.38 22.32
C THR I 98 -25.47 3.22 21.35
N GLY I 99 -25.76 3.52 20.08
CA GLY I 99 -25.98 2.54 19.00
C GLY I 99 -27.44 2.49 18.59
N THR I 100 -27.71 2.28 17.31
CA THR I 100 -29.06 2.12 16.71
C THR I 100 -29.27 0.64 16.38
N ARG I 101 -30.21 -0.06 17.05
CA ARG I 101 -30.55 -1.51 16.77
C ARG I 101 -31.34 -1.56 15.45
N LEU I 102 -30.75 -2.08 14.37
CA LEU I 102 -31.44 -2.21 13.05
C LEU I 102 -31.98 -3.63 12.92
N LEU I 103 -33.25 -3.77 12.60
CA LEU I 103 -33.86 -5.07 12.18
C LEU I 103 -34.34 -4.94 10.74
N VAL I 104 -33.59 -5.54 9.81
CA VAL I 104 -34.05 -5.82 8.42
C VAL I 104 -35.07 -6.98 8.51
N SER I 105 -36.37 -6.62 8.52
CA SER I 105 -37.52 -7.53 8.73
C SER I 105 -37.78 -8.31 7.44
N PRO I 106 -37.81 -9.66 7.52
CA PRO I 106 -37.71 -10.50 6.33
C PRO I 106 -39.01 -10.58 5.52
N ASN I 107 -38.91 -11.01 4.26
CA ASN I 107 -39.97 -10.87 3.23
C ASN I 107 -40.83 -12.15 3.18
N ILE I 108 -41.78 -12.29 4.11
CA ILE I 108 -42.58 -13.54 4.35
C ILE I 108 -43.65 -13.71 3.25
N GLN I 109 -43.32 -14.48 2.20
CA GLN I 109 -44.09 -14.61 0.91
C GLN I 109 -45.59 -14.97 1.13
N ASN I 110 -45.92 -15.84 2.10
CA ASN I 110 -47.34 -16.13 2.49
C ASN I 110 -47.39 -16.53 3.98
N PRO I 111 -47.86 -15.61 4.86
CA PRO I 111 -47.94 -15.90 6.28
C PRO I 111 -49.07 -16.89 6.59
N ASP I 112 -48.93 -17.66 7.68
CA ASP I 112 -50.01 -18.52 8.24
C ASP I 112 -50.01 -18.37 9.77
N PRO I 113 -50.26 -17.14 10.27
CA PRO I 113 -50.27 -16.84 11.70
C PRO I 113 -51.12 -17.81 12.54
N ALA I 114 -50.52 -18.42 13.56
CA ALA I 114 -51.14 -19.42 14.45
C ALA I 114 -50.56 -19.27 15.86
N VAL I 115 -51.26 -19.78 16.86
CA VAL I 115 -50.79 -19.82 18.28
C VAL I 115 -50.94 -21.26 18.80
N TYR I 116 -49.92 -22.10 18.58
CA TYR I 116 -49.90 -23.53 18.98
C TYR I 116 -49.32 -23.64 20.39
N GLN I 117 -49.98 -24.39 21.27
CA GLN I 117 -49.48 -24.73 22.63
C GLN I 117 -48.65 -26.02 22.52
N LEU I 118 -47.41 -25.98 23.04
CA LEU I 118 -46.47 -27.14 23.13
C LEU I 118 -46.40 -27.59 24.60
N ARG I 119 -46.21 -28.89 24.86
CA ARG I 119 -46.18 -29.45 26.25
C ARG I 119 -44.84 -30.17 26.47
N ASP I 120 -44.19 -29.92 27.62
CA ASP I 120 -42.75 -30.27 27.84
C ASP I 120 -42.58 -31.78 27.83
N SER I 121 -41.36 -32.25 27.58
CA SER I 121 -40.90 -33.66 27.77
C SER I 121 -40.96 -34.00 29.28
N LYS I 122 -41.30 -35.27 29.60
CA LYS I 122 -41.25 -35.90 30.96
C LYS I 122 -41.76 -34.93 32.06
N SER I 123 -42.94 -34.34 31.84
CA SER I 123 -43.73 -33.55 32.83
C SER I 123 -45.18 -33.38 32.30
N SER I 124 -45.94 -32.44 32.87
CA SER I 124 -47.41 -32.29 32.64
C SER I 124 -47.90 -30.98 33.27
N ASP I 125 -48.74 -30.22 32.54
CA ASP I 125 -49.35 -28.94 32.99
C ASP I 125 -48.30 -27.82 33.00
N LYS I 126 -47.00 -28.15 32.85
CA LYS I 126 -45.94 -27.18 32.43
C LYS I 126 -45.91 -27.18 30.90
N SER I 127 -46.24 -26.04 30.29
CA SER I 127 -46.44 -25.84 28.83
C SER I 127 -46.24 -24.37 28.49
N VAL I 128 -45.88 -24.10 27.24
CA VAL I 128 -45.54 -22.75 26.71
C VAL I 128 -46.33 -22.55 25.43
N CYS I 129 -46.90 -21.34 25.25
CA CYS I 129 -47.73 -20.98 24.07
C CYS I 129 -46.84 -20.21 23.07
N LEU I 130 -46.82 -20.65 21.80
CA LEU I 130 -45.87 -20.21 20.75
C LEU I 130 -46.63 -19.53 19.63
N PHE I 131 -46.50 -18.21 19.52
CA PHE I 131 -47.09 -17.36 18.45
C PHE I 131 -46.12 -17.31 17.26
N THR I 132 -46.47 -17.96 16.14
CA THR I 132 -45.56 -18.19 14.99
C THR I 132 -46.28 -18.00 13.64
N ASP I 133 -45.48 -17.98 12.57
CA ASP I 133 -45.87 -17.97 11.15
C ASP I 133 -46.65 -16.71 10.81
N PHE I 134 -46.62 -15.67 11.66
CA PHE I 134 -47.16 -14.32 11.35
C PHE I 134 -46.19 -13.63 10.36
N ASP I 135 -46.59 -12.47 9.82
CA ASP I 135 -45.82 -11.71 8.79
C ASP I 135 -45.21 -10.46 9.47
N SER I 136 -44.13 -9.92 8.89
CA SER I 136 -43.25 -8.89 9.52
C SER I 136 -44.03 -7.60 9.89
N GLN I 137 -45.19 -7.34 9.25
CA GLN I 137 -46.14 -6.28 9.70
C GLN I 137 -46.51 -6.52 11.17
N THR I 138 -47.00 -7.72 11.49
CA THR I 138 -47.55 -8.10 12.84
C THR I 138 -46.44 -8.03 13.90
N ASN I 139 -46.57 -7.12 14.87
CA ASN I 139 -45.54 -6.87 15.93
C ASN I 139 -46.00 -7.44 17.27
N VAL I 140 -45.04 -7.79 18.14
CA VAL I 140 -45.25 -8.58 19.39
C VAL I 140 -45.45 -7.66 20.58
N SER I 141 -46.56 -7.85 21.26
CA SER I 141 -47.03 -7.05 22.42
C SER I 141 -46.16 -7.33 23.64
N GLN I 142 -46.21 -6.40 24.58
CA GLN I 142 -45.65 -6.52 25.94
C GLN I 142 -46.31 -7.71 26.64
N SER I 143 -45.89 -8.02 27.88
CA SER I 143 -46.55 -9.01 28.77
C SER I 143 -47.91 -8.49 29.28
N LYS I 144 -47.93 -7.31 29.93
CA LYS I 144 -49.10 -6.69 30.63
C LYS I 144 -49.12 -7.19 32.08
N ASP I 145 -49.38 -8.49 32.26
CA ASP I 145 -49.38 -9.22 33.55
C ASP I 145 -47.91 -9.49 33.94
N SER I 146 -47.51 -9.11 35.16
CA SER I 146 -46.12 -9.22 35.68
C SER I 146 -45.69 -10.69 35.78
N ASP I 147 -46.58 -11.59 36.23
CA ASP I 147 -46.30 -13.05 36.40
C ASP I 147 -46.18 -13.75 35.04
N VAL I 148 -46.63 -13.11 33.96
CA VAL I 148 -46.50 -13.61 32.56
C VAL I 148 -45.20 -13.06 31.96
N TYR I 149 -44.45 -13.93 31.27
CA TYR I 149 -43.20 -13.59 30.54
C TYR I 149 -43.46 -13.75 29.03
N ILE I 150 -42.91 -12.86 28.20
CA ILE I 150 -43.14 -12.86 26.72
C ILE I 150 -41.85 -12.47 26.00
N THR I 151 -41.32 -13.36 25.15
CA THR I 151 -40.05 -13.16 24.41
C THR I 151 -40.28 -12.25 23.21
N ASP I 152 -39.20 -11.71 22.67
CA ASP I 152 -39.19 -10.91 21.42
C ASP I 152 -39.55 -11.83 20.24
N LYS I 153 -39.93 -11.22 19.12
CA LYS I 153 -39.98 -11.86 17.78
C LYS I 153 -38.55 -12.29 17.45
N CYS I 154 -38.38 -13.28 16.57
CA CYS I 154 -37.09 -13.53 15.86
C CYS I 154 -37.30 -14.50 14.68
N VAL I 155 -36.38 -14.47 13.71
CA VAL I 155 -36.50 -15.11 12.37
C VAL I 155 -35.69 -16.42 12.30
N LEU I 156 -36.36 -17.54 11.91
CA LEU I 156 -35.74 -18.86 11.57
C LEU I 156 -35.52 -18.95 10.05
N ASP I 157 -34.40 -19.52 9.60
CA ASP I 157 -34.12 -19.79 8.17
C ASP I 157 -33.80 -21.26 8.01
N MET I 158 -34.81 -22.10 7.84
CA MET I 158 -34.59 -23.53 7.45
C MET I 158 -34.04 -23.55 6.02
N ARG I 159 -32.70 -23.52 5.88
CA ARG I 159 -31.96 -23.57 4.58
C ARG I 159 -32.44 -24.81 3.84
N SER I 160 -32.58 -25.90 4.60
CA SER I 160 -33.16 -27.18 4.17
C SER I 160 -34.11 -26.91 3.00
N MET I 161 -35.14 -26.07 3.23
CA MET I 161 -36.34 -25.95 2.36
C MET I 161 -36.47 -24.55 1.74
N ASP I 162 -35.71 -23.55 2.20
CA ASP I 162 -35.93 -22.09 1.86
C ASP I 162 -37.31 -21.69 2.41
N PHE I 163 -37.41 -21.52 3.73
CA PHE I 163 -38.63 -21.09 4.45
C PHE I 163 -38.24 -20.26 5.67
N LYS I 164 -38.61 -18.99 5.69
CA LYS I 164 -38.34 -18.09 6.85
C LYS I 164 -39.62 -17.97 7.68
N SER I 165 -39.52 -18.18 9.00
CA SER I 165 -40.66 -18.17 9.97
C SER I 165 -40.36 -17.15 11.07
N ASN I 166 -41.35 -16.34 11.44
CA ASN I 166 -41.30 -15.45 12.64
C ASN I 166 -41.95 -16.19 13.81
N SER I 167 -41.21 -16.41 14.89
CA SER I 167 -41.65 -17.08 16.14
C SER I 167 -41.75 -16.05 17.25
N ALA I 168 -42.23 -16.45 18.43
CA ALA I 168 -42.22 -15.65 19.67
C ALA I 168 -43.06 -16.37 20.73
N VAL I 169 -42.42 -16.84 21.82
CA VAL I 169 -43.03 -17.77 22.82
C VAL I 169 -43.45 -16.98 24.07
N ALA I 170 -44.38 -17.55 24.86
CA ALA I 170 -44.93 -16.94 26.09
C ALA I 170 -45.37 -18.03 27.08
N TRP I 171 -44.88 -17.95 28.33
CA TRP I 171 -45.18 -18.89 29.44
C TRP I 171 -45.52 -18.09 30.71
N SER I 172 -46.20 -18.73 31.67
CA SER I 172 -46.51 -18.14 32.99
C SER I 172 -46.08 -19.09 34.11
N ASN I 173 -46.01 -18.57 35.33
CA ASN I 173 -45.70 -19.33 36.58
C ASN I 173 -46.69 -20.49 36.75
N LYS I 174 -47.99 -20.28 36.42
CA LYS I 174 -49.12 -21.20 36.74
C LYS I 174 -49.99 -21.41 35.49
N SER I 175 -50.78 -22.52 35.47
CA SER I 175 -51.69 -22.98 34.37
C SER I 175 -53.00 -22.16 34.36
N ASP I 176 -53.39 -21.64 35.54
CA ASP I 176 -54.48 -20.64 35.77
C ASP I 176 -54.39 -19.48 34.76
N PHE I 177 -53.41 -19.50 33.84
CA PHE I 177 -53.29 -18.59 32.65
C PHE I 177 -53.03 -19.45 31.40
N ALA I 178 -54.02 -19.52 30.50
CA ALA I 178 -53.99 -20.28 29.23
C ALA I 178 -53.89 -19.32 28.04
N CYS I 179 -54.15 -19.77 26.80
CA CYS I 179 -53.64 -19.16 25.54
C CYS I 179 -54.58 -18.07 24.97
N ALA I 180 -55.10 -17.19 25.85
CA ALA I 180 -55.86 -15.96 25.53
C ALA I 180 -55.17 -14.75 26.19
N ASN I 181 -53.84 -14.62 25.98
CA ASN I 181 -52.96 -13.63 26.67
C ASN I 181 -52.27 -12.73 25.63
N ALA I 182 -51.15 -13.19 25.04
CA ALA I 182 -50.40 -12.52 23.95
C ALA I 182 -51.39 -11.74 23.06
N PHE I 183 -51.27 -10.39 22.96
CA PHE I 183 -52.24 -9.47 22.28
C PHE I 183 -52.16 -9.64 20.75
N ASN I 184 -53.09 -10.44 20.17
CA ASN I 184 -53.11 -10.89 18.75
C ASN I 184 -53.07 -9.71 17.79
N ASN I 185 -52.58 -9.94 16.56
CA ASN I 185 -52.72 -8.99 15.41
C ASN I 185 -53.63 -9.60 14.32
N SER I 186 -53.46 -10.89 14.03
CA SER I 186 -53.98 -11.55 12.80
C SER I 186 -55.09 -12.57 13.15
N ILE I 187 -54.95 -13.83 12.69
CA ILE I 187 -55.92 -14.97 12.87
C ILE I 187 -55.21 -16.06 13.71
N ILE I 188 -55.94 -16.80 14.59
CA ILE I 188 -55.42 -17.45 15.85
C ILE I 188 -55.77 -18.96 15.92
N PRO I 189 -55.55 -19.79 14.85
CA PRO I 189 -55.99 -21.19 14.85
C PRO I 189 -55.36 -22.11 15.93
N GLU I 190 -56.20 -22.65 16.83
CA GLU I 190 -55.83 -23.65 17.89
C GLU I 190 -56.12 -25.05 17.36
N ASN J 1 -2.67 -14.88 12.51
CA ASN J 1 -2.35 -13.74 13.43
C ASN J 1 -3.51 -13.54 14.43
N ALA J 2 -3.31 -13.93 15.72
CA ALA J 2 -4.36 -14.11 16.78
C ALA J 2 -5.42 -12.99 16.78
N GLY J 3 -5.04 -11.73 16.46
CA GLY J 3 -5.95 -10.57 16.39
C GLY J 3 -5.76 -9.63 17.60
N VAL J 4 -6.80 -9.53 18.47
CA VAL J 4 -6.79 -9.04 19.90
C VAL J 4 -7.49 -10.10 20.77
N THR J 5 -6.93 -10.49 21.91
CA THR J 5 -7.50 -11.54 22.79
C THR J 5 -7.89 -10.92 24.13
N GLN J 6 -8.78 -11.54 24.90
CA GLN J 6 -9.20 -11.06 26.24
C GLN J 6 -9.44 -12.26 27.15
N THR J 7 -9.23 -12.06 28.45
CA THR J 7 -9.51 -13.04 29.52
C THR J 7 -10.15 -12.29 30.67
N PRO J 8 -11.10 -12.89 31.43
CA PRO J 8 -11.76 -14.13 31.01
C PRO J 8 -12.79 -13.80 29.92
N LYS J 9 -13.74 -14.71 29.67
CA LYS J 9 -14.91 -14.48 28.77
C LYS J 9 -16.12 -14.11 29.62
N PHE J 10 -16.22 -14.67 30.82
CA PHE J 10 -17.37 -14.53 31.76
C PHE J 10 -16.84 -14.58 33.18
N GLN J 11 -17.27 -13.65 34.03
CA GLN J 11 -16.82 -13.59 35.43
C GLN J 11 -17.91 -12.99 36.32
N VAL J 12 -18.33 -13.76 37.31
CA VAL J 12 -19.02 -13.28 38.55
C VAL J 12 -17.96 -12.69 39.46
N LEU J 13 -18.37 -11.84 40.41
CA LEU J 13 -17.48 -11.17 41.39
C LEU J 13 -18.33 -10.80 42.61
N LYS J 14 -17.75 -10.86 43.81
CA LYS J 14 -18.35 -10.30 45.06
C LYS J 14 -17.90 -8.84 45.16
N THR J 15 -18.83 -7.93 45.44
CA THR J 15 -18.55 -6.49 45.62
C THR J 15 -17.33 -6.36 46.55
N GLY J 16 -16.36 -5.51 46.18
CA GLY J 16 -15.11 -5.35 46.91
C GLY J 16 -14.21 -6.56 46.74
N GLN J 17 -13.92 -6.89 45.49
CA GLN J 17 -12.94 -7.93 45.11
C GLN J 17 -12.01 -7.38 44.06
N SER J 18 -10.72 -7.70 44.17
CA SER J 18 -9.69 -7.45 43.13
C SER J 18 -10.05 -8.29 41.89
N MET J 19 -9.74 -7.78 40.70
CA MET J 19 -10.13 -8.41 39.42
C MET J 19 -9.37 -7.74 38.28
N THR J 20 -8.65 -8.53 37.48
CA THR J 20 -7.75 -8.08 36.39
C THR J 20 -8.22 -8.72 35.09
N LEU J 21 -8.56 -7.91 34.09
CA LEU J 21 -8.94 -8.37 32.73
C LEU J 21 -7.70 -8.27 31.85
N GLN J 22 -7.43 -9.29 31.03
CA GLN J 22 -6.25 -9.30 30.14
C GLN J 22 -6.63 -8.67 28.82
N CYS J 23 -5.68 -8.03 28.17
CA CYS J 23 -5.76 -7.65 26.75
C CYS J 23 -4.38 -7.77 26.09
N ALA J 24 -4.36 -8.15 24.80
CA ALA J 24 -3.18 -8.65 24.08
C ALA J 24 -3.13 -8.11 22.63
N GLN J 25 -2.20 -8.62 21.86
CA GLN J 25 -1.69 -7.98 20.63
C GLN J 25 -0.62 -8.85 19.97
N ASP J 26 -0.93 -9.38 18.78
CA ASP J 26 0.04 -10.00 17.88
C ASP J 26 0.34 -9.01 16.75
N MET J 27 0.02 -7.72 16.96
CA MET J 27 0.23 -6.61 15.98
C MET J 27 1.16 -5.59 16.64
N ASN J 28 1.50 -4.49 15.95
CA ASN J 28 2.49 -3.48 16.43
C ASN J 28 1.77 -2.23 16.95
N HIS J 29 0.62 -2.43 17.59
CA HIS J 29 -0.40 -1.36 17.76
C HIS J 29 -0.02 -0.49 18.97
N GLU J 30 0.35 0.76 18.68
CA GLU J 30 0.67 1.82 19.66
C GLU J 30 -0.61 2.15 20.47
N TYR J 31 -1.68 2.58 19.75
CA TYR J 31 -3.03 2.96 20.28
C TYR J 31 -3.80 1.72 20.75
N MET J 32 -4.30 1.77 21.98
CA MET J 32 -5.23 0.77 22.57
C MET J 32 -6.20 1.52 23.48
N SER J 33 -7.26 0.85 23.93
CA SER J 33 -8.37 1.47 24.67
C SER J 33 -9.21 0.38 25.34
N TRP J 34 -10.01 0.79 26.31
CA TRP J 34 -10.91 -0.10 27.09
C TRP J 34 -12.27 0.56 27.17
N TYR J 35 -13.31 -0.17 26.78
CA TYR J 35 -14.71 0.32 26.79
C TYR J 35 -15.55 -0.55 27.72
N ARG J 36 -16.65 0.02 28.21
CA ARG J 36 -17.74 -0.71 28.89
C ARG J 36 -19.02 -0.45 28.08
N GLN J 37 -19.90 -1.43 28.00
CA GLN J 37 -21.17 -1.34 27.25
C GLN J 37 -22.27 -1.98 28.09
N ASP J 38 -23.25 -1.20 28.51
CA ASP J 38 -24.39 -1.67 29.33
C ASP J 38 -25.58 -1.88 28.41
N PRO J 39 -26.30 -3.04 28.49
CA PRO J 39 -27.51 -3.23 27.68
C PRO J 39 -28.27 -1.89 27.75
N GLY J 40 -28.54 -1.28 26.60
CA GLY J 40 -29.18 0.05 26.53
C GLY J 40 -28.23 1.11 26.01
N MET J 41 -27.29 1.60 26.84
CA MET J 41 -26.20 2.49 26.34
C MET J 41 -25.28 1.67 25.40
N GLY J 42 -24.20 2.29 24.90
CA GLY J 42 -23.16 1.67 24.03
C GLY J 42 -21.76 1.68 24.65
N LEU J 43 -20.74 1.80 23.80
CA LEU J 43 -19.31 1.88 24.17
C LEU J 43 -19.00 3.22 24.85
N ARG J 44 -18.60 3.19 26.12
CA ARG J 44 -18.10 4.34 26.94
C ARG J 44 -16.62 4.10 27.28
N LEU J 45 -15.74 5.01 26.85
CA LEU J 45 -14.26 4.92 27.00
C LEU J 45 -13.86 5.05 28.48
N ILE J 46 -12.94 4.18 28.97
CA ILE J 46 -12.44 4.20 30.39
C ILE J 46 -11.04 4.86 30.44
N HIS J 47 -10.03 4.21 29.84
CA HIS J 47 -8.64 4.71 29.70
C HIS J 47 -8.13 4.36 28.31
N TYR J 48 -6.98 4.90 27.92
CA TYR J 48 -6.36 4.62 26.60
C TYR J 48 -4.86 4.93 26.60
N SER J 49 -4.04 3.93 26.27
CA SER J 49 -2.63 4.08 25.84
C SER J 49 -2.61 4.70 24.44
N VAL J 50 -1.74 5.67 24.22
CA VAL J 50 -1.37 6.14 22.85
C VAL J 50 -0.01 5.53 22.50
N GLY J 51 0.46 4.60 23.37
CA GLY J 51 1.84 4.05 23.37
C GLY J 51 2.23 3.40 24.71
N ALA J 52 3.45 2.89 24.77
CA ALA J 52 4.01 2.21 25.96
C ALA J 52 4.20 3.25 27.06
N GLY J 53 3.75 2.96 28.28
CA GLY J 53 3.98 3.81 29.48
C GLY J 53 2.99 4.98 29.58
N ILE J 54 2.60 5.56 28.42
CA ILE J 54 1.52 6.58 28.27
C ILE J 54 0.17 5.90 28.52
N THR J 55 -0.62 6.52 29.39
CA THR J 55 -2.00 6.18 29.76
C THR J 55 -2.74 7.52 29.97
N ASP J 56 -4.00 7.64 29.51
CA ASP J 56 -4.88 8.81 29.79
C ASP J 56 -6.23 8.29 30.32
N GLN J 57 -7.01 9.17 30.95
CA GLN J 57 -8.38 8.84 31.42
C GLN J 57 -9.38 9.23 30.32
N GLY J 58 -10.52 8.53 30.26
CA GLY J 58 -11.52 8.65 29.19
C GLY J 58 -12.77 9.36 29.66
N GLU J 59 -13.89 8.65 29.69
CA GLU J 59 -15.20 9.20 30.08
C GLU J 59 -15.57 8.72 31.48
N VAL J 60 -15.31 7.46 31.82
CA VAL J 60 -15.85 6.83 33.07
C VAL J 60 -14.71 6.14 33.85
N PRO J 61 -13.62 6.87 34.18
CA PRO J 61 -12.40 6.23 34.64
C PRO J 61 -12.42 5.77 36.10
N ASN J 62 -13.42 6.18 36.89
CA ASN J 62 -13.51 5.84 38.34
C ASN J 62 -13.78 4.35 38.51
N GLY J 63 -13.20 3.77 39.58
CA GLY J 63 -13.27 2.33 39.93
C GLY J 63 -12.13 1.52 39.31
N TYR J 64 -11.52 2.04 38.23
CA TYR J 64 -10.72 1.30 37.23
C TYR J 64 -9.29 1.86 37.11
N ASN J 65 -8.29 1.12 37.60
CA ASN J 65 -6.85 1.37 37.30
C ASN J 65 -6.46 0.47 36.13
N VAL J 66 -5.92 1.04 35.06
CA VAL J 66 -5.45 0.27 33.87
C VAL J 66 -4.38 1.10 33.19
N SER J 67 -3.17 0.57 33.15
CA SER J 67 -2.05 1.12 32.36
C SER J 67 -1.11 -0.02 31.99
N ARG J 68 -0.28 0.19 30.97
CA ARG J 68 0.80 -0.76 30.66
C ARG J 68 1.99 -0.08 30.02
N SER J 69 3.18 -0.57 30.45
CA SER J 69 4.49 -0.41 29.79
C SER J 69 4.43 -1.08 28.42
N THR J 70 4.49 -2.42 28.37
CA THR J 70 4.39 -3.22 27.11
C THR J 70 3.39 -2.57 26.13
N THR J 71 3.76 -2.44 24.85
CA THR J 71 2.82 -2.05 23.76
C THR J 71 1.84 -3.21 23.53
N GLU J 72 2.29 -4.46 23.79
CA GLU J 72 1.59 -5.74 23.47
C GLU J 72 0.44 -5.99 24.45
N ASP J 73 0.68 -5.83 25.75
CA ASP J 73 -0.37 -5.99 26.79
C ASP J 73 -0.94 -4.62 27.14
N PHE J 74 -2.20 -4.58 27.58
CA PHE J 74 -2.89 -3.39 28.17
C PHE J 74 -3.94 -3.88 29.15
N PRO J 75 -3.53 -4.40 30.33
CA PRO J 75 -4.48 -4.98 31.28
C PRO J 75 -5.35 -3.91 31.91
N LEU J 76 -6.46 -4.32 32.53
CA LEU J 76 -7.44 -3.42 33.18
C LEU J 76 -7.88 -4.04 34.49
N ARG J 77 -7.84 -3.28 35.57
CA ARG J 77 -7.97 -3.80 36.95
C ARG J 77 -9.09 -3.04 37.68
N LEU J 78 -9.96 -3.78 38.37
CA LEU J 78 -10.93 -3.26 39.36
C LEU J 78 -10.36 -3.52 40.75
N LEU J 79 -10.02 -2.46 41.48
CA LEU J 79 -9.39 -2.61 42.82
C LEU J 79 -10.47 -3.10 43.78
N SER J 80 -11.55 -2.31 43.91
CA SER J 80 -12.77 -2.66 44.66
C SER J 80 -13.92 -2.79 43.65
N ALA J 81 -14.36 -4.03 43.40
CA ALA J 81 -15.49 -4.38 42.52
C ALA J 81 -16.78 -3.78 43.07
N ALA J 82 -17.67 -3.34 42.19
CA ALA J 82 -18.97 -2.70 42.53
C ALA J 82 -20.04 -3.18 41.54
N PRO J 83 -21.33 -3.23 41.94
CA PRO J 83 -22.39 -3.58 41.00
C PRO J 83 -22.38 -2.56 39.85
N SER J 84 -22.15 -1.26 40.16
CA SER J 84 -22.07 -0.14 39.20
C SER J 84 -21.07 -0.46 38.06
N GLN J 85 -20.32 -1.54 38.18
CA GLN J 85 -19.31 -1.97 37.18
C GLN J 85 -19.75 -3.27 36.48
N THR J 86 -20.94 -3.80 36.81
CA THR J 86 -21.50 -5.03 36.18
C THR J 86 -21.85 -4.70 34.72
N SER J 87 -20.99 -5.09 33.79
CA SER J 87 -21.11 -4.70 32.37
C SER J 87 -20.29 -5.62 31.47
N VAL J 88 -20.30 -5.33 30.18
CA VAL J 88 -19.50 -6.01 29.12
C VAL J 88 -18.34 -5.08 28.80
N TYR J 89 -17.09 -5.55 28.95
CA TYR J 89 -15.86 -4.76 28.70
C TYR J 89 -15.21 -5.23 27.42
N PHE J 90 -15.02 -4.32 26.47
CA PHE J 90 -14.29 -4.54 25.21
C PHE J 90 -12.94 -3.83 25.29
N CYS J 91 -11.95 -4.39 24.60
CA CYS J 91 -10.58 -3.86 24.47
C CYS J 91 -10.26 -3.75 22.99
N ALA J 92 -9.79 -2.62 22.55
CA ALA J 92 -9.59 -2.33 21.13
C ALA J 92 -8.21 -1.73 20.89
N SER J 93 -7.57 -2.15 19.80
CA SER J 93 -6.27 -1.63 19.32
C SER J 93 -6.40 -1.15 17.88
N SER J 94 -5.64 -0.14 17.50
CA SER J 94 -5.32 0.20 16.10
C SER J 94 -3.85 0.53 16.01
N TYR J 95 -3.25 0.30 14.85
CA TYR J 95 -1.85 0.66 14.57
C TYR J 95 -1.65 2.14 14.86
N SER J 96 -2.65 2.98 14.54
CA SER J 96 -2.54 4.46 14.57
C SER J 96 -3.79 5.12 15.19
N PHE J 97 -3.59 6.06 16.13
CA PHE J 97 -4.45 7.24 16.41
C PHE J 97 -4.22 8.23 15.25
N THR J 98 -4.60 9.50 15.37
CA THR J 98 -4.27 10.60 14.42
C THR J 98 -4.14 10.09 12.96
N GLU J 99 -5.02 9.17 12.55
CA GLU J 99 -4.96 8.51 11.21
C GLU J 99 -6.11 7.50 11.11
N ALA J 100 -6.87 7.56 10.01
CA ALA J 100 -8.22 6.99 9.87
C ALA J 100 -8.19 5.59 9.25
N THR J 101 -7.44 5.43 8.16
CA THR J 101 -7.32 4.17 7.38
C THR J 101 -7.29 2.99 8.35
N TYR J 102 -6.23 2.90 9.18
CA TYR J 102 -5.95 1.72 10.04
C TYR J 102 -7.20 1.41 10.88
N GLU J 103 -7.57 0.15 10.88
CA GLU J 103 -8.82 -0.33 11.51
C GLU J 103 -8.61 -0.31 13.01
N GLN J 104 -9.70 -0.36 13.74
CA GLN J 104 -9.72 -0.50 15.19
C GLN J 104 -10.34 -1.86 15.53
N TYR J 105 -9.54 -2.89 15.76
CA TYR J 105 -10.01 -4.28 16.06
C TYR J 105 -10.46 -4.34 17.51
N PHE J 106 -11.51 -5.09 17.79
CA PHE J 106 -12.12 -5.22 19.13
C PHE J 106 -11.87 -6.64 19.63
N GLY J 107 -11.72 -6.81 20.92
CA GLY J 107 -11.59 -8.12 21.54
C GLY J 107 -12.90 -8.89 21.48
N PRO J 108 -12.93 -10.14 21.96
CA PRO J 108 -14.18 -10.84 22.15
C PRO J 108 -15.00 -10.31 23.33
N GLY J 109 -14.43 -9.42 24.11
CA GLY J 109 -15.10 -8.83 25.27
C GLY J 109 -15.16 -9.80 26.43
N THR J 110 -15.17 -9.24 27.64
CA THR J 110 -15.34 -9.95 28.93
C THR J 110 -16.69 -9.52 29.52
N ARG J 111 -17.52 -10.49 29.87
CA ARG J 111 -18.86 -10.26 30.45
C ARG J 111 -18.75 -10.34 31.96
N LEU J 112 -19.00 -9.23 32.66
CA LEU J 112 -18.77 -9.11 34.11
C LEU J 112 -20.08 -8.83 34.84
N THR J 113 -20.40 -9.64 35.84
CA THR J 113 -21.47 -9.39 36.83
C THR J 113 -20.80 -9.28 38.21
N VAL J 114 -21.19 -8.30 39.01
CA VAL J 114 -20.72 -8.08 40.40
C VAL J 114 -21.96 -8.09 41.33
N THR J 115 -21.96 -8.89 42.40
CA THR J 115 -23.15 -9.14 43.27
C THR J 115 -22.77 -9.05 44.75
N GLU J 116 -23.58 -8.34 45.56
CA GLU J 116 -23.32 -8.02 47.00
C GLU J 116 -23.30 -9.31 47.84
N ASP J 117 -24.12 -10.30 47.46
CA ASP J 117 -24.23 -11.63 48.12
C ASP J 117 -24.08 -12.71 47.04
N LEU J 118 -23.09 -13.60 47.20
CA LEU J 118 -22.74 -14.61 46.16
C LEU J 118 -23.82 -15.71 46.10
N LYS J 119 -24.75 -15.73 47.06
CA LYS J 119 -25.95 -16.63 47.11
C LYS J 119 -26.89 -16.33 45.92
N ASN J 120 -26.86 -15.09 45.40
CA ASN J 120 -27.70 -14.62 44.27
C ASN J 120 -27.50 -15.48 43.00
N VAL J 121 -26.39 -16.20 42.91
CA VAL J 121 -26.01 -16.99 41.71
C VAL J 121 -26.74 -18.34 41.75
N PHE J 122 -27.47 -18.68 40.67
CA PHE J 122 -28.25 -19.93 40.53
C PHE J 122 -27.96 -20.53 39.16
N PRO J 123 -27.97 -21.89 39.03
CA PRO J 123 -27.83 -22.55 37.73
C PRO J 123 -29.18 -22.56 37.01
N PRO J 124 -29.19 -22.69 35.67
CA PRO J 124 -30.43 -22.72 34.92
C PRO J 124 -31.19 -24.05 35.05
N GLU J 125 -32.52 -23.96 35.08
CA GLU J 125 -33.46 -25.11 34.89
C GLU J 125 -33.91 -25.07 33.43
N VAL J 126 -33.66 -26.15 32.70
CA VAL J 126 -33.89 -26.24 31.23
C VAL J 126 -35.07 -27.20 30.96
N ALA J 127 -35.85 -26.96 29.90
CA ALA J 127 -36.97 -27.83 29.46
C ALA J 127 -37.18 -27.69 27.94
N VAL J 128 -37.27 -28.83 27.23
CA VAL J 128 -37.71 -28.90 25.80
C VAL J 128 -39.22 -29.15 25.77
N PHE J 129 -39.92 -28.50 24.84
CA PHE J 129 -41.38 -28.61 24.63
C PHE J 129 -41.63 -29.11 23.19
N GLU J 130 -42.40 -30.22 23.06
CA GLU J 130 -42.60 -31.01 21.81
C GLU J 130 -43.57 -30.27 20.90
N PRO J 131 -43.36 -30.30 19.56
CA PRO J 131 -44.23 -29.58 18.62
C PRO J 131 -45.71 -30.02 18.69
N SER J 132 -46.63 -29.13 18.36
CA SER J 132 -48.09 -29.37 18.36
C SER J 132 -48.49 -30.26 17.15
N GLU J 133 -49.30 -31.30 17.36
CA GLU J 133 -49.93 -32.04 16.23
C GLU J 133 -50.58 -31.00 15.30
N ALA J 134 -51.31 -30.03 15.86
CA ALA J 134 -51.98 -28.93 15.14
C ALA J 134 -50.99 -28.25 14.18
N GLU J 135 -49.78 -27.94 14.63
CA GLU J 135 -48.72 -27.30 13.81
C GLU J 135 -48.26 -28.24 12.70
N ILE J 136 -48.13 -29.53 12.98
CA ILE J 136 -47.54 -30.54 12.04
C ILE J 136 -48.50 -30.78 10.86
N SER J 137 -49.82 -30.72 11.10
CA SER J 137 -50.85 -30.90 10.03
C SER J 137 -51.11 -29.57 9.32
N HIS J 138 -51.31 -28.47 10.07
CA HIS J 138 -51.71 -27.13 9.53
C HIS J 138 -50.56 -26.50 8.74
N THR J 139 -49.32 -26.94 8.97
CA THR J 139 -48.08 -26.31 8.44
C THR J 139 -47.20 -27.32 7.70
N GLN J 140 -47.24 -28.60 8.07
CA GLN J 140 -46.38 -29.67 7.50
C GLN J 140 -44.95 -29.49 8.06
N LYS J 141 -44.84 -28.98 9.31
CA LYS J 141 -43.54 -28.60 9.96
C LYS J 141 -43.67 -28.64 11.48
N ALA J 142 -42.56 -28.94 12.18
CA ALA J 142 -42.44 -29.10 13.67
C ALA J 142 -41.49 -28.03 14.23
N THR J 143 -41.95 -27.26 15.23
CA THR J 143 -41.11 -26.32 16.02
C THR J 143 -40.99 -26.82 17.46
N LEU J 144 -39.77 -27.11 17.93
CA LEU J 144 -39.45 -27.41 19.35
C LEU J 144 -39.06 -26.12 20.05
N VAL J 145 -39.50 -25.93 21.29
CA VAL J 145 -39.17 -24.73 22.10
C VAL J 145 -38.33 -25.18 23.29
N CYS J 146 -37.31 -24.41 23.62
CA CYS J 146 -36.43 -24.62 24.80
C CYS J 146 -36.54 -23.41 25.74
N LEU J 147 -36.27 -23.62 27.03
CA LEU J 147 -36.61 -22.67 28.11
C LEU J 147 -35.69 -22.88 29.31
N ALA J 148 -34.62 -22.08 29.40
CA ALA J 148 -33.73 -21.99 30.58
C ALA J 148 -34.27 -20.91 31.52
N THR J 149 -34.56 -21.24 32.78
CA THR J 149 -35.22 -20.33 33.76
C THR J 149 -34.52 -20.39 35.12
N GLY J 150 -34.64 -19.29 35.88
CA GLY J 150 -34.08 -19.12 37.23
C GLY J 150 -32.55 -19.21 37.28
N PHE J 151 -31.84 -18.43 36.45
CA PHE J 151 -30.35 -18.41 36.40
C PHE J 151 -29.83 -16.97 36.54
N TYR J 152 -28.62 -16.83 37.12
CA TYR J 152 -27.94 -15.53 37.40
C TYR J 152 -26.47 -15.79 37.71
N PRO J 153 -25.50 -15.14 37.00
CA PRO J 153 -25.79 -14.04 36.06
C PRO J 153 -26.26 -14.49 34.68
N ASP J 154 -26.60 -13.52 33.84
CA ASP J 154 -27.13 -13.74 32.45
C ASP J 154 -25.97 -14.14 31.53
N HIS J 155 -25.10 -15.01 32.00
CA HIS J 155 -23.98 -15.61 31.23
C HIS J 155 -24.35 -17.04 30.83
N VAL J 156 -24.69 -17.25 29.55
CA VAL J 156 -25.25 -18.53 29.04
C VAL J 156 -25.00 -18.60 27.53
N GLU J 157 -24.58 -19.76 27.02
CA GLU J 157 -24.68 -20.12 25.57
C GLU J 157 -25.64 -21.28 25.44
N LEU J 158 -26.33 -21.38 24.31
CA LEU J 158 -27.45 -22.31 24.10
C LEU J 158 -27.47 -22.74 22.64
N SER J 159 -27.01 -23.95 22.32
CA SER J 159 -27.15 -24.55 20.96
C SER J 159 -28.10 -25.76 21.02
N TRP J 160 -28.51 -26.24 19.87
CA TRP J 160 -29.34 -27.45 19.70
C TRP J 160 -28.49 -28.59 19.13
N TRP J 161 -28.59 -29.78 19.74
CA TRP J 161 -27.86 -31.00 19.31
C TRP J 161 -28.88 -32.08 18.89
N VAL J 162 -29.14 -32.18 17.59
CA VAL J 162 -30.05 -33.20 17.01
C VAL J 162 -29.19 -34.39 16.55
N ASN J 163 -29.31 -35.53 17.26
CA ASN J 163 -28.61 -36.82 16.99
C ASN J 163 -27.13 -36.70 17.38
N GLY J 164 -26.80 -35.80 18.31
CA GLY J 164 -25.43 -35.60 18.84
C GLY J 164 -24.56 -34.68 17.98
N LYS J 165 -25.08 -34.22 16.82
CA LYS J 165 -24.38 -33.29 15.91
C LYS J 165 -25.08 -31.92 16.03
N GLU J 166 -24.30 -30.85 16.19
CA GLU J 166 -24.77 -29.45 16.40
C GLU J 166 -25.51 -29.00 15.13
N VAL J 167 -26.53 -28.13 15.27
CA VAL J 167 -27.34 -27.59 14.12
C VAL J 167 -27.45 -26.06 14.26
N HIS J 168 -27.32 -25.34 13.13
CA HIS J 168 -27.42 -23.87 13.02
C HIS J 168 -28.42 -23.49 11.93
N SER J 169 -29.47 -24.29 11.74
CA SER J 169 -30.49 -24.11 10.67
C SER J 169 -31.88 -24.41 11.25
N GLY J 170 -32.81 -23.47 11.04
CA GLY J 170 -34.15 -23.46 11.69
C GLY J 170 -34.00 -23.32 13.20
N VAL J 171 -33.00 -22.58 13.65
CA VAL J 171 -32.77 -22.29 15.09
C VAL J 171 -32.98 -20.82 15.30
N CYS J 172 -33.50 -20.43 16.47
CA CYS J 172 -33.65 -19.02 16.88
C CYS J 172 -33.58 -18.87 18.40
N THR J 173 -32.51 -18.25 18.91
CA THR J 173 -32.36 -17.89 20.34
C THR J 173 -32.70 -16.40 20.53
N ASP J 174 -33.29 -16.06 21.68
CA ASP J 174 -33.71 -14.66 21.97
C ASP J 174 -32.50 -13.75 21.99
N PRO J 175 -32.52 -12.63 21.23
CA PRO J 175 -31.48 -11.63 21.32
C PRO J 175 -30.84 -11.47 22.72
N GLN J 176 -31.65 -11.36 23.79
CA GLN J 176 -31.15 -11.03 25.16
C GLN J 176 -31.97 -11.77 26.21
N PRO J 177 -31.35 -12.58 27.11
CA PRO J 177 -32.12 -13.30 28.14
C PRO J 177 -32.96 -12.35 28.99
N LEU J 178 -34.29 -12.51 29.01
CA LEU J 178 -35.22 -11.56 29.68
C LEU J 178 -35.27 -11.83 31.21
N LYS J 179 -35.79 -10.84 31.95
CA LYS J 179 -35.58 -10.66 33.41
C LYS J 179 -36.83 -11.11 34.15
N GLU J 180 -36.73 -12.18 34.96
CA GLU J 180 -37.89 -12.81 35.67
C GLU J 180 -38.60 -11.78 36.56
N GLN J 181 -37.88 -10.77 37.09
CA GLN J 181 -38.46 -9.66 37.91
C GLN J 181 -37.82 -8.31 37.50
N PRO J 182 -38.31 -7.63 36.42
CA PRO J 182 -37.61 -6.48 35.86
C PRO J 182 -37.30 -5.40 36.91
N ALA J 183 -38.22 -5.20 37.86
CA ALA J 183 -38.19 -4.16 38.91
C ALA J 183 -36.99 -4.37 39.84
N LEU J 184 -36.88 -5.56 40.45
CA LEU J 184 -35.74 -5.95 41.34
C LEU J 184 -34.45 -5.93 40.52
N ASN J 185 -33.35 -5.42 41.11
CA ASN J 185 -32.07 -5.15 40.40
C ASN J 185 -31.30 -6.47 40.19
N ASP J 186 -31.21 -7.29 41.24
CA ASP J 186 -30.35 -8.50 41.36
C ASP J 186 -31.08 -9.76 40.84
N SER J 187 -32.23 -9.58 40.16
CA SER J 187 -33.24 -10.62 39.82
C SER J 187 -32.69 -11.69 38.87
N ARG J 188 -33.23 -12.91 39.01
CA ARG J 188 -32.92 -14.09 38.17
C ARG J 188 -33.37 -13.81 36.73
N TYR J 189 -32.88 -14.60 35.77
CA TYR J 189 -33.09 -14.41 34.31
C TYR J 189 -33.80 -15.65 33.74
N ALA J 190 -34.06 -15.65 32.43
CA ALA J 190 -34.61 -16.80 31.67
C ALA J 190 -34.47 -16.54 30.17
N LEU J 191 -34.19 -17.59 29.39
CA LEU J 191 -33.91 -17.50 27.93
C LEU J 191 -34.57 -18.67 27.22
N SER J 192 -35.14 -18.43 26.03
CA SER J 192 -35.84 -19.45 25.20
C SER J 192 -35.26 -19.50 23.78
N SER J 193 -35.27 -20.69 23.18
CA SER J 193 -34.85 -20.93 21.78
C SER J 193 -35.87 -21.83 21.05
N ARG J 194 -35.78 -21.86 19.73
CA ARG J 194 -36.72 -22.56 18.82
C ARG J 194 -35.93 -23.37 17.81
N LEU J 195 -36.26 -24.65 17.69
CA LEU J 195 -35.82 -25.52 16.57
C LEU J 195 -37.04 -25.89 15.73
N ARG J 196 -36.96 -25.63 14.42
CA ARG J 196 -37.97 -26.02 13.41
C ARG J 196 -37.32 -26.96 12.38
N VAL J 197 -38.01 -28.03 12.04
CA VAL J 197 -37.52 -29.09 11.11
C VAL J 197 -38.71 -29.67 10.34
N SER J 198 -38.45 -30.25 9.16
CA SER J 198 -39.46 -30.95 8.32
C SER J 198 -40.35 -31.81 9.22
N ALA J 199 -41.68 -31.79 9.00
CA ALA J 199 -42.68 -32.58 9.77
C ALA J 199 -42.16 -33.99 10.05
N THR J 200 -41.71 -34.70 8.99
CA THR J 200 -41.36 -36.15 9.00
C THR J 200 -40.04 -36.40 9.74
N PHE J 201 -39.19 -35.36 9.92
CA PHE J 201 -37.99 -35.44 10.78
C PHE J 201 -38.46 -35.73 12.21
N TRP J 202 -39.43 -34.96 12.70
CA TRP J 202 -40.00 -35.14 14.06
C TRP J 202 -40.82 -36.45 14.13
N GLN J 203 -41.45 -36.85 13.01
CA GLN J 203 -42.46 -37.97 12.95
C GLN J 203 -41.74 -39.32 13.13
N ASP J 204 -40.44 -39.40 12.83
CA ASP J 204 -39.66 -40.66 12.98
C ASP J 204 -39.03 -40.66 14.38
N PRO J 205 -39.31 -41.69 15.22
CA PRO J 205 -38.92 -41.69 16.63
C PRO J 205 -37.47 -42.15 16.86
N ARG J 206 -36.71 -42.27 15.77
CA ARG J 206 -35.28 -42.68 15.71
C ARG J 206 -34.40 -41.43 15.66
N ASN J 207 -34.99 -40.27 15.33
CA ASN J 207 -34.36 -38.92 15.45
C ASN J 207 -34.42 -38.47 16.92
N HIS J 208 -33.30 -38.01 17.48
CA HIS J 208 -33.16 -37.56 18.89
C HIS J 208 -32.78 -36.07 18.95
N PHE J 209 -33.35 -35.32 19.91
CA PHE J 209 -33.18 -33.84 20.09
C PHE J 209 -32.73 -33.53 21.52
N ARG J 210 -31.65 -32.76 21.69
CA ARG J 210 -31.29 -32.16 23.01
C ARG J 210 -31.07 -30.66 22.87
N CYS J 211 -31.70 -29.90 23.75
CA CYS J 211 -31.41 -28.46 24.00
C CYS J 211 -30.35 -28.36 25.08
N GLN J 212 -29.23 -27.68 24.79
CA GLN J 212 -28.03 -27.61 25.67
C GLN J 212 -27.76 -26.14 26.04
N VAL J 213 -27.53 -25.87 27.33
CA VAL J 213 -27.24 -24.51 27.87
C VAL J 213 -26.00 -24.58 28.76
N GLN J 214 -24.91 -23.95 28.31
CA GLN J 214 -23.66 -23.74 29.08
C GLN J 214 -23.87 -22.58 30.05
N PHE J 215 -23.78 -22.83 31.35
CA PHE J 215 -23.87 -21.80 32.41
C PHE J 215 -22.46 -21.36 32.80
N TYR J 216 -22.24 -20.07 33.03
CA TYR J 216 -20.97 -19.48 33.54
C TYR J 216 -21.22 -18.91 34.93
N GLY J 217 -21.04 -19.74 35.96
CA GLY J 217 -21.30 -19.42 37.38
C GLY J 217 -20.00 -19.29 38.17
N LEU J 218 -19.95 -19.92 39.34
CA LEU J 218 -18.79 -19.85 40.25
C LEU J 218 -17.64 -20.70 39.66
N SER J 219 -16.51 -20.77 40.35
CA SER J 219 -15.38 -21.68 40.07
C SER J 219 -15.13 -22.57 41.29
N GLU J 220 -14.44 -23.70 41.11
CA GLU J 220 -14.12 -24.69 42.18
C GLU J 220 -13.51 -23.95 43.39
N ASN J 221 -12.68 -22.91 43.17
CA ASN J 221 -11.88 -22.20 44.21
C ASN J 221 -12.77 -21.26 45.07
N ASP J 222 -13.88 -20.73 44.53
CA ASP J 222 -14.81 -19.79 45.23
C ASP J 222 -15.43 -20.47 46.45
N GLU J 223 -15.55 -19.73 47.56
CA GLU J 223 -16.11 -20.20 48.86
C GLU J 223 -17.63 -20.40 48.74
N TRP J 224 -18.20 -21.33 49.51
CA TRP J 224 -19.62 -21.76 49.45
C TRP J 224 -20.00 -22.60 50.68
N THR J 225 -20.93 -22.12 51.48
CA THR J 225 -21.32 -22.73 52.78
C THR J 225 -22.84 -22.81 52.88
N GLN J 226 -23.54 -22.91 51.75
CA GLN J 226 -25.04 -22.95 51.66
C GLN J 226 -25.55 -24.39 51.86
N ASP J 227 -26.86 -24.59 51.72
CA ASP J 227 -27.51 -25.94 51.76
C ASP J 227 -27.68 -26.48 50.34
N ARG J 228 -27.98 -25.61 49.36
CA ARG J 228 -28.29 -26.03 47.96
C ARG J 228 -26.97 -26.32 47.22
N ALA J 229 -27.07 -26.94 46.03
CA ALA J 229 -25.94 -27.34 45.15
C ALA J 229 -25.06 -26.13 44.85
N LYS J 230 -23.75 -26.33 44.78
CA LYS J 230 -22.77 -25.25 44.49
C LYS J 230 -22.93 -24.81 43.05
N PRO J 231 -23.29 -23.54 42.78
CA PRO J 231 -23.60 -23.09 41.42
C PRO J 231 -22.36 -22.84 40.55
N VAL J 232 -21.52 -23.86 40.46
CA VAL J 232 -20.32 -23.88 39.57
C VAL J 232 -20.78 -23.74 38.12
N THR J 233 -19.95 -23.12 37.29
CA THR J 233 -20.02 -23.17 35.81
C THR J 233 -20.28 -24.61 35.38
N GLN J 234 -21.30 -24.84 34.55
CA GLN J 234 -21.80 -26.19 34.18
C GLN J 234 -22.56 -26.12 32.85
N ILE J 235 -22.93 -27.30 32.33
CA ILE J 235 -23.87 -27.46 31.19
C ILE J 235 -25.16 -28.09 31.74
N VAL J 236 -26.30 -27.51 31.41
CA VAL J 236 -27.64 -28.09 31.73
C VAL J 236 -28.45 -28.18 30.44
N SER J 237 -28.99 -29.37 30.17
CA SER J 237 -29.76 -29.72 28.97
C SER J 237 -31.04 -30.45 29.36
N ALA J 238 -32.00 -30.47 28.46
CA ALA J 238 -33.19 -31.32 28.51
C ALA J 238 -33.33 -32.00 27.16
N GLU J 239 -33.98 -33.16 27.15
CA GLU J 239 -33.96 -34.12 26.03
C GLU J 239 -35.38 -34.37 25.51
N ALA J 240 -35.51 -34.64 24.21
CA ALA J 240 -36.75 -35.12 23.56
C ALA J 240 -36.38 -36.17 22.50
N TRP J 241 -37.32 -37.08 22.20
CA TRP J 241 -37.27 -38.02 21.03
C TRP J 241 -38.43 -37.68 20.08
N GLY J 242 -38.26 -38.02 18.80
CA GLY J 242 -39.32 -37.96 17.79
C GLY J 242 -40.52 -38.82 18.18
N ARG J 243 -41.60 -38.74 17.40
CA ARG J 243 -42.91 -39.33 17.76
C ARG J 243 -43.76 -39.50 16.49
N ALA J 244 -44.38 -40.69 16.33
CA ALA J 244 -45.41 -41.01 15.30
C ALA J 244 -46.77 -41.23 16.00
N ASP J 245 -47.03 -40.46 17.06
CA ASP J 245 -48.15 -40.62 18.05
C ASP J 245 -48.97 -39.33 18.08
#